data_2ACI
#
_entry.id   2ACI
#
_cell.length_a   91.2
_cell.length_b   123.9
_cell.length_c   150.0
_cell.angle_alpha   90.00
_cell.angle_beta   90.00
_cell.angle_gamma   90.00
#
_symmetry.space_group_name_H-M   'P 21 21 21'
#
loop_
_entity.id
_entity.type
_entity.pdbx_description
1 polymer 'Arginine deiminase'
2 water water
#
_entity_poly.entity_id   1
_entity_poly.type   'polypeptide(L)'
_entity_poly.pdbx_seq_one_letter_code
;MSTEKTKLGVHSEAGKLRKVMVCSPGLAHQRLTPSNCDELLFDDVIWVNQAKRDHFDFVTKMRERGIDVLEMHNLLTETI
QNPEALKWILDRKITADSVGLGLTSELRSWLESLEPRKLAEYLIGGVAADDLPASEGANILKMYREYLGHSSFLLPPLPN
TQFTRATTCWIYGGVTLNPMYWPARRQETLLTTAIYKFHPEFANAEFEIWYGDPDKDHGSSTLEGGDVMPIGNGVVLIGM
GERSSRQAIGQVAQSLFAKGAAERVIVAGLPKSRAAMHLDTVFSFCDRDLVTVFPEVVKEIVPFSLRPDPSSPYGMNIRR
EEKTFLEVVAESLGLKKLRVVETGGNSFAAEREQWDDGNNVVCLEPGVVVGYDRNTYTNTLLRKAGVEVITISASELGRG
RGGGHCMTCPIVRDPIDY
;
_entity_poly.pdbx_strand_id   A,B,C,D
#
# COMPACT_ATOMS: atom_id res chain seq x y z
N THR A 6 -5.24 -37.11 33.37
CA THR A 6 -4.66 -38.13 32.43
C THR A 6 -3.41 -37.57 31.74
N LYS A 7 -2.95 -38.28 30.71
CA LYS A 7 -1.77 -37.87 29.94
C LYS A 7 -2.06 -37.23 28.57
N LEU A 8 -1.84 -35.91 28.52
CA LEU A 8 -2.04 -35.10 27.34
C LEU A 8 -0.82 -35.17 26.41
N GLY A 9 -1.06 -35.13 25.09
CA GLY A 9 0.02 -35.13 24.13
C GLY A 9 -0.30 -35.37 22.65
N VAL A 10 0.51 -34.77 21.77
CA VAL A 10 0.30 -34.96 20.33
C VAL A 10 1.52 -35.69 19.78
N HIS A 11 1.33 -36.85 19.16
CA HIS A 11 2.46 -37.67 18.66
C HIS A 11 2.49 -37.73 17.16
N SER A 12 1.52 -37.18 16.53
CA SER A 12 1.58 -37.19 15.10
C SER A 12 0.58 -36.17 14.56
N GLU A 13 0.71 -35.94 13.24
CA GLU A 13 -0.12 -35.01 12.46
C GLU A 13 -1.21 -35.78 11.67
N ALA A 14 -1.20 -37.13 11.72
CA ALA A 14 -2.20 -37.92 11.03
C ALA A 14 -2.86 -38.94 11.98
N GLY A 15 -2.30 -39.04 13.19
CA GLY A 15 -2.91 -39.96 14.13
C GLY A 15 -4.38 -39.64 14.45
N LYS A 16 -5.07 -40.62 15.04
CA LYS A 16 -6.47 -40.51 15.45
C LYS A 16 -6.53 -39.37 16.46
N LEU A 17 -7.16 -38.24 16.08
CA LEU A 17 -7.28 -37.02 16.85
C LEU A 17 -8.20 -37.42 17.94
N ARG A 18 -7.90 -37.00 19.17
CA ARG A 18 -8.75 -37.37 20.30
C ARG A 18 -9.21 -36.20 21.12
N LYS A 19 -8.38 -35.18 21.14
CA LYS A 19 -8.71 -33.97 21.88
C LYS A 19 -8.14 -32.71 21.15
N VAL A 20 -9.05 -31.82 20.78
CA VAL A 20 -8.73 -30.58 20.12
C VAL A 20 -9.46 -29.44 20.73
N MET A 21 -8.76 -28.32 20.74
CA MET A 21 -9.33 -27.09 21.24
C MET A 21 -9.74 -26.27 20.01
N VAL A 22 -10.87 -25.59 20.10
CA VAL A 22 -11.30 -24.78 19.00
C VAL A 22 -11.91 -23.61 19.67
N CYS A 23 -12.12 -22.55 18.91
CA CYS A 23 -12.74 -21.36 19.46
C CYS A 23 -13.58 -20.73 18.34
N SER A 24 -14.89 -20.63 18.60
CA SER A 24 -15.82 -20.07 17.66
C SER A 24 -15.84 -18.54 17.58
N PRO A 25 -16.20 -18.02 16.40
CA PRO A 25 -16.26 -16.58 16.21
C PRO A 25 -17.21 -16.11 17.30
N GLY A 26 -17.07 -14.87 17.76
CA GLY A 26 -17.97 -14.37 18.79
C GLY A 26 -18.13 -12.86 18.90
N LEU A 27 -18.26 -12.35 20.12
CA LEU A 27 -18.36 -10.91 20.27
C LEU A 27 -17.13 -10.24 19.65
N ALA A 28 -16.02 -10.98 19.60
CA ALA A 28 -14.77 -10.47 19.04
C ALA A 28 -14.96 -9.93 17.63
N HIS A 29 -15.68 -10.71 16.83
CA HIS A 29 -15.89 -10.35 15.44
C HIS A 29 -17.05 -9.38 15.23
N GLN A 30 -17.84 -9.19 16.27
CA GLN A 30 -18.97 -8.32 16.19
C GLN A 30 -18.46 -6.91 16.23
N ARG A 31 -17.26 -6.73 16.80
CA ARG A 31 -16.68 -5.37 16.87
C ARG A 31 -15.92 -4.95 15.61
N LEU A 32 -15.67 -5.91 14.72
CA LEU A 32 -15.01 -5.67 13.46
C LEU A 32 -15.77 -4.65 12.59
N THR A 33 -15.01 -3.79 11.94
CA THR A 33 -15.56 -2.76 11.12
C THR A 33 -14.56 -2.58 10.02
N PRO A 34 -14.99 -2.15 8.82
CA PRO A 34 -14.02 -1.98 7.74
C PRO A 34 -12.78 -1.14 8.15
N SER A 35 -13.01 -0.13 8.98
CA SER A 35 -11.90 0.66 9.48
C SER A 35 -11.00 -0.23 10.38
N ASN A 36 -11.52 -0.58 11.53
CA ASN A 36 -10.73 -1.32 12.54
C ASN A 36 -10.25 -2.73 12.24
N CYS A 37 -10.75 -3.43 11.24
CA CYS A 37 -10.26 -4.80 11.12
C CYS A 37 -8.77 -4.94 10.90
N ASP A 38 -8.19 -4.00 10.16
CA ASP A 38 -6.78 -4.06 9.87
C ASP A 38 -5.89 -3.63 11.01
N GLU A 39 -6.35 -2.66 11.78
CA GLU A 39 -5.60 -2.20 12.93
C GLU A 39 -5.82 -3.24 14.04
N LEU A 40 -6.66 -4.23 13.74
CA LEU A 40 -7.02 -5.34 14.65
C LEU A 40 -6.50 -6.67 14.13
N LEU A 41 -5.59 -6.63 13.18
CA LEU A 41 -4.98 -7.82 12.62
C LEU A 41 -5.95 -8.89 12.09
N PHE A 42 -7.10 -8.46 11.59
CA PHE A 42 -8.04 -9.45 11.15
C PHE A 42 -8.38 -9.10 9.74
N ASP A 43 -8.13 -10.08 8.87
CA ASP A 43 -8.34 -10.02 7.44
C ASP A 43 -9.38 -9.01 6.96
N ASP A 44 -10.62 -9.49 6.97
CA ASP A 44 -11.81 -8.77 6.53
C ASP A 44 -12.99 -9.00 7.51
N VAL A 45 -14.01 -8.16 7.41
CA VAL A 45 -15.21 -8.23 8.21
C VAL A 45 -16.12 -9.39 7.78
N ILE A 46 -16.49 -10.25 8.73
CA ILE A 46 -17.35 -11.39 8.39
C ILE A 46 -18.76 -11.30 8.94
N TRP A 47 -19.62 -12.17 8.43
CA TRP A 47 -21.02 -12.22 8.86
C TRP A 47 -21.01 -13.11 10.08
N VAL A 48 -20.94 -12.53 11.28
CA VAL A 48 -20.80 -13.37 12.46
C VAL A 48 -21.76 -14.52 12.67
N ASN A 49 -23.06 -14.25 12.56
CA ASN A 49 -24.03 -15.31 12.81
C ASN A 49 -23.91 -16.50 11.94
N GLN A 50 -23.52 -16.26 10.69
CA GLN A 50 -23.35 -17.34 9.74
C GLN A 50 -22.08 -18.10 10.08
N ALA A 51 -21.03 -17.37 10.38
CA ALA A 51 -19.76 -17.96 10.77
C ALA A 51 -19.88 -18.80 12.00
N LYS A 52 -20.78 -18.40 12.90
CA LYS A 52 -20.97 -19.13 14.15
C LYS A 52 -21.60 -20.48 13.86
N ARG A 53 -22.34 -20.49 12.75
CA ARG A 53 -23.04 -21.65 12.29
C ARG A 53 -22.13 -22.62 11.58
N ASP A 54 -21.30 -22.13 10.67
CA ASP A 54 -20.41 -23.06 9.97
C ASP A 54 -19.40 -23.57 10.98
N HIS A 55 -19.08 -22.76 11.99
CA HIS A 55 -18.12 -23.21 12.98
C HIS A 55 -18.70 -24.40 13.71
N PHE A 56 -19.90 -24.18 14.24
CA PHE A 56 -20.65 -25.19 14.97
C PHE A 56 -20.83 -26.43 14.10
N ASP A 57 -20.99 -26.22 12.81
CA ASP A 57 -21.16 -27.35 11.92
C ASP A 57 -19.87 -28.16 11.90
N PHE A 58 -18.75 -27.45 11.91
CA PHE A 58 -17.44 -28.08 11.89
C PHE A 58 -17.22 -28.83 13.19
N VAL A 59 -17.42 -28.13 14.31
CA VAL A 59 -17.26 -28.70 15.64
C VAL A 59 -18.12 -29.97 15.77
N THR A 60 -19.29 -29.93 15.14
CA THR A 60 -20.21 -31.05 15.15
C THR A 60 -19.71 -32.22 14.32
N LYS A 61 -19.12 -31.91 13.18
CA LYS A 61 -18.62 -32.96 12.33
C LYS A 61 -17.49 -33.78 12.98
N MET A 62 -16.87 -33.21 14.01
CA MET A 62 -15.76 -33.88 14.70
C MET A 62 -16.25 -34.64 15.92
N ARG A 63 -17.22 -34.08 16.63
CA ARG A 63 -17.77 -34.74 17.80
C ARG A 63 -18.55 -36.02 17.46
N GLU A 64 -19.01 -36.13 16.21
CA GLU A 64 -19.72 -37.33 15.83
C GLU A 64 -18.81 -38.41 15.29
N ARG A 65 -17.55 -38.06 15.09
CA ARG A 65 -16.57 -39.06 14.69
C ARG A 65 -15.91 -39.43 16.04
N GLY A 66 -16.51 -38.97 17.14
CA GLY A 66 -16.04 -39.31 18.48
C GLY A 66 -14.93 -38.51 19.06
N ILE A 67 -14.53 -37.48 18.34
CA ILE A 67 -13.46 -36.64 18.83
C ILE A 67 -14.00 -35.83 20.01
N ASP A 68 -13.19 -35.60 21.04
CA ASP A 68 -13.65 -34.78 22.14
C ASP A 68 -13.20 -33.37 21.72
N VAL A 69 -14.13 -32.41 21.71
CA VAL A 69 -13.85 -31.05 21.27
C VAL A 69 -14.07 -30.00 22.36
N LEU A 70 -13.05 -29.22 22.62
CA LEU A 70 -13.13 -28.20 23.65
C LEU A 70 -13.18 -26.86 22.93
N GLU A 71 -14.09 -26.00 23.36
CA GLU A 71 -14.23 -24.67 22.80
C GLU A 71 -13.71 -23.70 23.84
N MET A 72 -12.96 -22.71 23.38
CA MET A 72 -12.37 -21.74 24.28
C MET A 72 -13.28 -20.96 25.22
N HIS A 73 -14.41 -20.47 24.71
CA HIS A 73 -15.34 -19.68 25.53
C HIS A 73 -15.83 -20.45 26.73
N ASN A 74 -16.16 -21.73 26.56
CA ASN A 74 -16.60 -22.52 27.68
C ASN A 74 -15.40 -22.67 28.60
N LEU A 75 -14.28 -23.19 28.05
CA LEU A 75 -13.06 -23.36 28.82
C LEU A 75 -12.74 -22.13 29.64
N LEU A 76 -12.70 -20.96 28.99
CA LEU A 76 -12.40 -19.76 29.76
C LEU A 76 -13.44 -19.73 30.90
N THR A 77 -14.71 -19.56 30.53
CA THR A 77 -15.83 -19.51 31.46
C THR A 77 -15.60 -20.35 32.72
N GLU A 78 -15.58 -21.68 32.54
CA GLU A 78 -15.37 -22.60 33.64
C GLU A 78 -14.07 -22.27 34.37
N THR A 79 -13.07 -21.83 33.59
CA THR A 79 -11.75 -21.48 34.13
C THR A 79 -11.83 -20.28 35.08
N ILE A 80 -12.47 -19.19 34.64
CA ILE A 80 -12.57 -17.99 35.46
C ILE A 80 -13.55 -18.11 36.62
N GLN A 81 -14.21 -19.27 36.70
CA GLN A 81 -15.13 -19.56 37.80
C GLN A 81 -14.29 -19.98 38.98
N ASN A 82 -12.98 -19.89 38.83
CA ASN A 82 -12.04 -20.18 39.90
C ASN A 82 -11.52 -18.79 40.21
N PRO A 83 -11.87 -18.25 41.40
CA PRO A 83 -11.47 -16.90 41.83
C PRO A 83 -10.01 -16.60 41.56
N GLU A 84 -9.22 -17.67 41.67
CA GLU A 84 -7.79 -17.55 41.47
C GLU A 84 -7.49 -17.16 40.02
N ALA A 85 -7.84 -18.09 39.12
CA ALA A 85 -7.66 -17.97 37.68
C ALA A 85 -8.08 -16.62 37.25
N LEU A 86 -9.28 -16.22 37.64
CA LEU A 86 -9.73 -14.92 37.19
C LEU A 86 -8.83 -13.76 37.64
N LYS A 87 -8.30 -13.88 38.87
CA LYS A 87 -7.41 -12.87 39.44
C LYS A 87 -6.11 -12.90 38.65
N TRP A 88 -5.63 -14.11 38.37
CA TRP A 88 -4.41 -14.28 37.59
C TRP A 88 -4.52 -13.60 36.18
N ILE A 89 -5.67 -13.71 35.54
CA ILE A 89 -5.82 -13.10 34.24
C ILE A 89 -5.96 -11.59 34.41
N LEU A 90 -6.88 -11.20 35.28
CA LEU A 90 -7.17 -9.80 35.47
C LEU A 90 -6.02 -8.91 35.97
N ASP A 91 -5.21 -9.43 36.88
CA ASP A 91 -4.05 -8.68 37.41
C ASP A 91 -3.17 -8.36 36.19
N ARG A 92 -3.28 -9.21 35.17
CA ARG A 92 -2.51 -9.11 33.97
C ARG A 92 -3.19 -8.30 32.91
N LYS A 93 -4.44 -8.66 32.62
CA LYS A 93 -5.18 -7.93 31.59
C LYS A 93 -5.43 -6.47 31.91
N ILE A 94 -5.94 -6.21 33.11
CA ILE A 94 -6.24 -4.84 33.49
C ILE A 94 -5.15 -4.23 34.36
N THR A 95 -4.25 -3.48 33.73
CA THR A 95 -3.17 -2.75 34.39
C THR A 95 -3.29 -1.33 33.88
N ALA A 96 -2.40 -0.47 34.37
CA ALA A 96 -2.42 0.91 34.00
C ALA A 96 -1.90 1.11 32.59
N ASP A 97 -0.86 0.38 32.24
CA ASP A 97 -0.33 0.55 30.89
C ASP A 97 -1.33 0.12 29.83
N SER A 98 -2.09 -0.93 30.13
CA SER A 98 -3.11 -1.49 29.22
C SER A 98 -4.40 -0.66 29.04
N VAL A 99 -5.08 -0.43 30.16
CA VAL A 99 -6.36 0.25 30.27
C VAL A 99 -6.38 1.78 30.41
N GLY A 100 -5.58 2.30 31.34
CA GLY A 100 -5.55 3.74 31.58
C GLY A 100 -5.69 3.83 33.09
N LEU A 101 -4.76 4.53 33.71
CA LEU A 101 -4.73 4.62 35.18
C LEU A 101 -6.04 4.77 35.97
N GLY A 102 -7.01 5.49 35.40
CA GLY A 102 -8.30 5.72 36.07
C GLY A 102 -9.41 4.72 35.83
N LEU A 103 -9.30 4.00 34.73
CA LEU A 103 -10.29 3.01 34.34
C LEU A 103 -10.12 1.67 35.05
N THR A 104 -8.88 1.35 35.41
CA THR A 104 -8.57 0.08 36.03
C THR A 104 -9.59 -0.39 37.06
N SER A 105 -9.98 0.55 37.92
CA SER A 105 -10.91 0.27 38.99
C SER A 105 -12.27 -0.07 38.43
N GLU A 106 -12.84 0.88 37.70
CA GLU A 106 -14.15 0.74 37.07
C GLU A 106 -14.26 -0.56 36.26
N LEU A 107 -13.39 -0.67 35.25
CA LEU A 107 -13.33 -1.81 34.33
C LEU A 107 -13.23 -3.17 35.05
N ARG A 108 -12.51 -3.21 36.16
CA ARG A 108 -12.37 -4.48 36.87
C ARG A 108 -13.59 -4.77 37.73
N SER A 109 -14.09 -3.75 38.41
CA SER A 109 -15.27 -3.88 39.25
C SER A 109 -16.46 -4.44 38.47
N TRP A 110 -16.72 -3.85 37.31
CA TRP A 110 -17.85 -4.27 36.48
C TRP A 110 -17.63 -5.70 36.04
N LEU A 111 -16.47 -5.97 35.44
CA LEU A 111 -16.20 -7.34 34.96
C LEU A 111 -16.32 -8.37 36.05
N GLU A 112 -15.93 -7.98 37.26
CA GLU A 112 -15.96 -8.88 38.41
C GLU A 112 -17.36 -9.10 38.94
N SER A 113 -18.30 -8.31 38.42
CA SER A 113 -19.72 -8.41 38.81
C SER A 113 -20.55 -9.14 37.77
N LEU A 114 -19.90 -9.63 36.73
CA LEU A 114 -20.59 -10.35 35.68
C LEU A 114 -20.57 -11.87 35.86
N GLU A 115 -21.57 -12.52 35.26
CA GLU A 115 -21.69 -13.97 35.29
C GLU A 115 -20.58 -14.47 34.36
N PRO A 116 -19.92 -15.58 34.74
CA PRO A 116 -18.82 -16.15 33.96
C PRO A 116 -18.95 -16.10 32.45
N ARG A 117 -20.03 -16.70 31.92
CA ARG A 117 -20.24 -16.72 30.46
C ARG A 117 -20.41 -15.33 29.82
N LYS A 118 -20.51 -14.28 30.60
CA LYS A 118 -20.61 -12.98 29.99
C LYS A 118 -19.24 -12.29 30.09
N LEU A 119 -18.47 -12.72 31.10
CA LEU A 119 -17.15 -12.16 31.39
C LEU A 119 -16.15 -12.70 30.38
N ALA A 120 -16.17 -14.03 30.23
CA ALA A 120 -15.27 -14.69 29.33
C ALA A 120 -15.50 -14.08 27.91
N GLU A 121 -16.75 -13.94 27.55
CA GLU A 121 -17.04 -13.40 26.26
C GLU A 121 -16.34 -12.04 26.09
N TYR A 122 -16.44 -11.17 27.11
CA TYR A 122 -15.84 -9.85 27.01
C TYR A 122 -14.32 -9.89 27.00
N LEU A 123 -13.77 -10.98 27.55
CA LEU A 123 -12.33 -11.23 27.62
C LEU A 123 -11.72 -11.53 26.23
N ILE A 124 -12.45 -12.35 25.50
CA ILE A 124 -12.01 -12.67 24.19
C ILE A 124 -12.54 -11.60 23.26
N GLY A 125 -13.68 -11.01 23.60
CA GLY A 125 -14.27 -10.02 22.72
C GLY A 125 -13.95 -8.54 22.92
N GLY A 126 -13.17 -8.21 23.93
CA GLY A 126 -12.86 -6.82 24.14
C GLY A 126 -14.06 -6.10 24.75
N VAL A 127 -13.78 -5.04 25.50
CA VAL A 127 -14.77 -4.22 26.14
C VAL A 127 -14.63 -2.76 25.68
N ALA A 128 -15.73 -2.22 25.14
CA ALA A 128 -15.74 -0.86 24.62
C ALA A 128 -16.20 0.09 25.68
N ALA A 129 -15.84 1.36 25.54
CA ALA A 129 -16.23 2.38 26.50
C ALA A 129 -17.74 2.30 26.80
N ASP A 130 -18.55 2.23 25.74
CA ASP A 130 -20.01 2.16 25.85
C ASP A 130 -20.42 1.07 26.75
N ASP A 131 -19.66 -0.03 26.73
CA ASP A 131 -19.99 -1.21 27.55
C ASP A 131 -19.92 -0.90 29.03
N LEU A 132 -19.18 0.13 29.42
CA LEU A 132 -19.06 0.39 30.84
C LEU A 132 -20.14 1.27 31.42
N PRO A 133 -20.56 0.93 32.66
CA PRO A 133 -21.59 1.69 33.37
C PRO A 133 -21.15 3.15 33.39
N ALA A 134 -22.03 4.02 32.93
CA ALA A 134 -21.77 5.45 32.90
C ALA A 134 -20.85 5.97 34.03
N SER A 135 -19.77 6.63 33.61
CA SER A 135 -18.78 7.20 34.52
C SER A 135 -17.97 8.35 33.90
N GLU A 136 -17.40 9.18 34.78
CA GLU A 136 -16.55 10.27 34.33
C GLU A 136 -15.32 9.61 33.67
N GLY A 137 -15.06 8.35 34.00
CA GLY A 137 -13.94 7.65 33.42
C GLY A 137 -14.08 7.32 31.93
N ALA A 138 -14.90 6.32 31.65
CA ALA A 138 -15.13 5.89 30.28
C ALA A 138 -15.66 6.97 29.38
N ASN A 139 -16.53 7.79 29.92
CA ASN A 139 -17.12 8.88 29.14
C ASN A 139 -16.07 9.76 28.50
N ILE A 140 -14.85 9.74 29.03
CA ILE A 140 -13.82 10.57 28.42
C ILE A 140 -13.37 9.89 27.12
N LEU A 141 -13.26 8.56 27.19
CA LEU A 141 -12.85 7.78 26.02
C LEU A 141 -13.80 7.96 24.82
N LYS A 142 -15.10 8.05 25.10
CA LYS A 142 -16.14 8.26 24.06
C LYS A 142 -15.90 9.66 23.45
N MET A 143 -15.34 10.57 24.24
CA MET A 143 -15.05 11.88 23.72
C MET A 143 -13.90 11.75 22.73
N TYR A 144 -12.98 10.84 23.03
CA TYR A 144 -11.84 10.66 22.16
C TYR A 144 -12.29 9.85 20.96
N ARG A 145 -13.12 8.85 21.22
CA ARG A 145 -13.64 7.98 20.17
C ARG A 145 -14.50 8.79 19.17
N GLU A 146 -15.21 9.79 19.68
CA GLU A 146 -16.08 10.61 18.83
C GLU A 146 -15.42 11.82 18.17
N TYR A 147 -14.69 12.58 18.98
CA TYR A 147 -13.99 13.79 18.56
C TYR A 147 -12.62 13.60 17.87
N LEU A 148 -11.99 12.44 18.05
CA LEU A 148 -10.68 12.21 17.48
C LEU A 148 -10.60 10.99 16.59
N GLY A 149 -11.56 10.09 16.72
CA GLY A 149 -11.58 8.94 15.86
C GLY A 149 -10.60 7.87 16.28
N HIS A 150 -10.37 7.78 17.59
CA HIS A 150 -9.45 6.78 18.16
C HIS A 150 -10.23 5.54 18.53
N SER A 151 -9.56 4.40 18.57
CA SER A 151 -10.27 3.20 19.02
C SER A 151 -10.74 3.49 20.45
N SER A 152 -11.90 2.95 20.80
CA SER A 152 -12.45 3.17 22.14
C SER A 152 -12.42 1.86 22.94
N PHE A 153 -11.27 1.21 22.98
CA PHE A 153 -11.25 -0.07 23.62
C PHE A 153 -10.56 -0.25 24.93
N LEU A 154 -11.33 -0.35 26.00
CA LEU A 154 -10.76 -0.61 27.31
C LEU A 154 -9.88 -1.83 27.11
N LEU A 155 -10.49 -2.87 26.53
CA LEU A 155 -9.86 -4.15 26.20
C LEU A 155 -10.09 -4.31 24.72
N PRO A 156 -9.07 -4.76 23.99
CA PRO A 156 -9.25 -4.92 22.55
C PRO A 156 -9.76 -6.30 22.19
N PRO A 157 -10.61 -6.38 21.16
CA PRO A 157 -11.16 -7.66 20.69
C PRO A 157 -10.06 -8.46 20.10
N LEU A 158 -10.20 -9.78 20.23
CA LEU A 158 -9.21 -10.72 19.75
C LEU A 158 -9.85 -11.70 18.82
N PRO A 159 -10.20 -11.27 17.58
CA PRO A 159 -10.84 -12.17 16.64
C PRO A 159 -9.99 -13.32 16.17
N ASN A 160 -8.68 -13.28 16.42
CA ASN A 160 -7.78 -14.35 15.97
C ASN A 160 -7.78 -15.55 16.86
N THR A 161 -8.57 -15.46 17.91
CA THR A 161 -8.70 -16.58 18.83
C THR A 161 -9.43 -17.70 18.11
N GLN A 162 -9.97 -17.36 16.95
CA GLN A 162 -10.69 -18.33 16.13
C GLN A 162 -9.71 -19.40 15.64
N PHE A 163 -8.46 -19.01 15.48
CA PHE A 163 -7.43 -19.93 15.01
C PHE A 163 -6.67 -20.41 16.23
N THR A 164 -7.14 -21.52 16.80
CA THR A 164 -6.43 -21.97 18.04
C THR A 164 -5.10 -22.64 17.78
N ARG A 165 -4.76 -22.74 16.49
CA ARG A 165 -3.48 -23.33 16.11
C ARG A 165 -2.31 -22.31 16.33
N ALA A 166 -2.61 -21.02 16.32
CA ALA A 166 -1.55 -20.06 16.46
C ALA A 166 -0.86 -19.85 17.81
N THR A 167 -1.60 -19.89 18.91
CA THR A 167 -0.99 -19.60 20.20
C THR A 167 -0.28 -20.68 21.00
N THR A 168 -0.66 -21.93 20.81
CA THR A 168 0.02 -23.01 21.52
C THR A 168 0.17 -24.29 20.69
N CYS A 169 1.28 -25.03 20.92
CA CYS A 169 1.52 -26.28 20.21
C CYS A 169 1.74 -27.48 21.14
N TRP A 170 1.17 -28.61 20.78
CA TRP A 170 1.35 -29.79 21.57
C TRP A 170 2.31 -30.74 20.85
N ILE A 171 3.60 -30.58 21.22
CA ILE A 171 4.78 -31.31 20.78
C ILE A 171 5.07 -32.52 21.67
N TYR A 172 4.29 -33.57 21.52
CA TYR A 172 4.44 -34.80 22.32
C TYR A 172 4.43 -34.50 23.83
N GLY A 173 3.36 -34.81 24.53
CA GLY A 173 3.26 -34.65 25.98
C GLY A 173 3.86 -33.38 26.55
N GLY A 174 3.78 -32.30 25.80
CA GLY A 174 4.31 -31.04 26.28
C GLY A 174 3.66 -30.02 25.36
N VAL A 175 3.61 -28.77 25.80
CA VAL A 175 3.01 -27.70 25.03
C VAL A 175 3.90 -26.48 25.07
N THR A 176 3.71 -25.60 24.10
CA THR A 176 4.47 -24.39 23.97
C THR A 176 3.53 -23.21 24.06
N LEU A 177 3.86 -22.21 24.88
CA LEU A 177 3.05 -20.97 25.04
C LEU A 177 3.72 -19.92 24.17
N ASN A 178 3.50 -20.03 22.86
CA ASN A 178 4.11 -19.17 21.85
C ASN A 178 4.07 -17.63 21.94
N PRO A 179 5.24 -16.99 21.85
CA PRO A 179 5.27 -15.53 21.90
C PRO A 179 4.93 -15.02 20.52
N MET A 180 3.70 -14.61 20.33
CA MET A 180 3.29 -14.15 19.02
C MET A 180 4.08 -12.96 18.51
N TYR A 181 4.10 -12.81 17.18
CA TYR A 181 4.84 -11.82 16.44
C TYR A 181 4.30 -10.43 16.81
N TRP A 182 3.04 -10.16 16.48
CA TRP A 182 2.47 -8.89 16.86
C TRP A 182 2.24 -8.93 18.37
N PRO A 183 2.61 -7.86 19.07
CA PRO A 183 2.41 -7.83 20.53
C PRO A 183 0.96 -8.01 21.00
N ALA A 184 0.01 -7.39 20.28
CA ALA A 184 -1.39 -7.47 20.68
C ALA A 184 -1.86 -8.91 20.79
N ARG A 185 -1.56 -9.69 19.77
CA ARG A 185 -1.98 -11.05 19.76
C ARG A 185 -1.45 -11.85 20.93
N ARG A 186 -0.59 -11.26 21.75
CA ARG A 186 -0.09 -12.00 22.92
C ARG A 186 -1.20 -12.12 23.99
N GLN A 187 -2.24 -11.30 23.80
CA GLN A 187 -3.37 -11.31 24.67
C GLN A 187 -4.11 -12.63 24.58
N GLU A 188 -3.98 -13.30 23.41
CA GLU A 188 -4.61 -14.64 23.19
C GLU A 188 -3.81 -15.70 23.92
N THR A 189 -2.50 -15.66 23.75
CA THR A 189 -1.64 -16.61 24.44
C THR A 189 -2.03 -16.67 25.94
N LEU A 190 -2.18 -15.50 26.56
CA LEU A 190 -2.55 -15.38 27.96
C LEU A 190 -3.77 -16.21 28.37
N LEU A 191 -4.91 -15.89 27.78
CA LEU A 191 -6.12 -16.61 28.16
C LEU A 191 -6.01 -18.12 28.01
N THR A 192 -5.29 -18.61 27.00
CA THR A 192 -5.17 -20.06 26.80
C THR A 192 -4.20 -20.63 27.85
N THR A 193 -3.28 -19.78 28.28
CA THR A 193 -2.33 -20.21 29.25
C THR A 193 -3.04 -20.47 30.54
N ALA A 194 -3.84 -19.50 30.96
CA ALA A 194 -4.61 -19.61 32.20
C ALA A 194 -5.48 -20.84 32.11
N ILE A 195 -5.96 -21.13 30.91
CA ILE A 195 -6.80 -22.31 30.76
C ILE A 195 -5.99 -23.58 30.90
N TYR A 196 -4.76 -23.58 30.40
CA TYR A 196 -3.90 -24.75 30.56
C TYR A 196 -3.47 -24.85 32.02
N LYS A 197 -3.32 -23.70 32.65
CA LYS A 197 -2.89 -23.61 34.02
C LYS A 197 -3.94 -23.90 35.10
N PHE A 198 -5.10 -23.26 34.99
CA PHE A 198 -6.14 -23.43 36.00
C PHE A 198 -7.30 -24.45 35.79
N HIS A 199 -7.73 -24.66 34.54
CA HIS A 199 -8.85 -25.55 34.26
C HIS A 199 -8.57 -27.01 34.66
N PRO A 200 -9.61 -27.72 35.16
CA PRO A 200 -9.51 -29.13 35.59
C PRO A 200 -9.02 -30.08 34.52
N GLU A 201 -9.41 -29.78 33.27
CA GLU A 201 -9.01 -30.55 32.10
C GLU A 201 -7.48 -30.68 31.98
N PHE A 202 -6.75 -29.62 32.38
CA PHE A 202 -5.29 -29.60 32.31
C PHE A 202 -4.54 -29.43 33.65
N ALA A 203 -5.08 -28.58 34.52
CA ALA A 203 -4.54 -28.28 35.83
C ALA A 203 -3.84 -29.49 36.52
N ASN A 204 -4.58 -30.57 36.67
CA ASN A 204 -4.04 -31.75 37.29
C ASN A 204 -3.33 -32.60 36.24
N ALA A 205 -3.53 -32.28 34.98
CA ALA A 205 -2.93 -33.05 33.90
C ALA A 205 -1.44 -33.30 33.94
N GLU A 206 -1.05 -34.36 33.26
CA GLU A 206 0.35 -34.78 33.14
C GLU A 206 0.95 -34.30 31.79
N PHE A 207 1.77 -33.26 31.83
CA PHE A 207 2.39 -32.76 30.61
C PHE A 207 3.47 -31.73 30.91
N GLU A 208 4.48 -31.66 30.04
CA GLU A 208 5.55 -30.68 30.23
C GLU A 208 5.23 -29.30 29.59
N ILE A 209 6.06 -28.29 29.86
CA ILE A 209 5.91 -26.94 29.30
C ILE A 209 7.22 -26.54 28.60
N TRP A 210 7.33 -27.01 27.36
CA TRP A 210 8.48 -26.84 26.48
C TRP A 210 9.10 -25.46 26.30
N TYR A 211 8.28 -24.41 26.18
CA TYR A 211 8.80 -23.07 25.90
C TYR A 211 7.79 -21.90 26.06
N GLY A 212 8.31 -20.70 26.28
CA GLY A 212 7.43 -19.55 26.44
C GLY A 212 6.90 -19.27 27.85
N ASP A 213 6.52 -18.03 28.10
CA ASP A 213 5.95 -17.61 29.38
C ASP A 213 5.36 -16.22 29.16
N PRO A 214 4.09 -16.02 29.54
CA PRO A 214 3.44 -14.71 29.36
C PRO A 214 4.01 -13.59 30.19
N ASP A 215 4.67 -13.94 31.30
CA ASP A 215 5.26 -12.93 32.17
C ASP A 215 6.58 -12.46 31.56
N LYS A 216 6.98 -13.12 30.48
CA LYS A 216 8.22 -12.77 29.82
C LYS A 216 8.01 -11.96 28.55
N ASP A 217 8.99 -11.15 28.28
CA ASP A 217 9.05 -10.37 27.10
C ASP A 217 10.12 -11.11 26.34
N HIS A 218 9.77 -11.78 25.24
CA HIS A 218 10.71 -12.63 24.48
C HIS A 218 11.56 -12.03 23.36
N GLY A 219 11.72 -10.70 23.38
CA GLY A 219 12.54 -10.02 22.41
C GLY A 219 12.16 -10.38 20.98
N SER A 220 13.15 -10.89 20.22
CA SER A 220 12.96 -11.25 18.83
C SER A 220 12.64 -12.68 18.70
N SER A 221 12.27 -13.29 19.81
CA SER A 221 11.89 -14.68 19.81
C SER A 221 10.37 -14.67 19.70
N THR A 222 9.90 -15.17 18.54
CA THR A 222 8.47 -15.29 18.23
C THR A 222 8.30 -16.64 17.66
N LEU A 223 7.21 -17.32 18.01
CA LEU A 223 6.89 -18.65 17.48
C LEU A 223 5.37 -18.66 17.19
N GLU A 224 4.95 -19.31 16.11
CA GLU A 224 3.52 -19.34 15.78
C GLU A 224 3.04 -20.71 15.32
N GLY A 225 2.13 -21.26 16.09
CA GLY A 225 1.56 -22.57 15.84
C GLY A 225 1.59 -23.19 14.47
N GLY A 226 1.30 -22.40 13.42
CA GLY A 226 1.26 -22.89 12.04
C GLY A 226 2.48 -23.65 11.55
N ASP A 227 3.67 -23.23 11.99
CA ASP A 227 4.93 -23.87 11.59
C ASP A 227 5.27 -25.20 12.30
N VAL A 228 4.82 -25.34 13.56
CA VAL A 228 5.10 -26.53 14.35
C VAL A 228 4.23 -27.79 14.15
N MET A 229 4.85 -28.91 13.89
CA MET A 229 4.10 -30.12 13.69
C MET A 229 4.97 -31.38 13.96
N PRO A 230 4.73 -32.04 15.11
CA PRO A 230 5.43 -33.24 15.57
C PRO A 230 4.99 -34.41 14.68
N ILE A 231 5.94 -34.93 13.89
CA ILE A 231 5.45 -35.94 12.91
C ILE A 231 5.62 -37.45 13.21
N GLY A 232 5.96 -37.84 14.45
CA GLY A 232 6.08 -39.28 14.73
C GLY A 232 7.09 -39.74 15.77
N ASN A 233 8.36 -39.91 15.38
CA ASN A 233 9.37 -40.32 16.34
C ASN A 233 10.45 -39.27 16.55
N GLY A 234 10.35 -38.53 17.63
CA GLY A 234 11.37 -37.53 17.89
C GLY A 234 11.55 -36.46 16.85
N VAL A 235 10.96 -36.64 15.68
CA VAL A 235 11.09 -35.63 14.64
C VAL A 235 10.07 -34.51 14.84
N VAL A 236 10.48 -33.28 14.55
CA VAL A 236 9.58 -32.17 14.73
C VAL A 236 9.88 -31.11 13.72
N LEU A 237 8.91 -30.85 12.85
CA LEU A 237 9.11 -29.80 11.84
C LEU A 237 8.78 -28.39 12.36
N ILE A 238 9.56 -27.41 11.93
CA ILE A 238 9.28 -26.02 12.33
C ILE A 238 9.75 -24.98 11.32
N GLY A 239 8.80 -24.15 10.95
CA GLY A 239 9.09 -23.14 9.98
C GLY A 239 9.83 -21.95 10.57
N MET A 240 10.80 -21.48 9.79
CA MET A 240 11.55 -20.31 10.17
C MET A 240 11.25 -19.37 9.00
N GLY A 241 10.27 -18.50 9.25
CA GLY A 241 9.85 -17.53 8.26
C GLY A 241 9.53 -16.24 8.97
N GLU A 242 8.72 -15.40 8.36
CA GLU A 242 8.44 -14.12 8.97
C GLU A 242 7.79 -14.19 10.33
N ARG A 243 7.26 -15.37 10.70
CA ARG A 243 6.55 -15.46 11.98
C ARG A 243 7.16 -16.33 13.08
N SER A 244 8.03 -17.23 12.72
CA SER A 244 8.70 -17.98 13.76
C SER A 244 10.17 -17.64 13.64
N SER A 245 10.70 -16.87 14.60
CA SER A 245 12.13 -16.50 14.62
C SER A 245 13.07 -17.63 15.09
N ARG A 246 14.32 -17.61 14.61
CA ARG A 246 15.30 -18.65 14.99
C ARG A 246 15.65 -18.63 16.48
N GLN A 247 15.66 -17.44 17.07
CA GLN A 247 15.94 -17.32 18.47
C GLN A 247 15.03 -18.21 19.28
N ALA A 248 13.79 -18.35 18.82
CA ALA A 248 12.82 -19.17 19.55
C ALA A 248 12.98 -20.63 19.21
N ILE A 249 13.26 -20.89 17.93
CA ILE A 249 13.42 -22.25 17.45
C ILE A 249 14.57 -22.95 18.19
N GLY A 250 15.70 -22.25 18.29
CA GLY A 250 16.82 -22.86 18.99
C GLY A 250 16.44 -23.24 20.40
N GLN A 251 15.83 -22.30 21.13
CA GLN A 251 15.45 -22.56 22.51
C GLN A 251 14.39 -23.63 22.68
N VAL A 252 13.65 -23.94 21.62
CA VAL A 252 12.59 -24.93 21.73
C VAL A 252 13.19 -26.29 21.52
N ALA A 253 14.09 -26.35 20.55
CA ALA A 253 14.78 -27.58 20.21
C ALA A 253 15.75 -27.94 21.39
N GLN A 254 16.44 -26.94 21.93
CA GLN A 254 17.34 -27.15 23.04
C GLN A 254 16.48 -27.76 24.16
N SER A 255 15.39 -27.07 24.47
CA SER A 255 14.49 -27.52 25.49
C SER A 255 14.06 -28.97 25.25
N LEU A 256 13.55 -29.27 24.06
CA LEU A 256 13.12 -30.64 23.80
C LEU A 256 14.25 -31.64 23.95
N PHE A 257 15.45 -31.15 23.67
CA PHE A 257 16.63 -31.99 23.74
C PHE A 257 16.92 -32.25 25.20
N ALA A 258 16.57 -31.28 26.05
CA ALA A 258 16.78 -31.44 27.49
C ALA A 258 15.98 -32.64 27.93
N LYS A 259 14.68 -32.45 28.13
CA LYS A 259 13.87 -33.56 28.59
C LYS A 259 13.92 -34.68 27.61
N GLY A 260 14.75 -34.50 26.58
CA GLY A 260 14.90 -35.51 25.56
C GLY A 260 13.54 -35.95 25.05
N ALA A 261 12.78 -34.99 24.50
CA ALA A 261 11.45 -35.30 23.98
C ALA A 261 11.45 -35.26 22.47
N ALA A 262 12.59 -34.93 21.87
CA ALA A 262 12.72 -34.88 20.42
C ALA A 262 14.15 -35.24 19.98
N GLU A 263 14.25 -36.25 19.12
CA GLU A 263 15.56 -36.65 18.64
C GLU A 263 16.09 -35.63 17.62
N ARG A 264 15.26 -35.31 16.62
CA ARG A 264 15.65 -34.35 15.60
C ARG A 264 14.63 -33.21 15.38
N VAL A 265 15.14 -32.02 15.10
CA VAL A 265 14.26 -30.88 14.82
C VAL A 265 14.60 -30.28 13.47
N ILE A 266 13.85 -30.64 12.45
CA ILE A 266 14.16 -30.08 11.14
C ILE A 266 13.56 -28.72 11.01
N VAL A 267 14.41 -27.77 10.67
CA VAL A 267 13.99 -26.38 10.51
C VAL A 267 13.78 -26.03 9.05
N ALA A 268 12.52 -25.97 8.63
CA ALA A 268 12.16 -25.64 7.23
C ALA A 268 12.22 -24.12 7.01
N GLY A 269 13.32 -23.66 6.39
CA GLY A 269 13.51 -22.23 6.15
C GLY A 269 12.65 -21.79 5.00
N LEU A 270 11.55 -21.10 5.32
CA LEU A 270 10.64 -20.61 4.28
C LEU A 270 11.31 -19.44 3.58
N PRO A 271 11.20 -19.40 2.24
CA PRO A 271 11.74 -18.38 1.31
C PRO A 271 11.18 -16.96 1.47
N LYS A 272 11.20 -16.19 0.38
CA LYS A 272 10.65 -14.84 0.35
C LYS A 272 10.78 -14.14 1.70
N ALA A 276 5.46 -13.82 5.05
CA ALA A 276 4.04 -13.61 5.37
C ALA A 276 3.32 -14.97 5.56
N MET A 277 4.09 -16.05 5.63
CA MET A 277 3.50 -17.38 5.79
C MET A 277 4.12 -18.41 6.75
N HIS A 278 3.37 -19.47 6.95
CA HIS A 278 3.72 -20.55 7.86
C HIS A 278 3.77 -21.89 7.12
N LEU A 279 4.44 -22.86 7.76
CA LEU A 279 4.59 -24.18 7.17
C LEU A 279 3.29 -24.82 6.76
N ASP A 280 2.36 -24.96 7.70
CA ASP A 280 1.09 -25.62 7.44
C ASP A 280 0.22 -24.90 6.39
N THR A 281 0.80 -23.86 5.81
CA THR A 281 0.14 -23.05 4.81
C THR A 281 0.48 -23.54 3.43
N VAL A 282 1.53 -24.34 3.36
CA VAL A 282 2.02 -24.87 2.10
C VAL A 282 2.40 -26.30 2.23
N PHE A 283 2.21 -26.86 3.42
CA PHE A 283 2.53 -28.24 3.66
C PHE A 283 1.47 -28.78 4.61
N SER A 284 0.80 -29.88 4.25
CA SER A 284 -0.20 -30.51 5.12
C SER A 284 -0.31 -32.01 4.83
N PHE A 285 -0.32 -32.82 5.90
CA PHE A 285 -0.47 -34.27 5.83
C PHE A 285 -1.98 -34.66 5.76
N CYS A 286 -2.28 -35.81 5.18
CA CYS A 286 -3.65 -36.31 5.08
C CYS A 286 -3.60 -37.82 5.40
N ASP A 287 -2.45 -38.45 5.12
CA ASP A 287 -2.27 -39.89 5.41
C ASP A 287 -0.82 -40.14 5.83
N ARG A 288 -0.58 -41.31 6.41
CA ARG A 288 0.73 -41.67 6.92
C ARG A 288 1.83 -41.24 5.98
N ASP A 289 1.65 -41.44 4.68
CA ASP A 289 2.70 -41.12 3.69
C ASP A 289 2.22 -40.15 2.62
N LEU A 290 1.33 -39.23 2.98
CA LEU A 290 0.79 -38.31 1.98
C LEU A 290 0.76 -36.84 2.43
N VAL A 291 0.93 -35.93 1.48
CA VAL A 291 0.87 -34.52 1.83
C VAL A 291 0.29 -33.74 0.70
N THR A 292 0.19 -32.44 0.91
CA THR A 292 -0.27 -31.52 -0.12
C THR A 292 0.76 -30.44 -0.05
N VAL A 293 1.10 -29.87 -1.20
CA VAL A 293 2.07 -28.84 -1.21
C VAL A 293 1.71 -27.68 -2.12
N PHE A 294 2.50 -26.67 -1.96
CA PHE A 294 2.46 -25.49 -2.79
C PHE A 294 3.82 -25.54 -3.39
N PRO A 295 3.94 -26.26 -4.56
CA PRO A 295 5.30 -26.46 -5.10
C PRO A 295 6.18 -25.24 -5.10
N GLU A 296 5.69 -24.24 -5.70
CA GLU A 296 6.45 -23.03 -5.79
C GLU A 296 7.21 -22.77 -4.50
N VAL A 297 6.56 -22.93 -3.36
CA VAL A 297 7.28 -22.64 -2.12
C VAL A 297 8.04 -23.82 -1.53
N VAL A 298 7.34 -24.91 -1.29
CA VAL A 298 7.94 -26.10 -0.74
C VAL A 298 9.29 -26.45 -1.42
N LYS A 299 9.26 -26.61 -2.74
CA LYS A 299 10.44 -26.94 -3.53
C LYS A 299 11.61 -26.00 -3.26
N GLU A 300 11.33 -24.83 -2.69
CA GLU A 300 12.37 -23.84 -2.41
C GLU A 300 12.72 -23.60 -0.94
N ILE A 301 12.37 -24.52 -0.05
CA ILE A 301 12.68 -24.30 1.35
C ILE A 301 13.99 -25.01 1.71
N VAL A 302 14.89 -24.30 2.37
CA VAL A 302 16.18 -24.88 2.75
C VAL A 302 16.13 -25.61 4.07
N PRO A 303 16.08 -26.95 4.02
CA PRO A 303 16.04 -27.68 5.30
C PRO A 303 17.27 -27.48 6.22
N PHE A 304 17.10 -27.80 7.50
CA PHE A 304 18.19 -27.71 8.46
C PHE A 304 17.83 -28.70 9.56
N SER A 305 18.73 -29.69 9.83
CA SER A 305 18.50 -30.68 10.88
C SER A 305 19.08 -30.24 12.24
N LEU A 306 18.35 -30.48 13.32
CA LEU A 306 18.86 -30.12 14.65
C LEU A 306 18.94 -31.44 15.40
N ARG A 307 20.07 -31.67 16.06
CA ARG A 307 20.30 -32.90 16.85
C ARG A 307 21.14 -32.59 18.10
N PRO A 308 20.89 -33.34 19.18
CA PRO A 308 21.67 -33.11 20.42
C PRO A 308 23.15 -33.41 20.17
N ASP A 309 24.00 -32.50 20.64
CA ASP A 309 25.44 -32.60 20.45
C ASP A 309 26.17 -32.31 21.73
N PRO A 310 26.35 -33.34 22.58
CA PRO A 310 27.04 -33.17 23.87
C PRO A 310 28.33 -32.32 23.82
N SER A 311 29.06 -32.42 22.71
CA SER A 311 30.30 -31.65 22.54
C SER A 311 30.05 -30.14 22.36
N SER A 312 28.81 -29.79 22.03
CA SER A 312 28.43 -28.39 21.82
C SER A 312 28.30 -27.57 23.09
N PRO A 313 28.77 -26.34 23.05
CA PRO A 313 28.66 -25.53 24.26
C PRO A 313 27.18 -25.19 24.50
N TYR A 314 26.42 -25.03 23.41
CA TYR A 314 24.99 -24.72 23.50
C TYR A 314 24.12 -25.95 23.25
N GLY A 315 24.71 -27.14 23.45
CA GLY A 315 24.04 -28.44 23.40
C GLY A 315 23.48 -28.98 22.08
N MET A 316 23.71 -28.31 20.95
CA MET A 316 23.22 -28.81 19.67
C MET A 316 24.17 -28.70 18.48
N ASN A 317 23.82 -29.47 17.45
CA ASN A 317 24.54 -29.42 16.19
C ASN A 317 23.57 -29.08 15.02
N ILE A 318 23.70 -27.86 14.50
CA ILE A 318 22.91 -27.35 13.39
C ILE A 318 23.52 -27.75 12.05
N ARG A 319 23.13 -28.91 11.56
CA ARG A 319 23.60 -29.39 10.27
C ARG A 319 22.58 -28.85 9.25
N ARG A 320 22.86 -28.94 7.96
CA ARG A 320 21.92 -28.47 6.93
C ARG A 320 21.65 -29.59 5.94
N GLU A 321 20.39 -29.79 5.56
CA GLU A 321 20.07 -30.86 4.60
C GLU A 321 20.38 -30.52 3.14
N GLU A 322 20.80 -31.52 2.37
CA GLU A 322 21.18 -31.31 0.96
C GLU A 322 20.15 -31.78 -0.06
N LYS A 323 19.28 -32.66 0.38
CA LYS A 323 18.20 -33.14 -0.47
C LYS A 323 17.04 -32.14 -0.23
N THR A 324 15.93 -32.29 -0.93
CA THR A 324 14.80 -31.38 -0.71
C THR A 324 13.99 -31.76 0.54
N PHE A 325 13.11 -30.84 0.94
CA PHE A 325 12.25 -30.99 2.11
C PHE A 325 11.43 -32.27 2.01
N LEU A 326 10.71 -32.42 0.91
CA LEU A 326 9.90 -33.61 0.80
C LEU A 326 10.88 -34.79 0.77
N GLU A 327 12.15 -34.46 0.52
CA GLU A 327 13.25 -35.43 0.45
C GLU A 327 14.00 -35.39 1.76
N VAL A 328 13.27 -35.28 2.86
CA VAL A 328 13.87 -35.25 4.18
C VAL A 328 12.78 -35.75 5.06
N VAL A 329 11.63 -35.07 4.98
CA VAL A 329 10.45 -35.42 5.74
C VAL A 329 10.16 -36.90 5.60
N ALA A 330 10.17 -37.35 4.34
CA ALA A 330 9.92 -38.76 3.99
C ALA A 330 10.90 -39.70 4.69
N GLU A 331 12.14 -39.23 4.82
CA GLU A 331 13.17 -40.01 5.44
C GLU A 331 13.02 -40.16 6.96
N SER A 332 13.02 -39.04 7.67
CA SER A 332 12.89 -39.03 9.13
C SER A 332 11.71 -39.85 9.60
N LEU A 333 10.86 -40.25 8.67
CA LEU A 333 9.70 -41.08 8.96
C LEU A 333 9.80 -42.48 8.38
N GLY A 334 10.92 -42.75 7.67
CA GLY A 334 11.17 -44.03 7.01
C GLY A 334 10.33 -44.42 5.78
N LEU A 335 9.57 -43.48 5.24
CA LEU A 335 8.76 -43.82 4.10
C LEU A 335 9.74 -43.90 3.00
N LYS A 336 9.39 -44.67 1.97
CA LYS A 336 10.25 -44.84 0.81
C LYS A 336 10.32 -43.50 0.06
N LYS A 337 9.18 -42.84 -0.03
CA LYS A 337 9.05 -41.56 -0.70
C LYS A 337 7.67 -41.02 -0.36
N LEU A 338 7.58 -39.71 -0.18
CA LEU A 338 6.35 -39.04 0.21
C LEU A 338 5.35 -38.81 -0.92
N ARG A 339 4.14 -39.38 -0.78
CA ARG A 339 3.12 -39.17 -1.77
C ARG A 339 2.70 -37.71 -1.73
N VAL A 340 2.91 -37.05 -2.87
CA VAL A 340 2.63 -35.62 -2.99
C VAL A 340 1.45 -35.28 -3.92
N VAL A 341 0.57 -34.41 -3.43
CA VAL A 341 -0.58 -33.91 -4.18
C VAL A 341 -0.31 -32.42 -4.19
N GLU A 342 -0.47 -31.78 -5.36
CA GLU A 342 -0.18 -30.33 -5.45
C GLU A 342 -1.37 -29.35 -5.51
N THR A 343 -1.19 -28.14 -4.96
CA THR A 343 -2.17 -27.01 -4.96
C THR A 343 -1.56 -25.60 -4.65
N GLY A 344 -2.16 -24.53 -5.22
CA GLY A 344 -1.65 -23.18 -4.98
C GLY A 344 -1.67 -22.20 -6.15
N ARG A 352 -8.14 -28.06 -12.66
CA ARG A 352 -8.82 -28.09 -13.95
C ARG A 352 -9.95 -27.09 -14.00
N GLU A 353 -10.63 -26.87 -12.88
CA GLU A 353 -11.74 -25.93 -12.87
C GLU A 353 -11.29 -24.49 -12.78
N GLN A 354 -10.96 -24.09 -11.57
CA GLN A 354 -10.50 -22.75 -11.33
C GLN A 354 -9.30 -22.87 -10.41
N TRP A 355 -9.18 -21.93 -9.50
CA TRP A 355 -8.09 -21.95 -8.59
C TRP A 355 -8.60 -22.19 -7.19
N ASP A 356 -7.92 -23.11 -6.49
CA ASP A 356 -8.21 -23.41 -5.09
C ASP A 356 -6.88 -23.71 -4.43
N ASP A 357 -6.82 -23.45 -3.14
CA ASP A 357 -5.61 -23.79 -2.44
C ASP A 357 -6.00 -24.89 -1.46
N GLY A 358 -5.67 -26.13 -1.83
CA GLY A 358 -6.13 -27.26 -1.02
C GLY A 358 -5.48 -27.37 0.34
N ASN A 359 -4.32 -26.75 0.51
CA ASN A 359 -3.60 -26.84 1.78
C ASN A 359 -4.38 -26.42 3.03
N ASN A 360 -3.80 -26.72 4.20
CA ASN A 360 -4.36 -26.41 5.54
C ASN A 360 -5.55 -27.29 5.99
N VAL A 361 -5.53 -28.56 5.60
CA VAL A 361 -6.58 -29.49 5.97
C VAL A 361 -6.19 -30.16 7.28
N VAL A 362 -7.11 -30.19 8.25
CA VAL A 362 -6.82 -30.84 9.52
C VAL A 362 -7.19 -32.33 9.37
N CYS A 363 -6.35 -33.21 9.90
CA CYS A 363 -6.55 -34.64 9.85
C CYS A 363 -7.15 -35.25 11.16
N LEU A 364 -8.29 -35.96 11.01
CA LEU A 364 -9.01 -36.57 12.14
C LEU A 364 -8.45 -37.95 12.54
N GLU A 365 -8.02 -38.71 11.53
CA GLU A 365 -7.38 -40.01 11.64
C GLU A 365 -6.73 -40.19 10.26
N PRO A 366 -6.02 -41.31 10.02
CA PRO A 366 -5.41 -41.44 8.68
C PRO A 366 -6.42 -41.75 7.59
N GLY A 367 -6.30 -41.04 6.46
CA GLY A 367 -7.24 -41.24 5.37
C GLY A 367 -8.56 -40.49 5.55
N VAL A 368 -8.63 -39.61 6.56
CA VAL A 368 -9.84 -38.81 6.85
C VAL A 368 -9.42 -37.38 7.12
N VAL A 369 -10.02 -36.47 6.37
CA VAL A 369 -9.67 -35.06 6.46
C VAL A 369 -10.83 -34.05 6.38
N VAL A 370 -10.92 -33.12 7.32
CA VAL A 370 -11.95 -32.10 7.23
C VAL A 370 -11.35 -30.95 6.41
N GLY A 371 -11.99 -30.67 5.27
CA GLY A 371 -11.55 -29.60 4.40
C GLY A 371 -12.60 -28.52 4.12
N TYR A 372 -12.28 -27.63 3.19
CA TYR A 372 -13.16 -26.55 2.80
C TYR A 372 -13.95 -26.96 1.54
N ASP A 373 -15.18 -26.51 1.47
CA ASP A 373 -16.03 -26.86 0.35
C ASP A 373 -15.71 -26.18 -0.98
N ARG A 374 -15.06 -25.02 -0.92
CA ARG A 374 -14.74 -24.31 -2.14
C ARG A 374 -13.58 -24.94 -2.92
N ASN A 375 -12.78 -25.75 -2.27
CA ASN A 375 -11.64 -26.36 -2.96
C ASN A 375 -11.99 -27.70 -3.59
N THR A 376 -12.98 -27.67 -4.47
CA THR A 376 -13.45 -28.85 -5.15
C THR A 376 -12.42 -29.70 -5.87
N TYR A 377 -11.56 -29.07 -6.65
CA TYR A 377 -10.54 -29.80 -7.37
C TYR A 377 -9.68 -30.64 -6.41
N THR A 378 -8.91 -29.91 -5.63
CA THR A 378 -8.02 -30.48 -4.66
C THR A 378 -8.68 -31.54 -3.80
N ASN A 379 -9.97 -31.35 -3.49
CA ASN A 379 -10.66 -32.32 -2.65
C ASN A 379 -10.83 -33.58 -3.43
N THR A 380 -11.05 -33.41 -4.73
CA THR A 380 -11.25 -34.52 -5.60
C THR A 380 -9.95 -35.26 -5.79
N LEU A 381 -8.84 -34.51 -5.91
CA LEU A 381 -7.50 -35.09 -6.05
C LEU A 381 -7.17 -35.92 -4.79
N LEU A 382 -7.36 -35.27 -3.65
CA LEU A 382 -7.18 -35.88 -2.34
C LEU A 382 -7.99 -37.20 -2.29
N ARG A 383 -9.25 -37.14 -2.75
CA ARG A 383 -10.13 -38.32 -2.74
C ARG A 383 -9.56 -39.39 -3.64
N LYS A 384 -8.99 -38.97 -4.77
CA LYS A 384 -8.34 -39.90 -5.71
C LYS A 384 -7.14 -40.57 -5.00
N ALA A 385 -6.32 -39.76 -4.34
CA ALA A 385 -5.18 -40.25 -3.61
C ALA A 385 -5.66 -41.19 -2.50
N GLY A 386 -6.98 -41.27 -2.36
CA GLY A 386 -7.57 -42.14 -1.36
C GLY A 386 -8.23 -41.50 -0.14
N VAL A 387 -7.95 -40.23 0.16
CA VAL A 387 -8.52 -39.61 1.33
C VAL A 387 -10.04 -39.43 1.28
N GLU A 388 -10.60 -39.35 2.48
CA GLU A 388 -12.03 -39.13 2.74
C GLU A 388 -12.11 -37.66 3.14
N VAL A 389 -12.87 -36.89 2.37
CA VAL A 389 -12.95 -35.44 2.65
C VAL A 389 -14.30 -34.99 3.19
N ILE A 390 -14.32 -34.62 4.45
CA ILE A 390 -15.55 -34.11 5.07
C ILE A 390 -15.34 -32.60 4.92
N THR A 391 -16.27 -31.91 4.31
CA THR A 391 -16.09 -30.47 4.09
C THR A 391 -17.01 -29.57 4.85
N ILE A 392 -16.48 -28.41 5.17
CA ILE A 392 -17.22 -27.37 5.86
C ILE A 392 -17.18 -26.11 4.98
N SER A 393 -17.99 -25.11 5.30
CA SER A 393 -18.06 -23.88 4.51
C SER A 393 -17.05 -22.84 4.90
N ALA A 394 -16.36 -22.31 3.89
CA ALA A 394 -15.33 -21.28 4.04
C ALA A 394 -15.86 -19.85 3.75
N SER A 395 -17.16 -19.75 3.46
CA SER A 395 -17.77 -18.47 3.18
C SER A 395 -17.35 -17.40 4.19
N GLU A 396 -17.48 -17.70 5.47
CA GLU A 396 -17.13 -16.74 6.52
C GLU A 396 -15.92 -17.14 7.37
N LEU A 397 -15.61 -18.42 7.40
CA LEU A 397 -14.49 -18.86 8.20
C LEU A 397 -13.27 -18.81 7.30
N GLY A 398 -13.51 -18.97 6.00
CA GLY A 398 -12.44 -18.92 5.00
C GLY A 398 -12.05 -17.50 4.65
N ARG A 399 -12.78 -16.57 5.23
CA ARG A 399 -12.50 -15.15 5.08
C ARG A 399 -11.42 -14.91 6.13
N GLY A 400 -10.30 -15.63 6.05
CA GLY A 400 -9.28 -15.48 7.07
C GLY A 400 -8.08 -16.24 6.59
N ARG A 401 -8.07 -16.35 5.31
CA ARG A 401 -6.98 -17.03 4.76
C ARG A 401 -6.78 -18.45 5.26
N GLY A 402 -7.33 -18.90 6.37
CA GLY A 402 -6.87 -20.25 6.77
C GLY A 402 -7.94 -21.30 6.87
N GLY A 403 -7.65 -22.45 7.35
CA GLY A 403 -8.74 -23.39 7.32
C GLY A 403 -8.82 -24.28 8.50
N GLY A 404 -8.97 -25.52 8.15
CA GLY A 404 -9.11 -26.60 9.13
C GLY A 404 -8.00 -26.72 10.16
N HIS A 405 -6.77 -26.84 9.67
CA HIS A 405 -5.61 -26.97 10.54
C HIS A 405 -5.50 -25.77 11.52
N CYS A 406 -5.37 -24.56 10.97
CA CYS A 406 -5.27 -23.29 11.70
C CYS A 406 -6.42 -23.13 12.75
N MET A 407 -7.61 -23.63 12.43
CA MET A 407 -8.73 -23.52 13.38
C MET A 407 -8.80 -24.57 14.47
N THR A 408 -7.76 -25.38 14.62
CA THR A 408 -7.69 -26.42 15.67
C THR A 408 -6.28 -26.47 16.30
N CYS A 409 -6.26 -26.73 17.61
CA CYS A 409 -5.03 -26.91 18.38
C CYS A 409 -5.14 -28.36 18.91
N PRO A 410 -4.50 -29.30 18.23
CA PRO A 410 -4.63 -30.65 18.78
C PRO A 410 -3.97 -30.76 20.17
N ILE A 411 -4.65 -31.49 21.06
CA ILE A 411 -4.17 -31.75 22.41
C ILE A 411 -3.90 -33.23 22.68
N VAL A 412 -4.63 -34.13 22.02
CA VAL A 412 -4.35 -35.52 22.19
C VAL A 412 -4.52 -36.34 20.94
N ARG A 413 -3.42 -36.50 20.18
CA ARG A 413 -3.48 -37.31 18.95
C ARG A 413 -2.56 -38.54 19.09
N ASP A 414 -3.05 -39.65 18.58
CA ASP A 414 -2.35 -40.91 18.61
C ASP A 414 -1.17 -40.92 17.67
N PRO A 415 -0.15 -41.73 17.95
CA PRO A 415 1.01 -41.78 17.06
C PRO A 415 0.58 -42.82 16.03
N ILE A 416 1.50 -43.19 15.15
CA ILE A 416 1.14 -44.14 14.11
C ILE A 416 1.89 -45.49 14.13
N ASP A 417 3.18 -45.45 13.80
CA ASP A 417 4.04 -46.65 13.76
C ASP A 417 3.71 -47.58 14.92
N THR B 6 -40.81 -1.03 -29.93
CA THR B 6 -40.95 -1.13 -28.43
C THR B 6 -40.33 0.12 -27.73
N LYS B 7 -40.93 0.52 -26.59
CA LYS B 7 -40.43 1.69 -25.88
C LYS B 7 -39.62 1.36 -24.62
N LEU B 8 -38.30 1.25 -24.81
CA LEU B 8 -37.34 0.98 -23.74
C LEU B 8 -37.05 2.33 -23.11
N GLY B 9 -36.80 2.33 -21.81
CA GLY B 9 -36.52 3.58 -21.13
C GLY B 9 -36.66 3.32 -19.65
N VAL B 10 -36.01 4.16 -18.86
CA VAL B 10 -36.03 4.05 -17.43
C VAL B 10 -36.44 5.43 -16.92
N HIS B 11 -37.61 5.48 -16.33
CA HIS B 11 -38.08 6.73 -15.81
C HIS B 11 -38.09 6.78 -14.26
N SER B 12 -37.18 6.01 -13.60
CA SER B 12 -37.12 5.97 -12.14
C SER B 12 -36.08 5.05 -11.58
N GLU B 13 -36.17 4.99 -10.27
CA GLU B 13 -35.34 4.16 -9.47
C GLU B 13 -36.22 3.16 -8.73
N ALA B 14 -37.50 3.53 -8.49
CA ALA B 14 -38.42 2.76 -7.63
C ALA B 14 -39.55 2.06 -8.38
N GLY B 15 -40.15 2.75 -9.35
CA GLY B 15 -41.22 2.17 -10.15
C GLY B 15 -40.91 0.79 -10.72
N LYS B 16 -41.98 0.07 -11.04
CA LYS B 16 -41.86 -1.30 -11.56
C LYS B 16 -40.85 -1.57 -12.67
N LEU B 17 -39.89 -2.44 -12.40
CA LEU B 17 -38.91 -2.76 -13.41
C LEU B 17 -39.43 -3.86 -14.29
N ARG B 18 -39.66 -3.55 -15.56
CA ARG B 18 -40.18 -4.55 -16.51
C ARG B 18 -39.09 -5.39 -17.17
N LYS B 19 -37.97 -4.75 -17.57
CA LYS B 19 -36.81 -5.38 -18.23
C LYS B 19 -35.42 -4.99 -17.66
N VAL B 20 -34.61 -6.01 -17.32
CA VAL B 20 -33.25 -5.75 -16.80
C VAL B 20 -32.25 -6.66 -17.46
N MET B 21 -31.00 -6.26 -17.40
CA MET B 21 -29.91 -7.06 -17.94
C MET B 21 -28.88 -7.36 -16.81
N VAL B 22 -28.45 -8.61 -16.75
CA VAL B 22 -27.49 -9.04 -15.79
C VAL B 22 -26.45 -9.85 -16.57
N CYS B 23 -25.44 -10.33 -15.85
CA CYS B 23 -24.42 -11.14 -16.47
C CYS B 23 -23.87 -12.05 -15.37
N SER B 24 -23.96 -13.35 -15.63
CA SER B 24 -23.53 -14.33 -14.72
C SER B 24 -22.02 -14.54 -14.66
N PRO B 25 -21.47 -14.85 -13.48
CA PRO B 25 -20.03 -15.06 -13.49
C PRO B 25 -19.67 -16.24 -14.43
N GLY B 26 -18.40 -16.29 -14.87
CA GLY B 26 -18.02 -17.34 -15.77
C GLY B 26 -16.54 -17.50 -15.96
N LEU B 27 -16.15 -17.75 -17.19
CA LEU B 27 -14.75 -17.93 -17.55
C LEU B 27 -13.89 -16.78 -17.05
N ALA B 28 -14.42 -15.54 -17.09
CA ALA B 28 -13.61 -14.43 -16.60
C ALA B 28 -13.02 -14.83 -15.20
N HIS B 29 -13.95 -14.97 -14.24
CA HIS B 29 -13.67 -15.36 -12.84
C HIS B 29 -12.93 -16.70 -12.66
N GLN B 30 -13.12 -17.62 -13.62
CA GLN B 30 -12.47 -18.92 -13.62
C GLN B 30 -10.97 -18.75 -13.89
N ARG B 31 -10.58 -17.60 -14.46
CA ARG B 31 -9.19 -17.28 -14.78
C ARG B 31 -8.49 -16.49 -13.68
N LEU B 32 -9.25 -16.21 -12.63
CA LEU B 32 -8.79 -15.43 -11.50
C LEU B 32 -7.87 -16.18 -10.53
N THR B 33 -6.78 -15.51 -10.13
CA THR B 33 -5.82 -16.06 -9.18
C THR B 33 -5.51 -15.01 -8.10
N PRO B 34 -4.95 -15.47 -6.97
CA PRO B 34 -4.68 -14.46 -5.96
C PRO B 34 -3.71 -13.39 -6.43
N SER B 35 -2.84 -13.80 -7.36
CA SER B 35 -1.82 -12.90 -7.86
C SER B 35 -2.28 -12.00 -8.98
N ASN B 36 -3.33 -12.41 -9.71
CA ASN B 36 -3.77 -11.56 -10.83
C ASN B 36 -5.05 -10.80 -10.66
N CYS B 37 -5.64 -10.83 -9.48
CA CYS B 37 -6.90 -10.15 -9.40
C CYS B 37 -6.83 -8.64 -9.26
N ASP B 38 -5.76 -8.12 -8.69
CA ASP B 38 -5.64 -6.68 -8.56
C ASP B 38 -5.51 -6.10 -9.97
N GLU B 39 -4.56 -6.63 -10.75
CA GLU B 39 -4.37 -6.14 -12.11
C GLU B 39 -5.58 -6.40 -13.02
N LEU B 40 -6.46 -7.30 -12.61
CA LEU B 40 -7.66 -7.63 -13.41
C LEU B 40 -8.85 -6.87 -12.85
N LEU B 41 -8.55 -5.95 -11.96
CA LEU B 41 -9.53 -5.12 -11.30
C LEU B 41 -10.65 -5.83 -10.53
N PHE B 42 -10.43 -7.05 -10.09
CA PHE B 42 -11.49 -7.75 -9.34
C PHE B 42 -11.15 -7.95 -7.86
N ASP B 43 -12.05 -7.56 -6.98
CA ASP B 43 -11.84 -7.67 -5.53
C ASP B 43 -10.99 -8.85 -5.02
N ASP B 44 -11.57 -10.05 -5.03
CA ASP B 44 -10.91 -11.27 -4.54
C ASP B 44 -11.39 -12.46 -5.38
N VAL B 45 -10.64 -13.57 -5.36
CA VAL B 45 -11.04 -14.80 -6.07
C VAL B 45 -12.35 -15.41 -5.51
N ILE B 46 -13.26 -15.87 -6.37
CA ILE B 46 -14.51 -16.49 -5.89
C ILE B 46 -14.73 -17.91 -6.32
N TRP B 47 -15.49 -18.65 -5.51
CA TRP B 47 -15.81 -20.02 -5.86
C TRP B 47 -16.83 -19.86 -7.01
N VAL B 48 -16.29 -19.90 -8.23
CA VAL B 48 -17.07 -19.70 -9.42
C VAL B 48 -18.34 -20.51 -9.60
N ASN B 49 -18.34 -21.82 -9.31
CA ASN B 49 -19.58 -22.60 -9.50
C ASN B 49 -20.59 -22.22 -8.44
N GLN B 50 -20.11 -21.83 -7.29
CA GLN B 50 -21.05 -21.44 -6.28
C GLN B 50 -21.71 -20.12 -6.69
N ALA B 51 -20.89 -19.20 -7.20
CA ALA B 51 -21.37 -17.89 -7.58
C ALA B 51 -22.29 -17.94 -8.79
N LYS B 52 -22.08 -18.95 -9.64
CA LYS B 52 -22.92 -19.09 -10.83
C LYS B 52 -24.30 -19.46 -10.34
N ARG B 53 -24.32 -20.40 -9.37
CA ARG B 53 -25.57 -20.85 -8.76
C ARG B 53 -26.28 -19.68 -8.16
N ASP B 54 -25.63 -19.05 -7.18
CA ASP B 54 -26.22 -17.90 -6.48
C ASP B 54 -26.86 -16.87 -7.39
N HIS B 55 -26.17 -16.57 -8.50
CA HIS B 55 -26.64 -15.60 -9.48
C HIS B 55 -27.92 -16.11 -10.10
N PHE B 56 -27.96 -17.39 -10.47
CA PHE B 56 -29.15 -18.02 -11.07
C PHE B 56 -30.35 -17.94 -10.14
N ASP B 57 -30.05 -17.95 -8.85
CA ASP B 57 -31.09 -17.80 -7.87
C ASP B 57 -31.62 -16.35 -7.97
N PHE B 58 -30.72 -15.37 -7.90
CA PHE B 58 -31.11 -13.97 -7.96
C PHE B 58 -31.99 -13.78 -9.19
N VAL B 59 -31.43 -14.13 -10.35
CA VAL B 59 -32.10 -14.03 -11.62
C VAL B 59 -33.49 -14.63 -11.58
N THR B 60 -33.58 -15.88 -11.10
CA THR B 60 -34.88 -16.49 -11.03
C THR B 60 -35.87 -15.79 -10.09
N LYS B 61 -35.44 -15.14 -9.01
CA LYS B 61 -36.40 -14.49 -8.12
C LYS B 61 -37.04 -13.30 -8.79
N MET B 62 -36.41 -12.80 -9.83
CA MET B 62 -36.98 -11.70 -10.56
C MET B 62 -37.92 -12.19 -11.65
N ARG B 63 -37.54 -13.27 -12.31
CA ARG B 63 -38.36 -13.79 -13.39
C ARG B 63 -39.66 -14.25 -12.75
N GLU B 64 -39.50 -14.85 -11.58
CA GLU B 64 -40.59 -15.36 -10.79
C GLU B 64 -41.58 -14.20 -10.64
N ARG B 65 -41.08 -12.99 -10.39
CA ARG B 65 -41.98 -11.83 -10.23
C ARG B 65 -42.45 -11.19 -11.54
N GLY B 66 -42.17 -11.83 -12.68
CA GLY B 66 -42.64 -11.29 -13.94
C GLY B 66 -41.67 -10.42 -14.72
N ILE B 67 -40.56 -10.02 -14.11
CA ILE B 67 -39.58 -9.17 -14.76
C ILE B 67 -38.87 -9.90 -15.90
N ASP B 68 -38.73 -9.23 -17.04
CA ASP B 68 -37.98 -9.92 -18.07
C ASP B 68 -36.50 -9.70 -17.61
N VAL B 69 -35.71 -10.76 -17.60
CA VAL B 69 -34.31 -10.66 -17.19
C VAL B 69 -33.39 -11.19 -18.28
N LEU B 70 -32.65 -10.29 -18.91
CA LEU B 70 -31.71 -10.65 -19.96
C LEU B 70 -30.30 -10.88 -19.43
N GLU B 71 -29.69 -12.01 -19.82
CA GLU B 71 -28.32 -12.36 -19.42
C GLU B 71 -27.40 -11.96 -20.57
N MET B 72 -26.33 -11.26 -20.23
CA MET B 72 -25.36 -10.83 -21.24
C MET B 72 -24.76 -11.96 -22.14
N HIS B 73 -24.44 -13.12 -21.54
CA HIS B 73 -23.87 -14.23 -22.31
C HIS B 73 -24.87 -14.61 -23.38
N ASN B 74 -26.14 -14.76 -22.96
CA ASN B 74 -27.18 -15.06 -23.92
C ASN B 74 -27.18 -14.06 -25.07
N LEU B 75 -27.44 -12.80 -24.75
CA LEU B 75 -27.50 -11.74 -25.74
C LEU B 75 -26.31 -11.67 -26.63
N LEU B 76 -25.15 -11.88 -26.01
CA LEU B 76 -23.91 -11.80 -26.74
C LEU B 76 -23.97 -12.90 -27.76
N THR B 77 -24.30 -14.10 -27.28
CA THR B 77 -24.39 -15.28 -28.14
C THR B 77 -25.34 -15.05 -29.36
N GLU B 78 -26.59 -14.66 -29.13
CA GLU B 78 -27.43 -14.46 -30.28
C GLU B 78 -26.81 -13.42 -31.22
N THR B 79 -26.26 -12.37 -30.62
CA THR B 79 -25.67 -11.28 -31.39
C THR B 79 -24.58 -11.73 -32.36
N ILE B 80 -23.63 -12.50 -31.82
CA ILE B 80 -22.49 -13.07 -32.52
C ILE B 80 -22.87 -13.94 -33.72
N GLN B 81 -24.10 -14.47 -33.71
CA GLN B 81 -24.56 -15.32 -34.80
C GLN B 81 -24.81 -14.53 -36.07
N ASN B 82 -25.03 -13.23 -35.90
CA ASN B 82 -25.24 -12.32 -36.99
C ASN B 82 -23.80 -11.98 -37.38
N PRO B 83 -23.36 -12.47 -38.53
CA PRO B 83 -22.00 -12.21 -38.99
C PRO B 83 -21.51 -10.76 -38.94
N GLU B 84 -22.41 -9.83 -39.25
CA GLU B 84 -22.03 -8.44 -39.29
C GLU B 84 -21.55 -7.97 -37.92
N ALA B 85 -22.31 -8.33 -36.88
CA ALA B 85 -22.01 -7.93 -35.52
C ALA B 85 -20.73 -8.54 -34.95
N LEU B 86 -20.42 -9.80 -35.28
CA LEU B 86 -19.19 -10.46 -34.84
C LEU B 86 -18.06 -9.61 -35.39
N LYS B 87 -18.13 -9.37 -36.69
CA LYS B 87 -17.11 -8.59 -37.36
C LYS B 87 -16.91 -7.22 -36.75
N TRP B 88 -18.00 -6.60 -36.32
CA TRP B 88 -17.94 -5.26 -35.72
C TRP B 88 -17.10 -5.31 -34.44
N ILE B 89 -17.18 -6.44 -33.72
CA ILE B 89 -16.42 -6.63 -32.48
C ILE B 89 -14.97 -7.02 -32.78
N LEU B 90 -14.77 -8.12 -33.49
CA LEU B 90 -13.41 -8.58 -33.72
C LEU B 90 -12.56 -7.44 -34.35
N ASP B 91 -13.23 -6.66 -35.22
CA ASP B 91 -12.56 -5.57 -35.92
C ASP B 91 -11.99 -4.62 -34.90
N ARG B 92 -12.67 -4.54 -33.76
CA ARG B 92 -12.27 -3.66 -32.69
C ARG B 92 -11.43 -4.34 -31.57
N LYS B 93 -11.73 -5.60 -31.26
CA LYS B 93 -11.03 -6.31 -30.21
C LYS B 93 -9.67 -6.94 -30.68
N ILE B 94 -9.67 -7.58 -31.83
CA ILE B 94 -8.48 -8.24 -32.29
C ILE B 94 -7.70 -7.36 -33.25
N THR B 95 -6.73 -6.62 -32.73
CA THR B 95 -5.90 -5.79 -33.59
C THR B 95 -4.41 -5.97 -33.24
N ALA B 96 -3.52 -5.32 -34.00
CA ALA B 96 -2.10 -5.46 -33.75
C ALA B 96 -1.82 -4.88 -32.39
N ASP B 97 -2.46 -3.77 -32.09
CA ASP B 97 -2.26 -3.14 -30.81
C ASP B 97 -2.64 -3.95 -29.58
N SER B 98 -3.75 -4.68 -29.68
CA SER B 98 -4.30 -5.48 -28.55
C SER B 98 -3.74 -6.89 -28.35
N VAL B 99 -3.43 -7.56 -29.45
CA VAL B 99 -2.95 -8.94 -29.45
C VAL B 99 -1.52 -9.09 -30.02
N GLY B 100 -1.06 -8.15 -30.83
CA GLY B 100 0.25 -8.32 -31.38
C GLY B 100 0.19 -8.83 -32.80
N LEU B 101 1.11 -8.35 -33.65
CA LEU B 101 1.11 -8.75 -35.06
C LEU B 101 1.36 -10.22 -35.34
N GLY B 102 2.06 -10.91 -34.47
CA GLY B 102 2.24 -12.31 -34.76
C GLY B 102 0.99 -13.16 -34.48
N LEU B 103 0.02 -12.57 -33.79
CA LEU B 103 -1.16 -13.32 -33.39
C LEU B 103 -2.52 -12.93 -33.94
N THR B 104 -2.61 -11.76 -34.55
CA THR B 104 -3.89 -11.29 -35.10
C THR B 104 -4.70 -12.33 -35.85
N SER B 105 -4.19 -12.76 -36.99
CA SER B 105 -4.86 -13.79 -37.80
C SER B 105 -5.30 -15.07 -37.04
N GLU B 106 -4.31 -15.84 -36.56
CA GLU B 106 -4.52 -17.09 -35.84
C GLU B 106 -5.60 -16.98 -34.77
N LEU B 107 -5.51 -15.90 -34.01
CA LEU B 107 -6.45 -15.64 -32.96
C LEU B 107 -7.86 -15.48 -33.56
N ARG B 108 -7.98 -14.61 -34.56
CA ARG B 108 -9.28 -14.33 -35.17
C ARG B 108 -9.94 -15.49 -35.92
N SER B 109 -9.15 -16.23 -36.69
CA SER B 109 -9.69 -17.39 -37.43
C SER B 109 -10.20 -18.42 -36.44
N TRP B 110 -9.39 -18.71 -35.42
CA TRP B 110 -9.78 -19.65 -34.36
C TRP B 110 -11.11 -19.22 -33.70
N LEU B 111 -11.17 -17.97 -33.21
CA LEU B 111 -12.41 -17.45 -32.56
C LEU B 111 -13.56 -17.70 -33.50
N GLU B 112 -13.36 -17.42 -34.78
CA GLU B 112 -14.43 -17.59 -35.76
C GLU B 112 -14.79 -19.04 -35.99
N SER B 113 -13.86 -19.95 -35.75
CA SER B 113 -14.17 -21.35 -35.96
C SER B 113 -15.14 -21.90 -34.94
N LEU B 114 -15.28 -21.19 -33.83
CA LEU B 114 -16.10 -21.63 -32.73
C LEU B 114 -17.65 -21.58 -32.76
N GLU B 115 -18.24 -22.19 -31.74
CA GLU B 115 -19.68 -22.23 -31.57
C GLU B 115 -20.06 -20.96 -30.84
N PRO B 116 -21.17 -20.32 -31.28
CA PRO B 116 -21.74 -19.08 -30.77
C PRO B 116 -21.65 -18.96 -29.26
N ARG B 117 -22.23 -19.92 -28.54
CA ARG B 117 -22.21 -19.89 -27.07
C ARG B 117 -20.78 -19.79 -26.61
N LYS B 118 -20.02 -20.80 -26.96
CA LYS B 118 -18.61 -20.90 -26.62
C LYS B 118 -17.83 -19.61 -26.97
N LEU B 119 -17.94 -19.14 -28.21
CA LEU B 119 -17.25 -17.91 -28.62
C LEU B 119 -17.63 -16.74 -27.69
N ALA B 120 -18.86 -16.70 -27.20
CA ALA B 120 -19.29 -15.60 -26.28
C ALA B 120 -18.56 -15.71 -24.94
N GLU B 121 -18.44 -16.94 -24.44
CA GLU B 121 -17.74 -17.20 -23.20
C GLU B 121 -16.34 -16.62 -23.35
N TYR B 122 -15.71 -16.89 -24.47
CA TYR B 122 -14.37 -16.39 -24.67
C TYR B 122 -14.30 -14.89 -24.78
N LEU B 123 -15.29 -14.29 -25.44
CA LEU B 123 -15.27 -12.84 -25.59
C LEU B 123 -15.37 -12.17 -24.22
N ILE B 124 -16.20 -12.73 -23.33
CA ILE B 124 -16.36 -12.12 -22.01
C ILE B 124 -15.32 -12.62 -21.07
N GLY B 125 -14.87 -13.85 -21.29
CA GLY B 125 -13.89 -14.49 -20.41
C GLY B 125 -12.42 -14.49 -20.81
N GLY B 126 -12.08 -13.87 -21.92
CA GLY B 126 -10.67 -13.84 -22.34
C GLY B 126 -10.12 -15.15 -22.86
N VAL B 127 -9.02 -15.09 -23.58
CA VAL B 127 -8.42 -16.28 -24.15
C VAL B 127 -6.96 -16.36 -23.74
N ALA B 128 -6.53 -17.56 -23.34
CA ALA B 128 -5.17 -17.87 -22.85
C ALA B 128 -4.35 -18.50 -23.97
N ALA B 129 -3.03 -18.32 -23.95
CA ALA B 129 -2.24 -18.90 -25.02
C ALA B 129 -2.58 -20.37 -25.11
N ASP B 130 -2.91 -20.91 -23.93
CA ASP B 130 -3.24 -22.32 -23.71
C ASP B 130 -4.44 -22.77 -24.48
N ASP B 131 -5.46 -21.93 -24.54
CA ASP B 131 -6.66 -22.32 -25.25
C ASP B 131 -6.41 -22.39 -26.77
N LEU B 132 -5.44 -21.63 -27.26
CA LEU B 132 -5.18 -21.59 -28.70
C LEU B 132 -4.75 -22.95 -29.20
N PRO B 133 -5.06 -23.25 -30.48
CA PRO B 133 -4.71 -24.54 -31.08
C PRO B 133 -3.20 -24.60 -31.31
N ALA B 134 -2.67 -25.83 -31.36
CA ALA B 134 -1.25 -26.02 -31.59
C ALA B 134 -0.78 -25.03 -32.69
N SER B 135 0.33 -24.33 -32.43
CA SER B 135 0.97 -23.29 -33.19
C SER B 135 2.14 -22.62 -32.48
N GLU B 136 2.86 -21.78 -33.24
CA GLU B 136 4.06 -21.06 -32.77
C GLU B 136 3.87 -19.73 -32.06
N GLY B 137 3.15 -18.82 -32.72
CA GLY B 137 2.88 -17.51 -32.15
C GLY B 137 2.50 -17.73 -30.71
N ALA B 138 1.76 -18.82 -30.48
CA ALA B 138 1.31 -19.19 -29.14
C ALA B 138 2.52 -19.47 -28.26
N ASN B 139 3.29 -20.49 -28.62
CA ASN B 139 4.48 -20.88 -27.87
C ASN B 139 5.30 -19.72 -27.36
N ILE B 140 5.50 -18.73 -28.23
CA ILE B 140 6.24 -17.51 -27.88
C ILE B 140 5.69 -16.82 -26.63
N LEU B 141 4.39 -16.99 -26.44
CA LEU B 141 3.67 -16.43 -25.30
C LEU B 141 3.79 -17.43 -24.15
N LYS B 142 3.70 -18.71 -24.48
CA LYS B 142 3.90 -19.73 -23.45
C LYS B 142 5.33 -19.41 -22.92
N MET B 143 6.20 -19.04 -23.83
CA MET B 143 7.55 -18.72 -23.49
C MET B 143 7.75 -17.48 -22.61
N TYR B 144 7.16 -16.34 -22.98
CA TYR B 144 7.36 -15.15 -22.15
C TYR B 144 6.72 -15.41 -20.78
N ARG B 145 5.70 -16.26 -20.77
CA ARG B 145 5.00 -16.57 -19.52
C ARG B 145 5.88 -17.51 -18.70
N GLU B 146 6.44 -18.48 -19.39
CA GLU B 146 7.29 -19.48 -18.77
C GLU B 146 8.71 -19.02 -18.48
N TYR B 147 9.11 -17.87 -18.98
CA TYR B 147 10.49 -17.42 -18.78
C TYR B 147 10.63 -16.05 -18.14
N LEU B 148 9.57 -15.24 -18.20
CA LEU B 148 9.59 -13.88 -17.63
C LEU B 148 8.52 -13.69 -16.56
N GLY B 149 7.53 -14.56 -16.62
CA GLY B 149 6.43 -14.53 -15.67
C GLY B 149 5.24 -13.73 -16.18
N HIS B 150 5.25 -13.50 -17.49
CA HIS B 150 4.22 -12.74 -18.21
C HIS B 150 2.74 -13.22 -18.11
N SER B 151 1.79 -12.29 -18.31
CA SER B 151 0.36 -12.64 -18.30
C SER B 151 0.18 -13.62 -19.44
N SER B 152 -0.54 -14.71 -19.19
CA SER B 152 -0.75 -15.69 -20.25
C SER B 152 -1.99 -15.33 -21.07
N PHE B 153 -2.37 -14.04 -21.02
CA PHE B 153 -3.54 -13.61 -21.75
C PHE B 153 -3.41 -12.92 -23.11
N LEU B 154 -4.02 -13.55 -24.12
CA LEU B 154 -4.05 -13.02 -25.46
C LEU B 154 -5.14 -11.94 -25.35
N LEU B 155 -6.30 -12.32 -24.83
CA LEU B 155 -7.43 -11.41 -24.62
C LEU B 155 -7.82 -11.33 -23.15
N PRO B 156 -7.45 -10.28 -22.48
CA PRO B 156 -7.79 -10.16 -21.07
C PRO B 156 -9.28 -10.34 -20.74
N PRO B 157 -9.55 -11.17 -19.74
CA PRO B 157 -10.88 -11.51 -19.21
C PRO B 157 -11.52 -10.34 -18.50
N LEU B 158 -12.84 -10.27 -18.59
CA LEU B 158 -13.59 -9.18 -17.99
C LEU B 158 -14.55 -9.59 -16.87
N PRO B 159 -14.03 -10.03 -15.72
CA PRO B 159 -14.89 -10.44 -14.59
C PRO B 159 -15.83 -9.35 -14.12
N ASN B 160 -15.51 -8.09 -14.38
CA ASN B 160 -16.39 -7.00 -13.94
C ASN B 160 -17.72 -6.85 -14.72
N THR B 161 -17.97 -7.83 -15.59
CA THR B 161 -19.16 -7.87 -16.43
C THR B 161 -20.31 -8.28 -15.55
N GLN B 162 -19.96 -8.91 -14.46
CA GLN B 162 -20.96 -9.33 -13.51
C GLN B 162 -21.72 -8.05 -13.09
N PHE B 163 -21.04 -6.92 -13.15
CA PHE B 163 -21.67 -5.65 -12.78
C PHE B 163 -22.14 -4.83 -13.97
N THR B 164 -23.31 -5.22 -14.47
CA THR B 164 -24.01 -4.66 -15.63
C THR B 164 -24.40 -3.21 -15.44
N ARG B 165 -24.45 -2.79 -14.19
CA ARG B 165 -24.76 -1.40 -13.89
C ARG B 165 -23.74 -0.42 -14.42
N ALA B 166 -22.47 -0.74 -14.24
CA ALA B 166 -21.33 0.10 -14.61
C ALA B 166 -21.19 0.65 -16.07
N THR B 167 -21.40 -0.27 -17.01
CA THR B 167 -21.22 -0.11 -18.45
C THR B 167 -22.18 0.84 -19.21
N THR B 168 -23.47 0.73 -18.94
CA THR B 168 -24.41 1.56 -19.63
C THR B 168 -25.47 2.08 -18.70
N CYS B 169 -26.11 3.15 -19.13
CA CYS B 169 -27.12 3.78 -18.31
C CYS B 169 -28.26 4.17 -19.16
N TRP B 170 -29.44 3.68 -18.80
CA TRP B 170 -30.71 3.96 -19.45
C TRP B 170 -31.32 5.10 -18.59
N ILE B 171 -31.39 6.30 -19.17
CA ILE B 171 -31.89 7.51 -18.54
C ILE B 171 -33.05 7.86 -19.43
N TYR B 172 -34.24 7.69 -18.86
CA TYR B 172 -35.48 7.88 -19.57
C TYR B 172 -35.41 7.13 -20.90
N GLY B 173 -35.74 7.79 -22.01
CA GLY B 173 -35.78 7.11 -23.29
C GLY B 173 -34.52 7.00 -24.10
N GLY B 174 -33.44 6.62 -23.44
CA GLY B 174 -32.19 6.49 -24.14
C GLY B 174 -31.17 5.91 -23.19
N VAL B 175 -30.02 5.59 -23.76
CA VAL B 175 -28.93 4.98 -23.01
C VAL B 175 -27.57 5.72 -23.24
N THR B 176 -26.62 5.51 -22.30
CA THR B 176 -25.26 6.09 -22.43
C THR B 176 -24.29 4.93 -22.64
N LEU B 177 -23.22 5.18 -23.37
CA LEU B 177 -22.21 4.16 -23.58
C LEU B 177 -21.02 4.58 -22.75
N ASN B 178 -21.13 4.49 -21.43
CA ASN B 178 -20.08 4.94 -20.48
C ASN B 178 -18.63 4.76 -20.77
N PRO B 179 -17.94 5.89 -20.93
CA PRO B 179 -16.47 5.88 -21.02
C PRO B 179 -15.91 5.38 -19.72
N MET B 180 -15.35 4.21 -19.68
CA MET B 180 -14.92 3.70 -18.40
C MET B 180 -13.60 4.28 -17.99
N TYR B 181 -13.44 4.45 -16.68
CA TYR B 181 -12.22 4.95 -16.08
C TYR B 181 -10.98 4.19 -16.57
N TRP B 182 -10.92 2.90 -16.18
CA TRP B 182 -9.80 2.02 -16.57
C TRP B 182 -9.86 1.56 -18.00
N PRO B 183 -8.90 1.98 -18.85
CA PRO B 183 -8.93 1.56 -20.26
C PRO B 183 -9.35 0.13 -20.45
N ALA B 184 -8.79 -0.70 -19.60
CA ALA B 184 -9.06 -2.11 -19.69
C ALA B 184 -10.55 -2.39 -19.72
N ARG B 185 -11.27 -1.76 -18.80
CA ARG B 185 -12.70 -1.99 -18.70
C ARG B 185 -13.57 -1.56 -19.88
N ARG B 186 -13.01 -0.71 -20.75
CA ARG B 186 -13.78 -0.26 -21.92
C ARG B 186 -14.09 -1.43 -22.85
N GLN B 187 -13.42 -2.55 -22.65
CA GLN B 187 -13.68 -3.72 -23.45
C GLN B 187 -15.07 -4.20 -23.21
N GLU B 188 -15.51 -4.04 -21.96
CA GLU B 188 -16.87 -4.40 -21.50
C GLU B 188 -17.92 -3.57 -22.24
N THR B 189 -17.71 -2.26 -22.24
CA THR B 189 -18.59 -1.31 -22.93
C THR B 189 -18.74 -1.67 -24.44
N LEU B 190 -17.66 -2.18 -25.04
CA LEU B 190 -17.67 -2.54 -26.44
C LEU B 190 -18.64 -3.67 -26.63
N LEU B 191 -18.43 -4.74 -25.89
CA LEU B 191 -19.31 -5.85 -26.01
C LEU B 191 -20.76 -5.41 -25.77
N THR B 192 -21.00 -4.55 -24.80
CA THR B 192 -22.39 -4.20 -24.55
C THR B 192 -22.94 -3.34 -25.65
N THR B 193 -22.09 -2.64 -26.36
CA THR B 193 -22.60 -1.84 -27.44
C THR B 193 -23.01 -2.72 -28.62
N ALA B 194 -22.26 -3.78 -28.85
CA ALA B 194 -22.55 -4.71 -29.94
C ALA B 194 -23.99 -5.14 -29.75
N ILE B 195 -24.30 -5.58 -28.53
CA ILE B 195 -25.64 -6.01 -28.17
C ILE B 195 -26.68 -4.91 -28.43
N TYR B 196 -26.46 -3.71 -27.90
CA TYR B 196 -27.42 -2.64 -28.17
C TYR B 196 -27.46 -2.27 -29.66
N LYS B 197 -26.38 -2.52 -30.42
CA LYS B 197 -26.38 -2.14 -31.81
C LYS B 197 -26.92 -3.18 -32.76
N PHE B 198 -26.63 -4.44 -32.47
CA PHE B 198 -27.07 -5.47 -33.39
C PHE B 198 -28.11 -6.43 -32.89
N HIS B 199 -28.25 -6.55 -31.58
CA HIS B 199 -29.21 -7.52 -31.10
C HIS B 199 -30.65 -7.15 -31.38
N PRO B 200 -31.35 -8.07 -32.04
CA PRO B 200 -32.75 -8.02 -32.46
C PRO B 200 -33.62 -7.16 -31.57
N GLU B 201 -33.54 -7.46 -30.29
CA GLU B 201 -34.30 -6.78 -29.23
C GLU B 201 -34.00 -5.30 -28.99
N PHE B 202 -32.90 -4.83 -29.57
CA PHE B 202 -32.44 -3.45 -29.40
C PHE B 202 -32.42 -2.70 -30.73
N ALA B 203 -31.82 -3.32 -31.74
CA ALA B 203 -31.70 -2.67 -33.04
C ALA B 203 -33.06 -2.13 -33.49
N ASN B 204 -34.11 -2.92 -33.22
CA ASN B 204 -35.44 -2.55 -33.66
C ASN B 204 -36.21 -1.80 -32.64
N ALA B 205 -35.75 -1.83 -31.41
CA ALA B 205 -36.44 -1.02 -30.42
C ALA B 205 -36.09 0.49 -30.70
N GLU B 206 -36.83 1.37 -30.08
CA GLU B 206 -36.58 2.76 -30.30
C GLU B 206 -36.04 3.39 -29.05
N PHE B 207 -34.94 4.11 -29.17
CA PHE B 207 -34.39 4.76 -27.99
C PHE B 207 -33.33 5.69 -28.49
N GLU B 208 -32.94 6.64 -27.64
CA GLU B 208 -31.85 7.52 -28.01
C GLU B 208 -30.50 7.09 -27.47
N ILE B 209 -29.44 7.74 -27.91
CA ILE B 209 -28.09 7.50 -27.38
C ILE B 209 -27.54 8.87 -26.89
N TRP B 210 -27.71 9.15 -25.61
CA TRP B 210 -27.27 10.40 -25.05
C TRP B 210 -25.77 10.76 -25.06
N TYR B 211 -24.89 9.77 -24.87
CA TYR B 211 -23.45 10.02 -24.72
C TYR B 211 -22.61 8.77 -24.94
N GLY B 212 -21.33 8.94 -25.20
CA GLY B 212 -20.50 7.77 -25.39
C GLY B 212 -20.39 7.31 -26.84
N ASP B 213 -19.22 6.76 -27.16
CA ASP B 213 -18.90 6.21 -28.48
C ASP B 213 -17.64 5.34 -28.32
N PRO B 214 -17.79 4.03 -28.51
CA PRO B 214 -16.61 3.18 -28.36
C PRO B 214 -15.53 3.48 -29.34
N ASP B 215 -15.83 4.30 -30.33
CA ASP B 215 -14.84 4.63 -31.33
C ASP B 215 -13.93 5.80 -31.00
N LYS B 216 -14.46 6.75 -30.24
CA LYS B 216 -13.73 7.95 -29.83
C LYS B 216 -12.85 7.58 -28.64
N ASP B 217 -11.92 8.45 -28.25
CA ASP B 217 -11.11 8.10 -27.10
C ASP B 217 -11.73 8.60 -25.80
N HIS B 218 -12.38 9.75 -25.83
CA HIS B 218 -13.04 10.28 -24.63
C HIS B 218 -12.18 10.97 -23.57
N GLY B 219 -10.87 10.85 -23.75
CA GLY B 219 -9.92 11.44 -22.85
C GLY B 219 -10.19 11.37 -21.36
N SER B 220 -10.24 12.56 -20.79
CA SER B 220 -10.46 12.78 -19.38
C SER B 220 -11.92 12.65 -18.98
N SER B 221 -12.76 12.35 -19.97
CA SER B 221 -14.17 12.24 -19.68
C SER B 221 -14.45 10.77 -19.30
N THR B 222 -14.94 10.55 -18.08
CA THR B 222 -15.28 9.20 -17.61
C THR B 222 -16.61 9.24 -16.90
N LEU B 223 -17.46 8.26 -17.20
CA LEU B 223 -18.78 8.18 -16.59
C LEU B 223 -18.99 6.73 -16.17
N GLU B 224 -19.60 6.52 -14.99
CA GLU B 224 -19.86 5.16 -14.52
C GLU B 224 -21.24 4.96 -13.93
N GLY B 225 -21.85 3.87 -14.40
CA GLY B 225 -23.21 3.48 -14.02
C GLY B 225 -23.74 3.70 -12.61
N GLY B 226 -22.94 3.24 -11.64
CA GLY B 226 -23.29 3.34 -10.23
C GLY B 226 -23.60 4.75 -9.81
N ASP B 227 -23.00 5.69 -10.53
CA ASP B 227 -23.21 7.09 -10.27
C ASP B 227 -24.52 7.68 -10.89
N VAL B 228 -25.12 7.00 -11.87
CA VAL B 228 -26.32 7.54 -12.52
C VAL B 228 -27.69 7.07 -12.06
N MET B 229 -28.58 8.04 -11.85
CA MET B 229 -29.92 7.74 -11.41
C MET B 229 -31.03 8.59 -12.01
N PRO B 230 -31.84 8.00 -12.87
CA PRO B 230 -32.93 8.78 -13.43
C PRO B 230 -34.07 8.66 -12.42
N ILE B 231 -34.19 9.63 -11.52
CA ILE B 231 -35.22 9.48 -10.51
C ILE B 231 -36.65 9.82 -10.87
N GLY B 232 -36.91 10.23 -12.10
CA GLY B 232 -38.26 10.64 -12.49
C GLY B 232 -38.49 12.15 -12.31
N ASN B 233 -39.68 12.63 -12.64
CA ASN B 233 -39.98 14.07 -12.50
C ASN B 233 -39.02 14.97 -13.33
N GLY B 234 -38.58 14.41 -14.45
CA GLY B 234 -37.60 15.09 -15.27
C GLY B 234 -36.19 15.29 -14.73
N VAL B 235 -35.90 14.81 -13.51
CA VAL B 235 -34.58 14.97 -12.88
C VAL B 235 -33.67 13.75 -13.00
N VAL B 236 -32.37 14.02 -13.05
CA VAL B 236 -31.36 13.00 -13.08
C VAL B 236 -30.26 13.37 -12.06
N LEU B 237 -29.87 12.40 -11.24
CA LEU B 237 -28.78 12.59 -10.28
C LEU B 237 -27.49 12.01 -10.86
N ILE B 238 -26.42 12.75 -10.78
CA ILE B 238 -25.18 12.13 -11.24
C ILE B 238 -24.09 12.37 -10.23
N GLY B 239 -23.45 11.29 -9.80
CA GLY B 239 -22.38 11.47 -8.84
C GLY B 239 -21.11 11.90 -9.55
N MET B 240 -20.45 12.93 -9.03
CA MET B 240 -19.16 13.43 -9.56
C MET B 240 -18.09 13.00 -8.53
N GLY B 241 -17.32 12.00 -8.92
CA GLY B 241 -16.32 11.49 -8.01
C GLY B 241 -15.05 11.06 -8.67
N GLU B 242 -14.47 10.00 -8.16
CA GLU B 242 -13.24 9.45 -8.68
C GLU B 242 -13.51 8.71 -9.97
N ARG B 243 -14.77 8.41 -10.25
CA ARG B 243 -15.04 7.64 -11.46
C ARG B 243 -15.84 8.34 -12.56
N SER B 244 -16.72 9.26 -12.17
CA SER B 244 -17.46 10.05 -13.13
C SER B 244 -16.95 11.52 -13.02
N SER B 245 -16.33 12.01 -14.09
CA SER B 245 -15.78 13.38 -14.11
C SER B 245 -16.78 14.47 -14.53
N ARG B 246 -16.43 15.72 -14.22
CA ARG B 246 -17.29 16.83 -14.55
C ARG B 246 -17.34 16.98 -16.09
N GLN B 247 -16.21 16.69 -16.75
CA GLN B 247 -16.25 16.86 -18.20
C GLN B 247 -17.14 15.85 -18.93
N ALA B 248 -17.56 14.80 -18.25
CA ALA B 248 -18.46 13.83 -18.89
C ALA B 248 -19.88 14.18 -18.54
N ILE B 249 -20.10 14.41 -17.26
CA ILE B 249 -21.43 14.74 -16.78
C ILE B 249 -22.00 15.92 -17.62
N GLY B 250 -21.21 16.99 -17.68
CA GLY B 250 -21.69 18.14 -18.42
C GLY B 250 -22.08 17.82 -19.84
N GLN B 251 -21.39 16.88 -20.46
CA GLN B 251 -21.68 16.60 -21.83
C GLN B 251 -22.93 15.77 -21.92
N VAL B 252 -23.28 15.14 -20.82
CA VAL B 252 -24.43 14.29 -20.79
C VAL B 252 -25.64 15.17 -20.54
N ALA B 253 -25.47 16.08 -19.60
CA ALA B 253 -26.53 16.98 -19.26
C ALA B 253 -26.96 17.66 -20.54
N GLN B 254 -25.93 18.23 -21.20
CA GLN B 254 -26.07 18.98 -22.44
C GLN B 254 -26.80 18.17 -23.49
N SER B 255 -26.28 16.99 -23.74
CA SER B 255 -26.92 16.15 -24.70
C SER B 255 -28.37 15.88 -24.29
N LEU B 256 -28.62 15.89 -22.98
CA LEU B 256 -29.97 15.62 -22.46
C LEU B 256 -30.88 16.80 -22.62
N PHE B 257 -30.44 17.96 -22.13
CA PHE B 257 -31.28 19.11 -22.26
C PHE B 257 -31.57 19.39 -23.71
N ALA B 258 -30.68 19.01 -24.62
CA ALA B 258 -30.95 19.29 -26.04
C ALA B 258 -32.08 18.46 -26.62
N LYS B 259 -32.13 17.16 -26.34
CA LYS B 259 -33.26 16.37 -26.86
C LYS B 259 -34.54 16.59 -26.00
N GLY B 260 -34.43 17.53 -25.06
CA GLY B 260 -35.53 17.85 -24.17
C GLY B 260 -35.84 16.64 -23.31
N ALA B 261 -34.81 15.82 -23.03
CA ALA B 261 -34.94 14.58 -22.25
C ALA B 261 -34.91 14.72 -20.73
N ALA B 262 -34.32 15.80 -20.24
CA ALA B 262 -34.25 16.05 -18.81
C ALA B 262 -34.55 17.52 -18.56
N GLU B 263 -34.86 17.86 -17.31
CA GLU B 263 -35.12 19.25 -16.99
C GLU B 263 -33.96 19.75 -16.16
N ARG B 264 -33.48 18.88 -15.30
CA ARG B 264 -32.45 19.24 -14.41
C ARG B 264 -31.64 18.03 -14.08
N VAL B 265 -30.34 18.25 -13.89
CA VAL B 265 -29.43 17.17 -13.54
C VAL B 265 -28.83 17.65 -12.24
N ILE B 266 -28.98 16.86 -11.21
CA ILE B 266 -28.42 17.24 -9.91
C ILE B 266 -27.09 16.49 -9.66
N VAL B 267 -25.99 17.21 -9.84
CA VAL B 267 -24.66 16.69 -9.59
C VAL B 267 -24.41 16.47 -8.10
N ALA B 268 -24.24 15.22 -7.71
CA ALA B 268 -23.98 14.90 -6.33
C ALA B 268 -22.47 14.95 -6.16
N GLY B 269 -21.94 16.09 -5.77
CA GLY B 269 -20.49 16.18 -5.62
C GLY B 269 -19.95 15.34 -4.47
N LEU B 270 -19.20 14.29 -4.83
CA LEU B 270 -18.64 13.39 -3.84
C LEU B 270 -17.29 13.93 -3.41
N PRO B 271 -17.14 14.14 -2.11
CA PRO B 271 -15.92 14.65 -1.52
C PRO B 271 -14.74 13.68 -1.64
N LYS B 272 -13.66 14.17 -2.25
CA LYS B 272 -12.40 13.44 -2.49
C LYS B 272 -12.15 12.22 -1.58
N SER B 273 -12.32 12.43 -0.29
CA SER B 273 -12.12 11.35 0.67
C SER B 273 -12.96 10.13 0.30
N ARG B 274 -14.27 10.34 0.45
CA ARG B 274 -15.32 9.37 0.19
C ARG B 274 -15.78 9.38 -1.30
N ALA B 275 -14.90 9.91 -2.17
CA ALA B 275 -15.14 9.92 -3.61
C ALA B 275 -14.47 8.76 -4.38
N ALA B 276 -13.82 7.84 -3.63
CA ALA B 276 -13.17 6.62 -4.20
C ALA B 276 -14.25 5.57 -4.54
N MET B 277 -15.51 6.01 -4.48
CA MET B 277 -16.73 5.22 -4.79
C MET B 277 -17.76 5.89 -5.72
N HIS B 278 -18.95 5.31 -5.76
CA HIS B 278 -20.03 5.81 -6.60
C HIS B 278 -21.20 6.18 -5.72
N LEU B 279 -22.08 6.98 -6.28
CA LEU B 279 -23.27 7.42 -5.58
C LEU B 279 -24.13 6.30 -5.09
N ASP B 280 -24.33 5.28 -5.91
CA ASP B 280 -25.21 4.19 -5.54
C ASP B 280 -24.57 3.28 -4.54
N THR B 281 -23.47 3.74 -3.97
CA THR B 281 -22.82 2.92 -3.00
C THR B 281 -23.05 3.52 -1.63
N VAL B 282 -23.65 4.71 -1.57
CA VAL B 282 -23.94 5.40 -0.32
C VAL B 282 -25.39 5.90 -0.21
N PHE B 283 -26.08 5.82 -1.33
CA PHE B 283 -27.37 6.42 -1.52
C PHE B 283 -28.18 5.45 -2.38
N SER B 284 -29.36 5.02 -1.91
CA SER B 284 -30.25 4.11 -2.66
C SER B 284 -31.72 4.30 -2.33
N PHE B 285 -32.55 4.10 -3.33
CA PHE B 285 -33.98 4.22 -3.17
C PHE B 285 -34.65 2.87 -2.90
N CYS B 286 -35.60 2.90 -1.97
CA CYS B 286 -36.32 1.72 -1.63
C CYS B 286 -37.74 1.95 -2.00
N ASP B 287 -38.21 3.17 -1.79
CA ASP B 287 -39.60 3.52 -2.15
C ASP B 287 -39.61 4.93 -2.68
N ARG B 288 -40.75 5.36 -3.25
CA ARG B 288 -40.87 6.70 -3.82
C ARG B 288 -40.35 7.82 -2.94
N ASP B 289 -40.44 7.62 -1.62
CA ASP B 289 -39.97 8.62 -0.68
C ASP B 289 -39.12 8.03 0.47
N LEU B 290 -38.43 6.92 0.19
CA LEU B 290 -37.61 6.26 1.22
C LEU B 290 -36.28 5.85 0.60
N VAL B 291 -35.19 6.23 1.27
CA VAL B 291 -33.83 5.90 0.83
C VAL B 291 -32.97 5.35 1.92
N THR B 292 -32.00 4.51 1.56
CA THR B 292 -31.05 4.01 2.54
C THR B 292 -29.84 4.89 2.29
N VAL B 293 -29.22 5.30 3.36
CA VAL B 293 -28.11 6.24 3.28
C VAL B 293 -26.90 5.94 4.16
N PHE B 294 -25.69 6.20 3.62
CA PHE B 294 -24.43 6.08 4.44
C PHE B 294 -24.09 7.53 4.85
N PRO B 295 -24.43 7.95 6.07
CA PRO B 295 -24.26 9.27 6.70
C PRO B 295 -22.93 10.01 6.54
N GLU B 296 -21.86 9.37 7.00
CA GLU B 296 -20.54 9.92 6.90
C GLU B 296 -20.25 10.50 5.52
N VAL B 297 -20.87 9.96 4.48
CA VAL B 297 -20.64 10.49 3.14
C VAL B 297 -21.80 11.34 2.64
N VAL B 298 -23.00 10.89 2.92
CA VAL B 298 -24.18 11.62 2.45
C VAL B 298 -24.30 12.97 3.13
N LYS B 299 -23.89 13.07 4.39
CA LYS B 299 -23.99 14.36 5.08
C LYS B 299 -22.96 15.35 4.56
N GLU B 300 -22.02 14.84 3.74
CA GLU B 300 -20.92 15.65 3.15
C GLU B 300 -20.99 15.89 1.63
N ILE B 301 -21.96 15.25 0.99
CA ILE B 301 -22.15 15.38 -0.44
C ILE B 301 -22.57 16.81 -0.78
N VAL B 302 -21.88 17.44 -1.73
CA VAL B 302 -22.21 18.81 -2.12
C VAL B 302 -23.00 18.94 -3.44
N PRO B 303 -24.33 19.12 -3.35
CA PRO B 303 -25.18 19.24 -4.53
C PRO B 303 -25.10 20.54 -5.37
N PHE B 304 -25.24 20.32 -6.69
CA PHE B 304 -25.21 21.33 -7.70
C PHE B 304 -26.36 21.09 -8.68
N SER B 305 -27.23 22.09 -8.87
CA SER B 305 -28.36 21.96 -9.81
C SER B 305 -27.88 22.47 -11.15
N LEU B 306 -28.01 21.60 -12.14
CA LEU B 306 -27.56 21.87 -13.49
C LEU B 306 -28.81 21.96 -14.37
N ARG B 307 -29.09 23.15 -14.89
CA ARG B 307 -30.27 23.36 -15.71
C ARG B 307 -29.91 24.04 -17.00
N PRO B 308 -30.64 23.72 -18.09
CA PRO B 308 -30.39 24.32 -19.40
C PRO B 308 -30.63 25.87 -19.39
N ASP B 309 -30.02 26.58 -20.34
CA ASP B 309 -30.18 28.02 -20.45
C ASP B 309 -29.70 28.55 -21.79
N PRO B 310 -30.56 29.28 -22.53
CA PRO B 310 -29.98 29.73 -23.80
C PRO B 310 -29.21 31.02 -23.59
N SER B 311 -29.23 31.52 -22.36
CA SER B 311 -28.47 32.72 -22.04
C SER B 311 -26.98 32.33 -22.04
N SER B 312 -26.73 31.03 -21.99
CA SER B 312 -25.37 30.56 -21.96
C SER B 312 -24.89 30.07 -23.31
N PRO B 313 -23.62 30.37 -23.63
CA PRO B 313 -23.02 29.96 -24.89
C PRO B 313 -22.87 28.46 -24.81
N TYR B 314 -22.66 27.94 -23.60
CA TYR B 314 -22.57 26.49 -23.49
C TYR B 314 -23.97 25.90 -23.11
N GLY B 315 -24.96 26.78 -23.16
CA GLY B 315 -26.35 26.37 -22.95
C GLY B 315 -26.86 25.82 -21.62
N MET B 316 -26.07 25.94 -20.56
CA MET B 316 -26.51 25.44 -19.28
C MET B 316 -26.22 26.43 -18.18
N ASN B 317 -26.93 26.29 -17.07
CA ASN B 317 -26.70 27.13 -15.90
C ASN B 317 -26.40 26.21 -14.72
N ILE B 318 -25.46 26.60 -13.87
CA ILE B 318 -25.11 25.75 -12.73
C ILE B 318 -25.04 26.49 -11.39
N ARG B 319 -25.59 25.86 -10.34
CA ARG B 319 -25.63 26.45 -8.99
C ARG B 319 -25.35 25.47 -7.85
N ARG B 320 -24.61 25.91 -6.85
CA ARG B 320 -24.31 25.10 -5.67
C ARG B 320 -25.45 25.26 -4.66
N GLU B 321 -26.10 24.17 -4.34
CA GLU B 321 -27.17 24.27 -3.39
C GLU B 321 -26.52 24.31 -2.01
N GLU B 322 -27.16 25.02 -1.07
CA GLU B 322 -26.67 25.10 0.29
C GLU B 322 -27.56 24.20 1.15
N LYS B 323 -28.66 23.76 0.55
CA LYS B 323 -29.55 22.80 1.20
C LYS B 323 -28.76 21.51 1.09
N THR B 324 -29.07 20.51 1.91
CA THR B 324 -28.36 19.24 1.82
C THR B 324 -28.83 18.41 0.64
N PHE B 325 -28.05 17.41 0.28
CA PHE B 325 -28.38 16.52 -0.81
C PHE B 325 -29.77 15.89 -0.61
N LEU B 326 -30.07 15.42 0.61
CA LEU B 326 -31.38 14.80 0.87
C LEU B 326 -32.53 15.80 0.71
N GLU B 327 -32.24 17.05 1.05
CA GLU B 327 -33.22 18.13 0.94
C GLU B 327 -33.36 18.46 -0.54
N VAL B 328 -32.23 18.61 -1.22
CA VAL B 328 -32.30 18.91 -2.64
C VAL B 328 -33.00 17.81 -3.40
N VAL B 329 -32.76 16.56 -3.00
CA VAL B 329 -33.35 15.40 -3.66
C VAL B 329 -34.86 15.32 -3.38
N ALA B 330 -35.25 15.63 -2.15
CA ALA B 330 -36.65 15.61 -1.76
C ALA B 330 -37.44 16.65 -2.61
N GLU B 331 -37.07 17.91 -2.47
CA GLU B 331 -37.65 18.98 -3.24
C GLU B 331 -37.63 18.72 -4.76
N SER B 332 -36.69 17.93 -5.27
CA SER B 332 -36.63 17.69 -6.70
C SER B 332 -37.74 16.78 -7.09
N LEU B 333 -38.33 16.16 -6.08
CA LEU B 333 -39.40 15.21 -6.32
C LEU B 333 -40.78 15.63 -5.83
N GLY B 334 -40.90 16.90 -5.43
CA GLY B 334 -42.15 17.44 -4.91
C GLY B 334 -42.32 17.17 -3.41
N LEU B 335 -41.54 16.20 -2.90
CA LEU B 335 -41.53 15.76 -1.51
C LEU B 335 -40.98 16.74 -0.45
N LYS B 336 -41.66 16.76 0.70
CA LYS B 336 -41.30 17.59 1.87
C LYS B 336 -39.89 17.24 2.33
N LYS B 337 -39.66 15.93 2.51
CA LYS B 337 -38.35 15.40 2.87
C LYS B 337 -38.39 13.94 2.46
N LEU B 338 -37.29 13.25 2.69
CA LEU B 338 -37.28 11.83 2.40
C LEU B 338 -37.14 11.12 3.72
N ARG B 339 -37.76 9.94 3.79
CA ARG B 339 -37.64 9.14 4.99
C ARG B 339 -36.31 8.45 4.72
N VAL B 340 -35.49 8.43 5.74
CA VAL B 340 -34.15 7.88 5.63
C VAL B 340 -33.77 6.77 6.64
N VAL B 341 -33.22 5.69 6.09
CA VAL B 341 -32.73 4.56 6.89
C VAL B 341 -31.21 4.63 6.78
N GLU B 342 -30.51 4.85 7.88
CA GLU B 342 -29.06 4.91 7.74
C GLU B 342 -28.51 3.50 7.82
N THR B 343 -27.36 3.27 7.19
CA THR B 343 -26.67 1.98 7.24
C THR B 343 -25.16 2.18 6.99
N GLY B 344 -24.32 1.38 7.65
CA GLY B 344 -22.89 1.54 7.45
C GLY B 344 -22.26 2.64 8.27
N ALA B 349 -24.00 1.01 16.09
CA ALA B 349 -23.41 1.69 17.24
C ALA B 349 -24.31 1.58 18.46
N ALA B 350 -25.58 1.24 18.22
CA ALA B 350 -26.55 1.09 19.32
C ALA B 350 -27.17 -0.30 19.33
N GLU B 351 -27.97 -0.55 18.32
CA GLU B 351 -28.65 -1.83 18.17
C GLU B 351 -27.92 -2.82 17.24
N ARG B 352 -27.12 -2.27 16.32
CA ARG B 352 -26.37 -3.04 15.34
C ARG B 352 -25.61 -4.19 16.01
N GLU B 353 -26.08 -5.44 15.85
CA GLU B 353 -25.36 -6.56 16.46
C GLU B 353 -23.97 -6.67 15.81
N GLN B 354 -23.86 -6.30 14.54
CA GLN B 354 -22.56 -6.34 13.92
C GLN B 354 -22.51 -5.24 12.91
N TRP B 355 -21.41 -5.15 12.18
CA TRP B 355 -21.30 -4.13 11.15
C TRP B 355 -21.99 -4.66 9.90
N ASP B 356 -22.64 -3.79 9.15
CA ASP B 356 -23.24 -4.22 7.88
C ASP B 356 -23.43 -2.96 7.06
N ASP B 357 -23.58 -3.11 5.75
CA ASP B 357 -23.80 -1.92 4.95
C ASP B 357 -25.02 -2.12 4.02
N GLY B 358 -26.19 -1.65 4.45
CA GLY B 358 -27.47 -1.88 3.73
C GLY B 358 -27.64 -1.31 2.29
N ASN B 359 -26.75 -0.47 1.81
CA ASN B 359 -26.96 0.10 0.49
C ASN B 359 -26.78 -0.85 -0.71
N ASN B 360 -27.03 -0.33 -1.89
CA ASN B 360 -26.98 -1.08 -3.14
C ASN B 360 -27.99 -2.22 -3.37
N VAL B 361 -29.15 -2.15 -2.74
CA VAL B 361 -30.20 -3.14 -2.97
C VAL B 361 -30.95 -2.66 -4.23
N VAL B 362 -31.44 -3.55 -5.06
CA VAL B 362 -32.13 -3.11 -6.26
C VAL B 362 -33.61 -3.16 -6.09
N CYS B 363 -34.28 -2.23 -6.75
CA CYS B 363 -35.72 -2.17 -6.67
C CYS B 363 -36.42 -2.98 -7.76
N LEU B 364 -37.51 -3.66 -7.40
CA LEU B 364 -38.28 -4.40 -8.35
C LEU B 364 -39.57 -3.61 -8.62
N GLU B 365 -39.97 -2.86 -7.61
CA GLU B 365 -41.18 -2.04 -7.66
C GLU B 365 -41.21 -1.30 -6.33
N PRO B 366 -41.96 -0.20 -6.25
CA PRO B 366 -42.04 0.55 -5.00
C PRO B 366 -42.11 -0.41 -3.86
N GLY B 367 -41.36 -0.12 -2.79
CA GLY B 367 -41.37 -0.92 -1.59
C GLY B 367 -40.94 -2.38 -1.61
N VAL B 368 -40.48 -2.88 -2.76
CA VAL B 368 -40.03 -4.28 -2.88
C VAL B 368 -38.59 -4.29 -3.35
N VAL B 369 -37.72 -4.85 -2.52
CA VAL B 369 -36.29 -4.80 -2.79
C VAL B 369 -35.61 -6.14 -2.72
N VAL B 370 -34.52 -6.26 -3.48
CA VAL B 370 -33.68 -7.46 -3.48
C VAL B 370 -32.42 -7.05 -2.75
N GLY B 371 -32.07 -7.80 -1.71
CA GLY B 371 -30.88 -7.44 -0.94
C GLY B 371 -30.00 -8.61 -0.61
N TYR B 372 -29.03 -8.39 0.24
CA TYR B 372 -28.11 -9.45 0.64
C TYR B 372 -28.46 -10.02 2.01
N ASP B 373 -28.44 -11.35 2.07
CA ASP B 373 -28.73 -12.13 3.27
C ASP B 373 -27.80 -11.77 4.47
N ARG B 374 -26.56 -11.39 4.18
CA ARG B 374 -25.63 -11.04 5.23
C ARG B 374 -25.98 -9.70 5.92
N ASN B 375 -26.77 -8.84 5.27
CA ASN B 375 -27.13 -7.55 5.87
C ASN B 375 -28.40 -7.58 6.68
N THR B 376 -28.41 -8.44 7.68
CA THR B 376 -29.57 -8.62 8.52
C THR B 376 -30.00 -7.42 9.34
N TYR B 377 -29.05 -6.58 9.77
CA TYR B 377 -29.48 -5.42 10.54
C TYR B 377 -30.28 -4.41 9.73
N THR B 378 -29.68 -3.95 8.64
CA THR B 378 -30.29 -2.98 7.75
C THR B 378 -31.55 -3.52 7.16
N ASN B 379 -31.51 -4.83 6.88
CA ASN B 379 -32.64 -5.53 6.25
C ASN B 379 -33.89 -5.43 7.08
N THR B 380 -33.71 -5.60 8.38
CA THR B 380 -34.81 -5.50 9.31
C THR B 380 -35.28 -4.07 9.23
N LEU B 381 -34.37 -3.13 9.52
CA LEU B 381 -34.68 -1.67 9.45
C LEU B 381 -35.52 -1.24 8.23
N LEU B 382 -35.29 -1.91 7.11
CA LEU B 382 -36.06 -1.59 5.90
C LEU B 382 -37.45 -2.21 5.98
N ARG B 383 -37.56 -3.37 6.62
CA ARG B 383 -38.86 -4.01 6.72
C ARG B 383 -39.70 -3.15 7.66
N LYS B 384 -39.11 -2.77 8.77
CA LYS B 384 -39.89 -1.99 9.69
C LYS B 384 -40.39 -0.76 9.00
N ALA B 385 -39.55 -0.21 8.13
CA ALA B 385 -39.88 1.00 7.34
C ALA B 385 -40.91 0.70 6.22
N GLY B 386 -41.34 -0.57 6.14
CA GLY B 386 -42.34 -1.00 5.17
C GLY B 386 -41.90 -1.69 3.88
N VAL B 387 -40.62 -2.02 3.75
CA VAL B 387 -40.16 -2.62 2.51
C VAL B 387 -40.01 -4.10 2.58
N GLU B 388 -40.48 -4.76 1.54
CA GLU B 388 -40.35 -6.21 1.44
C GLU B 388 -38.89 -6.45 0.95
N VAL B 389 -38.10 -7.18 1.74
CA VAL B 389 -36.75 -7.49 1.33
C VAL B 389 -36.61 -8.98 0.95
N ILE B 390 -36.34 -9.23 -0.33
CA ILE B 390 -36.13 -10.59 -0.86
C ILE B 390 -34.61 -10.67 -0.93
N THR B 391 -33.99 -11.60 -0.21
CA THR B 391 -32.55 -11.66 -0.20
C THR B 391 -31.98 -12.73 -1.08
N ILE B 392 -30.66 -12.66 -1.19
CA ILE B 392 -29.89 -13.57 -1.98
C ILE B 392 -28.53 -13.66 -1.32
N SER B 393 -27.72 -14.63 -1.71
CA SER B 393 -26.42 -14.82 -1.07
C SER B 393 -25.26 -13.97 -1.56
N ALA B 394 -24.56 -13.39 -0.60
CA ALA B 394 -23.38 -12.57 -0.87
C ALA B 394 -22.05 -13.27 -0.58
N SER B 395 -22.04 -14.58 -0.39
CA SER B 395 -20.77 -15.28 -0.06
C SER B 395 -19.75 -15.17 -1.17
N GLU B 396 -20.21 -15.32 -2.41
CA GLU B 396 -19.31 -15.16 -3.54
C GLU B 396 -19.60 -13.87 -4.32
N LEU B 397 -20.90 -13.51 -4.49
CA LEU B 397 -21.29 -12.27 -5.20
C LEU B 397 -20.90 -11.01 -4.44
N GLY B 398 -20.95 -11.05 -3.11
CA GLY B 398 -20.62 -9.91 -2.28
C GLY B 398 -19.14 -9.70 -2.10
N ARG B 399 -18.34 -10.64 -2.64
CA ARG B 399 -16.87 -10.53 -2.62
C ARG B 399 -16.55 -9.63 -3.83
N GLY B 400 -17.42 -8.65 -4.01
CA GLY B 400 -17.31 -7.67 -5.08
C GLY B 400 -17.82 -6.34 -4.53
N ARG B 401 -18.27 -6.38 -3.27
CA ARG B 401 -18.78 -5.22 -2.54
C ARG B 401 -20.03 -4.63 -3.21
N GLY B 402 -20.19 -4.91 -4.50
CA GLY B 402 -21.35 -4.40 -5.20
C GLY B 402 -22.55 -5.23 -4.87
N GLY B 403 -23.73 -4.61 -4.83
CA GLY B 403 -24.96 -5.33 -4.53
C GLY B 403 -25.86 -5.60 -5.73
N GLY B 404 -27.14 -5.78 -5.45
CA GLY B 404 -28.05 -6.08 -6.52
C GLY B 404 -28.13 -4.92 -7.48
N HIS B 405 -27.91 -3.71 -6.97
CA HIS B 405 -27.95 -2.55 -7.83
C HIS B 405 -26.73 -2.57 -8.75
N CYS B 406 -25.61 -3.14 -8.30
CA CYS B 406 -24.40 -3.18 -9.10
C CYS B 406 -24.48 -4.34 -10.14
N MET B 407 -25.23 -5.34 -9.77
CA MET B 407 -25.42 -6.47 -10.66
C MET B 407 -26.62 -6.30 -11.62
N THR B 408 -27.17 -5.08 -11.72
CA THR B 408 -28.28 -4.87 -12.62
C THR B 408 -28.19 -3.59 -13.43
N CYS B 409 -28.64 -3.66 -14.68
CA CYS B 409 -28.66 -2.49 -15.55
C CYS B 409 -30.11 -2.45 -16.00
N PRO B 410 -30.92 -1.67 -15.33
CA PRO B 410 -32.34 -1.56 -15.76
C PRO B 410 -32.49 -1.22 -17.17
N ILE B 411 -33.46 -1.80 -17.84
CA ILE B 411 -33.63 -1.38 -19.22
C ILE B 411 -35.00 -0.77 -19.44
N VAL B 412 -36.00 -1.34 -18.81
CA VAL B 412 -37.37 -0.83 -18.94
C VAL B 412 -37.90 -0.72 -17.56
N ARG B 413 -38.42 0.42 -17.21
CA ARG B 413 -38.93 0.56 -15.85
C ARG B 413 -39.82 1.79 -15.80
N ASP B 414 -41.05 1.60 -15.30
CA ASP B 414 -42.04 2.67 -15.27
C ASP B 414 -41.68 3.70 -14.24
N PRO B 415 -42.30 4.87 -14.36
CA PRO B 415 -42.09 6.00 -13.45
C PRO B 415 -43.17 6.02 -12.37
N ILE B 416 -43.24 7.14 -11.64
CA ILE B 416 -44.26 7.34 -10.60
C ILE B 416 -44.67 8.81 -10.57
N ASP B 417 -45.83 9.05 -9.99
CA ASP B 417 -46.43 10.38 -9.86
C ASP B 417 -45.81 11.33 -8.81
N TYR B 418 -45.12 12.37 -9.28
CA TYR B 418 -44.50 13.34 -8.37
C TYR B 418 -45.08 14.77 -8.56
N LYS C 7 23.29 14.74 -40.76
CA LYS C 7 21.81 14.48 -40.65
C LYS C 7 21.41 13.99 -39.24
N LEU C 8 20.16 14.23 -38.87
CA LEU C 8 19.71 13.80 -37.54
C LEU C 8 19.74 12.30 -37.42
N GLY C 9 20.19 11.81 -36.28
CA GLY C 9 20.25 10.39 -36.02
C GLY C 9 21.12 10.05 -34.82
N VAL C 10 20.86 8.90 -34.25
CA VAL C 10 21.61 8.45 -33.11
C VAL C 10 22.07 7.10 -33.55
N HIS C 11 23.38 6.94 -33.69
CA HIS C 11 23.95 5.69 -34.18
C HIS C 11 24.63 4.75 -33.23
N SER C 12 24.60 5.10 -31.95
CA SER C 12 25.19 4.30 -30.85
C SER C 12 24.81 4.90 -29.50
N GLU C 13 25.20 4.21 -28.44
CA GLU C 13 24.92 4.72 -27.11
C GLU C 13 26.09 5.52 -26.58
N ALA C 14 27.31 5.09 -26.91
CA ALA C 14 28.56 5.70 -26.45
C ALA C 14 29.26 6.60 -27.47
N GLY C 15 28.70 6.71 -28.66
CA GLY C 15 29.26 7.54 -29.71
C GLY C 15 29.38 8.99 -29.31
N LYS C 16 29.93 9.83 -30.17
CA LYS C 16 30.09 11.24 -29.83
C LYS C 16 28.73 11.95 -29.84
N LEU C 17 28.38 12.60 -28.73
CA LEU C 17 27.08 13.29 -28.68
C LEU C 17 27.24 14.71 -29.17
N ARG C 18 26.50 15.07 -30.21
CA ARG C 18 26.64 16.41 -30.75
C ARG C 18 25.41 17.32 -30.57
N LYS C 19 24.24 16.71 -30.51
CA LYS C 19 23.01 17.46 -30.34
C LYS C 19 22.07 16.64 -29.45
N VAL C 20 21.72 17.21 -28.28
CA VAL C 20 20.84 16.56 -27.32
C VAL C 20 19.71 17.44 -26.96
N MET C 21 18.65 16.81 -26.46
CA MET C 21 17.50 17.59 -26.00
C MET C 21 17.23 17.23 -24.56
N VAL C 22 17.04 18.25 -23.77
CA VAL C 22 16.77 18.09 -22.37
C VAL C 22 15.58 19.03 -22.06
N CYS C 23 15.21 19.09 -20.78
CA CYS C 23 14.12 19.95 -20.34
C CYS C 23 14.23 20.18 -18.87
N SER C 24 14.50 21.42 -18.50
CA SER C 24 14.62 21.81 -17.10
C SER C 24 13.29 21.83 -16.30
N PRO C 25 13.40 21.65 -14.97
CA PRO C 25 12.26 21.64 -14.02
C PRO C 25 11.59 23.04 -14.04
N GLY C 26 10.37 23.16 -13.58
CA GLY C 26 9.75 24.49 -13.65
C GLY C 26 8.34 24.52 -13.10
N LEU C 27 7.50 25.36 -13.69
CA LEU C 27 6.13 25.47 -13.21
C LEU C 27 5.49 24.11 -12.92
N ALA C 28 5.71 23.13 -13.79
CA ALA C 28 5.14 21.81 -13.58
C ALA C 28 5.47 21.35 -12.15
N HIS C 29 6.71 21.61 -11.76
CA HIS C 29 7.19 21.19 -10.46
C HIS C 29 6.74 22.12 -9.32
N GLN C 30 6.57 23.40 -9.61
CA GLN C 30 6.16 24.32 -8.60
C GLN C 30 4.78 23.92 -8.13
N ARG C 31 4.04 23.29 -9.02
CA ARG C 31 2.70 22.87 -8.71
C ARG C 31 2.63 21.58 -7.87
N LEU C 32 3.72 20.81 -7.83
CA LEU C 32 3.73 19.55 -7.09
C LEU C 32 3.39 19.77 -5.60
N THR C 33 2.62 18.84 -5.04
CA THR C 33 2.19 18.89 -3.65
C THR C 33 2.26 17.47 -3.14
N PRO C 34 2.52 17.30 -1.84
CA PRO C 34 2.58 15.97 -1.25
C PRO C 34 1.31 15.20 -1.58
N SER C 35 0.28 15.94 -1.94
CA SER C 35 -0.96 15.33 -2.30
C SER C 35 -1.10 14.95 -3.78
N ASN C 36 -0.95 15.92 -4.66
CA ASN C 36 -1.09 15.64 -6.09
C ASN C 36 0.17 14.94 -6.56
N CYS C 37 1.06 14.75 -5.60
CA CYS C 37 2.31 14.11 -5.88
C CYS C 37 2.12 12.81 -6.71
N ASP C 38 1.35 11.85 -6.22
CA ASP C 38 1.21 10.59 -6.97
C ASP C 38 0.23 10.74 -8.12
N GLU C 39 -0.81 11.50 -7.86
CA GLU C 39 -1.78 11.77 -8.89
C GLU C 39 -0.97 12.14 -10.17
N LEU C 40 -0.04 13.10 -10.01
CA LEU C 40 0.80 13.57 -11.11
C LEU C 40 1.93 12.66 -11.58
N LEU C 41 2.01 11.45 -11.02
CA LEU C 41 3.02 10.48 -11.45
C LEU C 41 4.47 10.96 -11.25
N PHE C 42 4.77 11.54 -10.09
CA PHE C 42 6.07 12.03 -9.73
C PHE C 42 6.33 11.59 -8.28
N ASP C 43 7.42 10.86 -8.07
CA ASP C 43 7.76 10.34 -6.74
C ASP C 43 7.69 11.36 -5.60
N ASP C 44 8.38 12.50 -5.73
CA ASP C 44 8.35 13.44 -4.64
C ASP C 44 8.36 14.90 -5.06
N VAL C 45 8.09 15.75 -4.08
CA VAL C 45 8.10 17.17 -4.26
C VAL C 45 9.51 17.76 -4.13
N ILE C 46 10.13 18.14 -5.24
CA ILE C 46 11.48 18.71 -5.18
C ILE C 46 11.53 20.21 -4.81
N TRP C 47 12.76 20.70 -4.65
CA TRP C 47 13.01 22.11 -4.35
C TRP C 47 13.23 22.66 -5.74
N VAL C 48 12.23 23.31 -6.28
CA VAL C 48 12.32 23.79 -7.65
C VAL C 48 13.44 24.71 -8.09
N ASN C 49 13.61 25.83 -7.42
CA ASN C 49 14.65 26.76 -7.84
C ASN C 49 16.04 26.13 -7.84
N GLN C 50 16.34 25.46 -6.73
CA GLN C 50 17.60 24.75 -6.55
C GLN C 50 17.79 23.69 -7.65
N ALA C 51 16.69 23.02 -7.94
CA ALA C 51 16.66 21.98 -8.98
C ALA C 51 16.94 22.55 -10.35
N LYS C 52 16.54 23.81 -10.57
CA LYS C 52 16.78 24.41 -11.89
C LYS C 52 18.24 24.73 -12.04
N ARG C 53 18.85 25.19 -10.94
CA ARG C 53 20.26 25.52 -10.96
C ARG C 53 21.10 24.26 -11.25
N ASP C 54 20.75 23.16 -10.62
CA ASP C 54 21.53 22.00 -10.84
C ASP C 54 21.39 21.64 -12.29
N HIS C 55 20.23 22.00 -12.85
CA HIS C 55 20.01 21.64 -14.24
C HIS C 55 20.87 22.46 -15.17
N PHE C 56 20.76 23.78 -15.05
CA PHE C 56 21.53 24.69 -15.90
C PHE C 56 23.00 24.31 -15.85
N ASP C 57 23.41 23.81 -14.69
CA ASP C 57 24.75 23.38 -14.45
C ASP C 57 25.02 22.22 -15.38
N PHE C 58 24.15 21.20 -15.33
CA PHE C 58 24.21 19.99 -16.17
C PHE C 58 24.15 20.42 -17.62
N VAL C 59 23.41 21.48 -17.88
CA VAL C 59 23.31 21.96 -19.23
C VAL C 59 24.62 22.61 -19.66
N THR C 60 25.17 23.43 -18.79
CA THR C 60 26.41 24.12 -19.11
C THR C 60 27.58 23.18 -19.25
N LYS C 61 27.61 22.13 -18.43
CA LYS C 61 28.72 21.20 -18.54
C LYS C 61 28.82 20.59 -19.93
N MET C 62 27.71 20.09 -20.48
CA MET C 62 27.75 19.48 -21.82
C MET C 62 28.01 20.52 -22.90
N ARG C 63 27.54 21.73 -22.66
CA ARG C 63 27.75 22.80 -23.61
C ARG C 63 29.23 23.16 -23.69
N GLU C 64 29.91 23.07 -22.54
CA GLU C 64 31.34 23.35 -22.47
C GLU C 64 32.08 22.35 -23.38
N ARG C 65 31.71 21.08 -23.28
CA ARG C 65 32.30 20.04 -24.14
C ARG C 65 31.83 20.26 -25.60
N GLY C 66 31.27 21.42 -25.89
CA GLY C 66 30.84 21.67 -27.25
C GLY C 66 29.57 21.02 -27.78
N ILE C 67 28.90 20.20 -26.98
CA ILE C 67 27.68 19.57 -27.45
C ILE C 67 26.59 20.62 -27.68
N ASP C 68 25.63 20.30 -28.53
CA ASP C 68 24.56 21.24 -28.75
C ASP C 68 23.49 20.74 -27.81
N VAL C 69 23.03 21.65 -26.96
CA VAL C 69 22.02 21.27 -26.02
C VAL C 69 20.77 22.08 -26.24
N LEU C 70 19.72 21.38 -26.65
CA LEU C 70 18.43 22.00 -26.91
C LEU C 70 17.52 21.82 -25.70
N GLU C 71 17.00 22.92 -25.17
CA GLU C 71 16.10 22.87 -24.05
C GLU C 71 14.64 23.02 -24.52
N MET C 72 13.84 21.98 -24.24
CA MET C 72 12.43 21.91 -24.61
C MET C 72 11.61 23.22 -24.56
N HIS C 73 11.68 23.93 -23.46
CA HIS C 73 10.94 25.15 -23.36
C HIS C 73 11.27 26.12 -24.50
N ASN C 74 12.54 26.18 -24.87
CA ASN C 74 12.99 27.04 -25.95
C ASN C 74 12.43 26.59 -27.29
N LEU C 75 12.51 25.29 -27.57
CA LEU C 75 11.95 24.74 -28.79
C LEU C 75 10.43 25.01 -28.87
N LEU C 76 9.71 24.76 -27.77
CA LEU C 76 8.29 24.95 -27.72
C LEU C 76 7.87 26.38 -27.96
N THR C 77 8.69 27.27 -27.37
CA THR C 77 8.46 28.72 -27.41
C THR C 77 8.66 29.17 -28.84
N GLU C 78 9.75 28.68 -29.44
CA GLU C 78 10.03 29.04 -30.80
C GLU C 78 8.94 28.46 -31.65
N THR C 79 8.68 27.17 -31.42
CA THR C 79 7.63 26.41 -32.13
C THR C 79 6.22 27.05 -32.14
N ILE C 80 5.70 27.48 -30.98
CA ILE C 80 4.36 28.08 -30.99
C ILE C 80 4.26 29.49 -31.51
N GLN C 81 5.34 29.96 -32.12
CA GLN C 81 5.34 31.29 -32.71
C GLN C 81 4.78 31.11 -34.12
N ASN C 82 4.68 29.84 -34.51
CA ASN C 82 4.13 29.42 -35.81
C ASN C 82 2.66 29.10 -35.51
N PRO C 83 1.79 30.09 -35.73
CA PRO C 83 0.35 29.96 -35.46
C PRO C 83 -0.19 28.59 -35.85
N GLU C 84 0.28 28.06 -36.97
CA GLU C 84 -0.19 26.77 -37.40
C GLU C 84 0.26 25.74 -36.37
N ALA C 85 1.46 25.92 -35.80
CA ALA C 85 2.00 24.98 -34.82
C ALA C 85 1.17 25.06 -33.58
N LEU C 86 0.73 26.26 -33.23
CA LEU C 86 -0.09 26.43 -32.05
C LEU C 86 -1.49 25.84 -32.24
N LYS C 87 -2.06 26.04 -33.41
CA LYS C 87 -3.40 25.54 -33.73
C LYS C 87 -3.33 24.03 -33.58
N TRP C 88 -2.27 23.44 -34.16
CA TRP C 88 -2.06 22.02 -34.09
C TRP C 88 -2.16 21.43 -32.68
N ILE C 89 -1.51 22.10 -31.73
CA ILE C 89 -1.52 21.64 -30.36
C ILE C 89 -2.83 21.96 -29.62
N LEU C 90 -3.17 23.25 -29.54
CA LEU C 90 -4.40 23.63 -28.86
C LEU C 90 -5.62 22.81 -29.34
N ASP C 91 -5.77 22.55 -30.64
CA ASP C 91 -6.88 21.72 -31.17
C ASP C 91 -6.87 20.30 -30.51
N ARG C 92 -5.68 19.83 -30.11
CA ARG C 92 -5.63 18.53 -29.50
C ARG C 92 -5.63 18.60 -27.97
N LYS C 93 -5.15 19.72 -27.44
CA LYS C 93 -5.03 19.85 -26.01
C LYS C 93 -6.25 20.48 -25.34
N ILE C 94 -7.02 21.23 -26.11
CA ILE C 94 -8.18 21.88 -25.55
C ILE C 94 -9.46 21.45 -26.25
N THR C 95 -10.08 20.42 -25.68
CA THR C 95 -11.29 19.79 -26.10
C THR C 95 -12.21 19.73 -24.92
N ALA C 96 -13.47 19.45 -25.20
CA ALA C 96 -14.51 19.32 -24.19
C ALA C 96 -14.17 18.15 -23.24
N ASP C 97 -13.51 17.12 -23.77
CA ASP C 97 -13.11 15.95 -23.00
C ASP C 97 -11.93 16.20 -22.08
N SER C 98 -11.12 17.20 -22.39
CA SER C 98 -9.97 17.51 -21.57
C SER C 98 -10.22 18.68 -20.63
N VAL C 99 -10.98 19.67 -21.08
CA VAL C 99 -11.25 20.79 -20.20
C VAL C 99 -12.72 20.91 -19.83
N GLY C 100 -13.60 20.43 -20.71
CA GLY C 100 -15.02 20.48 -20.38
C GLY C 100 -15.62 21.59 -21.18
N LEU C 101 -16.90 21.45 -21.47
CA LEU C 101 -17.65 22.41 -22.24
C LEU C 101 -17.55 23.89 -21.86
N GLY C 102 -17.63 24.16 -20.55
CA GLY C 102 -17.60 25.52 -20.07
C GLY C 102 -16.31 26.30 -20.08
N LEU C 103 -15.19 25.60 -20.25
CA LEU C 103 -13.89 26.28 -20.23
C LEU C 103 -13.02 26.28 -21.47
N THR C 104 -13.36 25.51 -22.48
CA THR C 104 -12.51 25.49 -23.66
C THR C 104 -12.38 26.85 -24.34
N SER C 105 -13.43 27.68 -24.30
CA SER C 105 -13.32 28.99 -24.91
C SER C 105 -12.50 30.03 -24.15
N GLU C 106 -12.83 30.28 -22.89
CA GLU C 106 -12.05 31.26 -22.14
C GLU C 106 -10.58 30.88 -21.99
N LEU C 107 -10.31 29.58 -21.89
CA LEU C 107 -8.93 29.10 -21.72
C LEU C 107 -8.13 29.26 -23.00
N ARG C 108 -8.64 28.77 -24.12
CA ARG C 108 -7.88 28.93 -25.38
C ARG C 108 -7.71 30.41 -25.67
N SER C 109 -8.76 31.19 -25.42
CA SER C 109 -8.69 32.62 -25.63
C SER C 109 -7.50 33.18 -24.85
N TRP C 110 -7.52 32.94 -23.54
CA TRP C 110 -6.47 33.39 -22.60
C TRP C 110 -5.04 32.89 -22.86
N LEU C 111 -4.88 31.71 -23.45
CA LEU C 111 -3.53 31.20 -23.74
C LEU C 111 -3.10 31.81 -25.04
N GLU C 112 -4.02 31.90 -26.00
CA GLU C 112 -3.66 32.45 -27.30
C GLU C 112 -3.14 33.89 -27.19
N SER C 113 -3.55 34.58 -26.12
CA SER C 113 -3.17 35.93 -25.80
C SER C 113 -1.86 36.07 -25.01
N LEU C 114 -1.23 34.96 -24.69
CA LEU C 114 0.00 35.03 -23.92
C LEU C 114 1.23 35.16 -24.79
N GLU C 115 2.28 35.73 -24.23
CA GLU C 115 3.55 35.88 -24.97
C GLU C 115 4.17 34.45 -24.95
N PRO C 116 4.74 34.03 -26.08
CA PRO C 116 5.37 32.71 -26.26
C PRO C 116 6.07 32.03 -25.06
N ARG C 117 7.02 32.72 -24.44
CA ARG C 117 7.69 32.11 -23.31
C ARG C 117 6.67 31.74 -22.21
N LYS C 118 5.81 32.68 -21.84
CA LYS C 118 4.79 32.37 -20.83
C LYS C 118 3.95 31.20 -21.34
N LEU C 119 3.58 31.23 -22.61
CA LEU C 119 2.75 30.16 -23.13
C LEU C 119 3.43 28.79 -23.02
N ALA C 120 4.68 28.68 -23.46
CA ALA C 120 5.38 27.40 -23.36
C ALA C 120 5.42 26.98 -21.88
N GLU C 121 5.51 27.97 -20.99
CA GLU C 121 5.57 27.65 -19.60
C GLU C 121 4.34 26.89 -19.18
N TYR C 122 3.19 27.45 -19.52
CA TYR C 122 1.98 26.81 -19.12
C TYR C 122 1.81 25.51 -19.83
N LEU C 123 1.94 25.55 -21.14
CA LEU C 123 1.75 24.35 -21.91
C LEU C 123 2.46 23.19 -21.23
N ILE C 124 3.61 23.47 -20.59
CA ILE C 124 4.34 22.39 -19.92
C ILE C 124 3.89 22.31 -18.47
N GLY C 125 3.94 23.45 -17.79
CA GLY C 125 3.52 23.45 -16.40
C GLY C 125 2.04 23.38 -16.04
N GLY C 126 1.14 23.29 -17.00
CA GLY C 126 -0.26 23.25 -16.59
C GLY C 126 -0.82 24.61 -16.18
N VAL C 127 -2.13 24.66 -16.04
CA VAL C 127 -2.81 25.90 -15.69
C VAL C 127 -3.78 25.64 -14.58
N ALA C 128 -3.76 26.50 -13.57
CA ALA C 128 -4.71 26.31 -12.48
C ALA C 128 -5.88 27.29 -12.66
N ALA C 129 -6.99 26.98 -11.98
CA ALA C 129 -8.17 27.83 -12.03
C ALA C 129 -7.76 29.28 -11.71
N ASP C 130 -6.83 29.41 -10.77
CA ASP C 130 -6.33 30.69 -10.28
C ASP C 130 -5.65 31.54 -11.32
N ASP C 131 -5.05 30.88 -12.32
CA ASP C 131 -4.30 31.53 -13.39
C ASP C 131 -5.25 32.25 -14.34
N LEU C 132 -6.49 31.80 -14.36
CA LEU C 132 -7.49 32.39 -15.23
C LEU C 132 -8.20 33.65 -14.70
N PRO C 133 -8.38 34.63 -15.61
CA PRO C 133 -9.06 35.89 -15.29
C PRO C 133 -10.46 35.47 -14.85
N ALA C 134 -10.98 36.12 -13.82
CA ALA C 134 -12.31 35.85 -13.30
C ALA C 134 -13.32 35.45 -14.38
N SER C 135 -14.14 34.45 -14.08
CA SER C 135 -15.20 33.97 -14.98
C SER C 135 -16.07 33.01 -14.17
N GLU C 136 -17.24 32.66 -14.72
CA GLU C 136 -18.00 31.56 -14.07
C GLU C 136 -17.14 30.32 -13.95
N GLY C 137 -16.76 29.77 -15.11
CA GLY C 137 -15.92 28.58 -15.19
C GLY C 137 -14.80 28.54 -14.16
N ALA C 138 -13.87 29.48 -14.25
CA ALA C 138 -12.78 29.51 -13.29
C ALA C 138 -13.35 29.28 -11.90
N ASN C 139 -14.38 30.07 -11.55
CA ASN C 139 -15.04 29.97 -10.24
C ASN C 139 -15.68 28.62 -9.93
N ILE C 140 -16.38 28.08 -10.92
CA ILE C 140 -17.02 26.77 -10.80
C ILE C 140 -15.94 25.77 -10.40
N LEU C 141 -14.82 25.85 -11.10
CA LEU C 141 -13.66 25.01 -10.87
C LEU C 141 -13.11 25.19 -9.45
N LYS C 142 -12.96 26.44 -9.04
CA LYS C 142 -12.45 26.77 -7.72
C LYS C 142 -13.41 26.25 -6.65
N MET C 143 -14.69 26.34 -6.96
CA MET C 143 -15.75 25.90 -6.07
C MET C 143 -15.66 24.39 -5.78
N TYR C 144 -15.54 23.57 -6.83
CA TYR C 144 -15.43 22.10 -6.65
C TYR C 144 -14.17 21.83 -5.88
N ARG C 145 -13.14 22.67 -6.16
CA ARG C 145 -11.83 22.56 -5.52
C ARG C 145 -12.00 22.86 -4.04
N GLU C 146 -12.71 23.95 -3.74
CA GLU C 146 -12.91 24.33 -2.35
C GLU C 146 -13.78 23.37 -1.56
N TYR C 147 -14.93 23.02 -2.10
CA TYR C 147 -15.84 22.10 -1.41
C TYR C 147 -15.69 20.58 -1.55
N LEU C 148 -14.95 20.09 -2.54
CA LEU C 148 -14.77 18.64 -2.71
C LEU C 148 -13.31 18.18 -2.76
N GLY C 149 -12.37 19.09 -2.84
CA GLY C 149 -11.01 18.62 -2.95
C GLY C 149 -10.52 18.06 -4.26
N HIS C 150 -11.08 18.44 -5.42
CA HIS C 150 -10.51 17.92 -6.69
C HIS C 150 -9.38 18.85 -7.08
N SER C 151 -8.48 18.36 -7.93
CA SER C 151 -7.37 19.19 -8.40
C SER C 151 -7.99 20.35 -9.21
N SER C 152 -7.49 21.56 -9.02
CA SER C 152 -8.01 22.74 -9.74
C SER C 152 -7.27 22.92 -11.07
N PHE C 153 -6.65 21.84 -11.53
CA PHE C 153 -5.94 21.84 -12.79
C PHE C 153 -6.71 21.80 -14.07
N LEU C 154 -6.83 22.93 -14.75
CA LEU C 154 -7.50 22.90 -16.03
C LEU C 154 -6.65 21.98 -16.92
N LEU C 155 -5.37 22.32 -17.04
CA LEU C 155 -4.39 21.55 -17.82
C LEU C 155 -3.38 21.08 -16.78
N PRO C 156 -3.36 19.78 -16.49
CA PRO C 156 -2.40 19.33 -15.48
C PRO C 156 -1.00 19.51 -15.91
N PRO C 157 -0.11 19.71 -14.95
CA PRO C 157 1.32 19.88 -15.17
C PRO C 157 1.90 18.58 -15.69
N LEU C 158 3.08 18.69 -16.29
CA LEU C 158 3.75 17.55 -16.86
C LEU C 158 5.15 17.59 -16.27
N PRO C 159 5.25 17.36 -14.95
CA PRO C 159 6.53 17.38 -14.31
C PRO C 159 7.57 16.41 -14.87
N ASN C 160 7.16 15.30 -15.47
CA ASN C 160 8.15 14.34 -16.04
C ASN C 160 8.73 14.76 -17.38
N THR C 161 8.41 15.98 -17.84
CA THR C 161 8.93 16.45 -19.11
C THR C 161 10.46 16.50 -18.92
N GLN C 162 10.85 16.79 -17.70
CA GLN C 162 12.25 16.87 -17.35
C GLN C 162 13.06 15.59 -17.75
N PHE C 163 12.39 14.49 -18.02
CA PHE C 163 13.04 13.24 -18.42
C PHE C 163 12.84 13.01 -19.93
N THR C 164 13.27 13.96 -20.72
CA THR C 164 13.14 13.88 -22.15
C THR C 164 13.41 12.52 -22.83
N ARG C 165 14.15 11.63 -22.15
CA ARG C 165 14.44 10.27 -22.69
C ARG C 165 13.24 9.37 -22.95
N ALA C 166 12.22 9.50 -22.10
CA ALA C 166 10.98 8.72 -22.13
C ALA C 166 10.02 8.81 -23.31
N THR C 167 9.74 10.05 -23.73
CA THR C 167 8.76 10.37 -24.77
C THR C 167 9.07 10.12 -26.25
N THR C 168 10.30 10.31 -26.68
CA THR C 168 10.59 10.03 -28.08
C THR C 168 11.94 9.35 -28.07
N CYS C 169 12.19 8.54 -29.10
CA CYS C 169 13.46 7.80 -29.20
C CYS C 169 14.07 7.94 -30.59
N TRP C 170 15.33 8.33 -30.65
CA TRP C 170 16.02 8.42 -31.97
C TRP C 170 16.88 7.17 -32.22
N ILE C 171 16.31 6.25 -32.98
CA ILE C 171 16.95 4.99 -33.35
C ILE C 171 17.55 5.12 -34.77
N TYR C 172 18.86 5.30 -34.83
CA TYR C 172 19.58 5.51 -36.09
C TYR C 172 18.91 6.67 -36.79
N GLY C 173 18.64 6.53 -38.10
CA GLY C 173 18.06 7.60 -38.92
C GLY C 173 16.60 8.02 -38.76
N GLY C 174 15.98 7.51 -37.70
CA GLY C 174 14.61 7.86 -37.42
C GLY C 174 14.28 8.01 -35.95
N VAL C 175 13.06 8.43 -35.67
CA VAL C 175 12.62 8.63 -34.30
C VAL C 175 11.29 7.94 -34.08
N THR C 176 10.95 7.74 -32.81
CA THR C 176 9.66 7.15 -32.40
C THR C 176 9.01 8.15 -31.44
N LEU C 177 7.71 8.35 -31.63
CA LEU C 177 6.87 9.18 -30.78
C LEU C 177 6.23 8.11 -29.92
N ASN C 178 6.76 7.93 -28.71
CA ASN C 178 6.30 6.85 -27.85
C ASN C 178 4.90 6.84 -27.22
N PRO C 179 4.23 5.70 -27.28
CA PRO C 179 2.89 5.64 -26.68
C PRO C 179 3.08 5.26 -25.23
N MET C 180 3.09 6.28 -24.38
CA MET C 180 3.28 6.13 -22.92
C MET C 180 2.26 5.23 -22.21
N TYR C 181 2.79 4.45 -21.26
CA TYR C 181 1.96 3.54 -20.45
C TYR C 181 0.74 4.33 -19.99
N TRP C 182 0.99 5.29 -19.08
CA TRP C 182 -0.05 6.12 -18.46
C TRP C 182 -0.60 7.15 -19.45
N PRO C 183 -1.95 7.15 -19.68
CA PRO C 183 -2.67 8.04 -20.58
C PRO C 183 -2.21 9.48 -20.35
N ALA C 184 -2.22 9.91 -19.08
CA ALA C 184 -1.81 11.26 -18.72
C ALA C 184 -0.48 11.74 -19.33
N ARG C 185 0.57 10.93 -19.25
CA ARG C 185 1.85 11.34 -19.81
C ARG C 185 1.88 11.47 -21.36
N ARG C 186 0.81 11.01 -22.01
CA ARG C 186 0.74 11.14 -23.46
C ARG C 186 0.72 12.66 -23.84
N GLN C 187 0.33 13.53 -22.91
CA GLN C 187 0.34 14.98 -23.19
C GLN C 187 1.74 15.35 -23.58
N GLU C 188 2.71 14.87 -22.80
CA GLU C 188 4.15 15.12 -23.01
C GLU C 188 4.53 14.90 -24.46
N THR C 189 4.27 13.67 -24.93
CA THR C 189 4.55 13.24 -26.29
C THR C 189 3.85 14.12 -27.32
N LEU C 190 2.77 14.76 -26.91
CA LEU C 190 2.05 15.61 -27.83
C LEU C 190 2.93 16.79 -28.12
N LEU C 191 3.37 17.45 -27.06
CA LEU C 191 4.21 18.62 -27.16
C LEU C 191 5.47 18.35 -27.98
N THR C 192 6.10 17.18 -27.79
CA THR C 192 7.33 16.96 -28.53
C THR C 192 7.04 16.77 -30.00
N THR C 193 6.03 15.96 -30.29
CA THR C 193 5.66 15.74 -31.68
C THR C 193 5.51 17.13 -32.38
N ALA C 194 4.78 18.03 -31.73
CA ALA C 194 4.58 19.37 -32.27
C ALA C 194 5.91 19.94 -32.68
N ILE C 195 6.90 19.88 -31.78
CA ILE C 195 8.22 20.45 -32.08
C ILE C 195 8.89 19.72 -33.27
N TYR C 196 8.77 18.40 -33.29
CA TYR C 196 9.37 17.67 -34.35
C TYR C 196 8.61 18.03 -35.64
N LYS C 197 7.36 18.44 -35.52
CA LYS C 197 6.62 18.77 -36.74
C LYS C 197 6.90 20.18 -37.24
N PHE C 198 6.92 21.17 -36.36
CA PHE C 198 7.10 22.49 -36.85
C PHE C 198 8.43 23.17 -36.67
N HIS C 199 9.14 22.81 -35.61
CA HIS C 199 10.42 23.48 -35.45
C HIS C 199 11.39 23.35 -36.62
N PRO C 200 11.99 24.50 -36.99
CA PRO C 200 12.95 24.70 -38.07
C PRO C 200 14.02 23.64 -38.08
N GLU C 201 14.54 23.35 -36.87
CA GLU C 201 15.58 22.32 -36.73
C GLU C 201 15.00 20.97 -37.03
N PHE C 202 13.68 20.92 -37.09
CA PHE C 202 13.03 19.67 -37.38
C PHE C 202 12.34 19.56 -38.74
N ALA C 203 11.34 20.43 -38.93
CA ALA C 203 10.53 20.45 -40.13
C ALA C 203 11.34 20.17 -41.43
N ASN C 204 12.37 20.97 -41.68
CA ASN C 204 13.22 20.84 -42.86
C ASN C 204 14.33 19.82 -42.65
N ALA C 205 14.24 19.01 -41.59
CA ALA C 205 15.28 18.04 -41.33
C ALA C 205 14.84 16.78 -42.01
N GLU C 206 15.83 15.97 -42.40
CA GLU C 206 15.62 14.71 -43.07
C GLU C 206 15.64 13.59 -42.08
N PHE C 207 14.51 12.91 -41.94
CA PHE C 207 14.45 11.80 -41.02
C PHE C 207 13.08 11.16 -41.04
N GLU C 208 12.99 9.93 -40.59
CA GLU C 208 11.71 9.27 -40.59
C GLU C 208 11.18 9.08 -39.21
N ILE C 209 9.89 8.82 -39.15
CA ILE C 209 9.19 8.48 -37.90
C ILE C 209 8.95 6.95 -37.98
N TRP C 210 9.64 6.21 -37.13
CA TRP C 210 9.57 4.76 -37.15
C TRP C 210 8.28 4.19 -36.60
N TYR C 211 7.78 4.82 -35.54
CA TYR C 211 6.60 4.34 -34.85
C TYR C 211 6.02 5.45 -33.96
N GLY C 212 4.74 5.36 -33.70
CA GLY C 212 4.11 6.32 -32.84
C GLY C 212 3.29 7.30 -33.60
N ASP C 213 2.15 7.68 -33.03
CA ASP C 213 1.30 8.69 -33.63
C ASP C 213 0.46 9.18 -32.48
N PRO C 214 0.45 10.49 -32.25
CA PRO C 214 -0.41 11.02 -31.15
C PRO C 214 -1.91 11.18 -31.46
N ASP C 215 -2.28 10.92 -32.70
CA ASP C 215 -3.68 11.00 -33.09
C ASP C 215 -4.30 9.61 -33.12
N LYS C 216 -3.57 8.63 -32.55
CA LYS C 216 -4.07 7.27 -32.50
C LYS C 216 -4.24 6.71 -31.06
N ASP C 217 -5.03 5.64 -30.92
CA ASP C 217 -5.12 5.01 -29.62
C ASP C 217 -4.46 3.63 -29.79
N HIS C 218 -3.25 3.51 -29.29
CA HIS C 218 -2.44 2.28 -29.43
C HIS C 218 -2.82 1.18 -28.49
N GLY C 219 -3.83 1.44 -27.68
CA GLY C 219 -4.24 0.40 -26.77
C GLY C 219 -3.15 -0.23 -25.94
N SER C 220 -2.85 -1.50 -26.22
CA SER C 220 -1.88 -2.20 -25.43
C SER C 220 -0.48 -1.99 -25.94
N SER C 221 -0.36 -1.22 -27.02
CA SER C 221 0.96 -0.97 -27.54
C SER C 221 1.55 0.20 -26.79
N THR C 222 2.54 -0.06 -25.94
CA THR C 222 3.23 1.03 -25.22
C THR C 222 4.73 0.82 -25.27
N LEU C 223 5.44 1.93 -25.40
CA LEU C 223 6.90 1.90 -25.52
C LEU C 223 7.50 3.05 -24.73
N GLU C 224 8.44 2.78 -23.82
CA GLU C 224 9.06 3.88 -23.08
C GLU C 224 10.55 4.12 -23.36
N GLY C 225 10.86 5.41 -23.51
CA GLY C 225 12.20 5.86 -23.86
C GLY C 225 13.33 5.06 -23.25
N GLY C 226 13.32 4.99 -21.92
CA GLY C 226 14.35 4.28 -21.17
C GLY C 226 14.55 2.85 -21.55
N ASP C 227 13.68 2.27 -22.36
CA ASP C 227 13.83 0.90 -22.80
C ASP C 227 14.52 0.71 -24.16
N VAL C 228 14.73 1.80 -24.88
CA VAL C 228 15.32 1.77 -26.23
C VAL C 228 16.79 2.15 -26.23
N MET C 229 17.57 1.46 -27.06
CA MET C 229 19.02 1.67 -27.20
C MET C 229 19.60 1.25 -28.56
N PRO C 230 19.77 2.21 -29.47
CA PRO C 230 20.35 1.85 -30.78
C PRO C 230 21.90 1.82 -30.56
N ILE C 231 22.43 0.65 -30.23
CA ILE C 231 23.86 0.51 -29.93
C ILE C 231 24.82 0.74 -31.06
N GLY C 232 24.42 0.25 -32.24
CA GLY C 232 25.21 0.33 -33.47
C GLY C 232 25.37 -1.08 -34.04
N ASN C 233 26.01 -1.18 -35.20
CA ASN C 233 26.21 -2.46 -35.88
C ASN C 233 24.84 -3.00 -36.38
N GLY C 234 23.94 -2.05 -36.69
CA GLY C 234 22.61 -2.38 -37.17
C GLY C 234 21.80 -3.15 -36.13
N VAL C 235 22.01 -2.79 -34.88
CA VAL C 235 21.34 -3.48 -33.82
C VAL C 235 20.60 -2.54 -32.89
N VAL C 236 19.39 -2.94 -32.51
CA VAL C 236 18.64 -2.13 -31.59
C VAL C 236 18.20 -2.95 -30.40
N LEU C 237 18.66 -2.52 -29.23
CA LEU C 237 18.30 -3.16 -27.96
C LEU C 237 16.99 -2.51 -27.45
N ILE C 238 16.02 -3.31 -27.01
CA ILE C 238 14.75 -2.77 -26.55
C ILE C 238 14.27 -3.55 -25.33
N GLY C 239 14.14 -2.86 -24.20
CA GLY C 239 13.69 -3.51 -22.99
C GLY C 239 12.19 -3.86 -23.01
N MET C 240 11.89 -5.13 -22.74
CA MET C 240 10.49 -5.58 -22.67
C MET C 240 10.07 -5.72 -21.19
N GLY C 241 9.10 -4.92 -20.76
CA GLY C 241 8.71 -4.98 -19.36
C GLY C 241 7.43 -4.34 -18.88
N GLU C 242 7.42 -3.89 -17.63
CA GLU C 242 6.19 -3.31 -17.04
C GLU C 242 5.72 -2.03 -17.79
N ARG C 243 6.47 -1.61 -18.81
CA ARG C 243 6.16 -0.38 -19.52
C ARG C 243 6.35 -0.40 -21.05
N SER C 244 6.89 -1.51 -21.58
CA SER C 244 7.12 -1.63 -23.03
C SER C 244 6.61 -2.99 -23.43
N SER C 245 5.41 -2.98 -24.02
CA SER C 245 4.69 -4.20 -24.43
C SER C 245 5.23 -4.83 -25.71
N ARG C 246 5.03 -6.13 -25.87
CA ARG C 246 5.51 -6.75 -27.10
C ARG C 246 4.71 -6.19 -28.30
N GLN C 247 3.40 -6.02 -28.11
CA GLN C 247 2.52 -5.50 -29.15
C GLN C 247 3.15 -4.27 -29.75
N ALA C 248 3.66 -3.36 -28.91
CA ALA C 248 4.31 -2.15 -29.44
C ALA C 248 5.63 -2.55 -30.09
N ILE C 249 6.43 -3.28 -29.31
CA ILE C 249 7.75 -3.76 -29.71
C ILE C 249 7.78 -4.47 -31.06
N GLY C 250 6.83 -5.36 -31.29
CA GLY C 250 6.81 -6.07 -32.56
C GLY C 250 6.65 -5.08 -33.71
N GLN C 251 5.77 -4.08 -33.52
CA GLN C 251 5.51 -3.11 -34.56
C GLN C 251 6.69 -2.22 -34.78
N VAL C 252 7.53 -2.05 -33.77
CA VAL C 252 8.70 -1.22 -33.96
C VAL C 252 9.80 -1.98 -34.74
N ALA C 253 10.02 -3.23 -34.41
CA ALA C 253 11.08 -3.96 -35.06
C ALA C 253 10.74 -4.12 -36.53
N GLN C 254 9.45 -4.36 -36.80
CA GLN C 254 8.94 -4.54 -38.15
C GLN C 254 9.05 -3.29 -39.02
N SER C 255 8.67 -2.15 -38.45
CA SER C 255 8.75 -0.88 -39.16
C SER C 255 10.23 -0.66 -39.47
N LEU C 256 11.07 -0.86 -38.46
CA LEU C 256 12.52 -0.70 -38.60
C LEU C 256 13.02 -1.52 -39.78
N PHE C 257 12.98 -2.85 -39.67
CA PHE C 257 13.44 -3.71 -40.77
C PHE C 257 12.91 -3.21 -42.11
N ALA C 258 11.60 -2.96 -42.15
CA ALA C 258 10.92 -2.52 -43.38
C ALA C 258 11.55 -1.31 -44.05
N LYS C 259 12.23 -0.50 -43.28
CA LYS C 259 12.84 0.64 -43.90
C LYS C 259 14.36 0.46 -43.91
N GLY C 260 14.81 -0.78 -43.70
CA GLY C 260 16.26 -1.05 -43.70
C GLY C 260 17.06 -0.18 -42.76
N ALA C 261 16.46 0.12 -41.60
CA ALA C 261 17.08 0.95 -40.57
C ALA C 261 17.83 0.10 -39.53
N ALA C 262 17.55 -1.20 -39.50
CA ALA C 262 18.19 -2.11 -38.55
C ALA C 262 18.18 -3.59 -39.03
N GLU C 263 19.11 -4.39 -38.51
CA GLU C 263 19.28 -5.78 -38.94
C GLU C 263 18.84 -6.74 -37.85
N ARG C 264 18.77 -6.21 -36.64
CA ARG C 264 18.34 -7.03 -35.52
C ARG C 264 17.84 -6.21 -34.37
N VAL C 265 16.82 -6.76 -33.72
CA VAL C 265 16.25 -6.14 -32.52
C VAL C 265 16.37 -7.16 -31.42
N ILE C 266 17.26 -6.90 -30.46
CA ILE C 266 17.41 -7.85 -29.37
C ILE C 266 16.50 -7.39 -28.25
N VAL C 267 15.47 -8.19 -28.02
CA VAL C 267 14.51 -7.89 -26.99
C VAL C 267 15.06 -8.37 -25.68
N ALA C 268 15.27 -7.41 -24.78
CA ALA C 268 15.78 -7.69 -23.45
C ALA C 268 14.58 -7.91 -22.52
N GLY C 269 14.21 -9.18 -22.32
CA GLY C 269 13.09 -9.50 -21.45
C GLY C 269 13.39 -9.24 -19.97
N LEU C 270 12.88 -8.11 -19.45
CA LEU C 270 13.07 -7.71 -18.06
C LEU C 270 12.29 -8.70 -17.25
N PRO C 271 12.89 -9.23 -16.18
CA PRO C 271 12.19 -10.21 -15.34
C PRO C 271 11.10 -9.50 -14.55
N LYS C 272 10.00 -10.17 -14.27
CA LYS C 272 8.94 -9.55 -13.50
C LYS C 272 9.38 -8.80 -12.22
N SER C 273 10.61 -9.01 -11.78
CA SER C 273 11.15 -8.36 -10.58
C SER C 273 11.16 -6.85 -10.69
N ALA C 276 9.04 -3.52 -13.09
CA ALA C 276 8.66 -2.12 -12.79
C ALA C 276 9.70 -1.05 -13.24
N MET C 277 10.68 -1.45 -14.05
CA MET C 277 11.70 -0.52 -14.48
C MET C 277 12.00 -0.54 -15.99
N HIS C 278 13.03 0.20 -16.39
CA HIS C 278 13.42 0.22 -17.79
C HIS C 278 14.85 -0.33 -17.91
N LEU C 279 15.13 -1.02 -19.00
CA LEU C 279 16.47 -1.58 -19.25
C LEU C 279 17.61 -0.63 -18.76
N ASP C 280 17.47 0.66 -19.11
CA ASP C 280 18.41 1.71 -18.76
C ASP C 280 18.51 2.04 -17.25
N THR C 281 17.83 1.23 -16.45
CA THR C 281 17.88 1.45 -15.02
C THR C 281 18.83 0.40 -14.51
N VAL C 282 19.06 -0.62 -15.32
CA VAL C 282 19.94 -1.70 -14.86
C VAL C 282 21.05 -2.08 -15.82
N PHE C 283 21.22 -1.25 -16.86
CA PHE C 283 22.21 -1.46 -17.93
C PHE C 283 22.65 -0.15 -18.65
N SER C 284 23.83 0.36 -18.35
CA SER C 284 24.25 1.57 -19.03
C SER C 284 25.60 1.43 -19.73
N PHE C 285 25.71 2.07 -20.88
CA PHE C 285 26.96 2.06 -21.60
C PHE C 285 27.79 3.24 -21.09
N CYS C 286 29.12 3.10 -21.14
CA CYS C 286 30.07 4.13 -20.70
C CYS C 286 31.17 4.19 -21.75
N ASP C 287 31.52 3.02 -22.26
CA ASP C 287 32.51 2.97 -23.29
C ASP C 287 32.22 1.79 -24.19
N ARG C 288 32.80 1.86 -25.38
CA ARG C 288 32.61 0.84 -26.38
C ARG C 288 32.41 -0.56 -25.82
N ASP C 289 33.17 -0.92 -24.79
CA ASP C 289 32.92 -2.23 -24.22
C ASP C 289 32.59 -2.20 -22.74
N LEU C 290 32.36 -0.99 -22.22
CA LEU C 290 32.04 -0.82 -20.80
C LEU C 290 30.54 -0.60 -20.50
N VAL C 291 30.00 -1.39 -19.58
CA VAL C 291 28.62 -1.21 -19.16
C VAL C 291 28.45 -1.42 -17.65
N THR C 292 27.69 -0.51 -17.02
CA THR C 292 27.38 -0.61 -15.59
C THR C 292 26.21 -1.57 -15.61
N VAL C 293 26.06 -2.33 -14.53
CA VAL C 293 24.99 -3.31 -14.49
C VAL C 293 24.36 -3.39 -13.11
N PHE C 294 23.25 -4.05 -13.05
CA PHE C 294 22.58 -4.37 -11.82
C PHE C 294 22.47 -5.86 -11.90
N PRO C 295 23.46 -6.53 -11.34
CA PRO C 295 23.56 -7.98 -11.35
C PRO C 295 22.26 -8.77 -11.13
N GLU C 296 21.67 -8.59 -9.95
CA GLU C 296 20.43 -9.27 -9.58
C GLU C 296 19.42 -9.37 -10.75
N VAL C 297 19.12 -8.23 -11.37
CA VAL C 297 18.17 -8.20 -12.48
C VAL C 297 18.81 -8.53 -13.84
N VAL C 298 19.91 -7.84 -14.14
CA VAL C 298 20.64 -7.97 -15.38
C VAL C 298 20.99 -9.40 -15.71
N LYS C 299 21.36 -10.16 -14.69
CA LYS C 299 21.71 -11.56 -14.92
C LYS C 299 20.49 -12.44 -15.14
N GLU C 300 19.29 -11.84 -15.11
CA GLU C 300 18.06 -12.60 -15.32
C GLU C 300 17.26 -12.11 -16.52
N ILE C 301 17.90 -11.39 -17.43
CA ILE C 301 17.16 -10.92 -18.59
C ILE C 301 17.07 -11.95 -19.74
N VAL C 302 15.88 -12.50 -19.96
CA VAL C 302 15.72 -13.44 -21.07
C VAL C 302 15.77 -12.68 -22.43
N PRO C 303 16.89 -12.82 -23.17
CA PRO C 303 17.27 -12.24 -24.42
C PRO C 303 16.64 -12.91 -25.65
N PHE C 304 15.99 -12.09 -26.47
CA PHE C 304 15.32 -12.56 -27.70
C PHE C 304 15.86 -11.71 -28.88
N SER C 305 16.12 -12.36 -30.02
CA SER C 305 16.65 -11.63 -31.17
C SER C 305 15.77 -11.79 -32.36
N LEU C 306 15.17 -10.70 -32.78
CA LEU C 306 14.27 -10.68 -33.93
C LEU C 306 15.04 -10.21 -35.14
N ARG C 307 14.91 -10.99 -36.21
CA ARG C 307 15.56 -10.63 -37.46
C ARG C 307 14.58 -10.74 -38.64
N PRO C 308 14.93 -10.03 -39.73
CA PRO C 308 14.10 -10.05 -40.92
C PRO C 308 14.16 -11.46 -41.52
N ASP C 309 13.02 -11.91 -42.04
CA ASP C 309 12.91 -13.22 -42.65
C ASP C 309 11.71 -13.25 -43.59
N PRO C 310 11.97 -13.56 -44.88
CA PRO C 310 10.88 -13.55 -45.89
C PRO C 310 10.18 -14.88 -45.78
N SER C 311 10.61 -15.70 -44.83
CA SER C 311 10.00 -17.01 -44.62
C SER C 311 9.20 -17.06 -43.29
N SER C 312 8.79 -15.89 -42.82
CA SER C 312 8.01 -15.77 -41.59
C SER C 312 6.82 -14.89 -41.94
N PRO C 313 5.64 -15.23 -41.42
CA PRO C 313 4.35 -14.55 -41.62
C PRO C 313 4.40 -13.03 -41.58
N TYR C 314 4.56 -12.57 -40.36
CA TYR C 314 4.71 -11.18 -40.05
C TYR C 314 5.93 -10.62 -40.85
N GLY C 315 6.83 -11.49 -41.32
CA GLY C 315 8.06 -11.08 -42.03
C GLY C 315 9.27 -11.09 -41.08
N MET C 316 8.99 -11.39 -39.82
CA MET C 316 10.02 -11.42 -38.80
C MET C 316 10.19 -12.82 -38.18
N ASN C 317 11.41 -13.09 -37.75
CA ASN C 317 11.75 -14.34 -37.12
C ASN C 317 12.29 -13.99 -35.72
N ILE C 318 11.82 -14.69 -34.69
CA ILE C 318 12.34 -14.41 -33.35
C ILE C 318 12.91 -15.67 -32.67
N ARG C 319 14.02 -15.52 -31.97
CA ARG C 319 14.62 -16.66 -31.32
C ARG C 319 15.09 -16.35 -29.93
N ARG C 320 14.86 -17.28 -29.01
CA ARG C 320 15.27 -17.13 -27.64
C ARG C 320 16.73 -17.48 -27.48
N GLU C 321 17.49 -16.49 -27.10
CA GLU C 321 18.92 -16.69 -26.90
C GLU C 321 19.16 -17.49 -25.62
N GLU C 322 20.18 -18.35 -25.66
CA GLU C 322 20.55 -19.21 -24.54
C GLU C 322 21.62 -18.58 -23.65
N LYS C 323 22.60 -17.96 -24.27
CA LYS C 323 23.65 -17.31 -23.51
C LYS C 323 23.01 -16.21 -22.63
N THR C 324 23.80 -15.71 -21.68
CA THR C 324 23.38 -14.64 -20.80
C THR C 324 23.06 -13.38 -21.60
N PHE C 325 22.36 -12.45 -20.97
CA PHE C 325 22.04 -11.24 -21.69
C PHE C 325 23.33 -10.63 -22.13
N LEU C 326 24.20 -10.44 -21.16
CA LEU C 326 25.49 -9.82 -21.35
C LEU C 326 26.32 -10.36 -22.49
N GLU C 327 26.24 -11.66 -22.72
CA GLU C 327 26.98 -12.28 -23.81
C GLU C 327 26.36 -11.88 -25.14
N VAL C 328 25.06 -12.09 -25.27
CA VAL C 328 24.32 -11.77 -26.50
C VAL C 328 24.30 -10.31 -26.87
N VAL C 329 25.04 -9.50 -26.15
CA VAL C 329 25.08 -8.11 -26.48
C VAL C 329 26.51 -7.92 -26.91
N ALA C 330 27.41 -8.57 -26.17
CA ALA C 330 28.80 -8.53 -26.50
C ALA C 330 28.83 -9.01 -27.97
N GLU C 331 28.70 -10.31 -28.17
CA GLU C 331 28.77 -10.83 -29.52
C GLU C 331 27.82 -10.17 -30.54
N SER C 332 26.85 -9.42 -30.09
CA SER C 332 25.95 -8.78 -31.05
C SER C 332 26.61 -7.54 -31.58
N LEU C 333 27.63 -7.11 -30.86
CA LEU C 333 28.39 -5.93 -31.23
C LEU C 333 29.67 -6.35 -31.93
N GLY C 334 29.99 -7.63 -31.89
CA GLY C 334 31.20 -8.09 -32.53
C GLY C 334 32.42 -8.01 -31.62
N LEU C 335 32.16 -7.90 -30.33
CA LEU C 335 33.22 -7.85 -29.31
C LEU C 335 33.24 -9.22 -28.60
N LYS C 336 34.43 -9.60 -28.17
CA LYS C 336 34.62 -10.88 -27.49
C LYS C 336 33.81 -10.90 -26.24
N LYS C 337 34.02 -9.84 -25.47
CA LYS C 337 33.40 -9.67 -24.18
C LYS C 337 33.07 -8.18 -23.93
N LEU C 338 32.34 -7.97 -22.85
CA LEU C 338 31.98 -6.65 -22.41
C LEU C 338 32.64 -6.45 -21.05
N ARG C 339 33.14 -5.25 -20.84
CA ARG C 339 33.73 -4.94 -19.57
C ARG C 339 32.47 -4.59 -18.78
N VAL C 340 32.40 -5.11 -17.54
CA VAL C 340 31.24 -4.91 -16.67
C VAL C 340 31.48 -4.28 -15.29
N VAL C 341 30.74 -3.23 -14.98
CA VAL C 341 30.83 -2.57 -13.68
C VAL C 341 29.49 -2.76 -12.94
N GLU C 342 29.47 -3.70 -11.99
CA GLU C 342 28.29 -4.04 -11.18
C GLU C 342 27.94 -2.99 -10.12
N THR C 343 26.68 -2.60 -10.04
CA THR C 343 26.24 -1.63 -9.03
C THR C 343 24.75 -1.79 -8.71
N GLY C 344 24.39 -1.39 -7.49
CA GLY C 344 23.00 -1.49 -7.03
C GLY C 344 22.67 -2.66 -6.11
N GLU C 351 36.07 -2.16 1.36
CA GLU C 351 35.55 -2.22 0.00
C GLU C 351 35.01 -0.83 -0.39
N ARG C 352 33.71 -0.93 -0.58
CA ARG C 352 32.83 0.17 -0.83
C ARG C 352 32.02 0.28 0.47
N GLU C 353 32.05 1.51 1.01
CA GLU C 353 31.41 1.98 2.27
C GLU C 353 29.88 1.79 2.33
N GLN C 354 29.08 2.55 1.54
CA GLN C 354 27.58 2.57 1.61
C GLN C 354 26.88 2.18 0.29
N TRP C 355 25.53 1.76 0.33
CA TRP C 355 24.87 1.41 -0.92
C TRP C 355 24.83 2.62 -1.85
N ASP C 356 24.60 2.34 -3.14
CA ASP C 356 24.52 3.31 -4.22
C ASP C 356 24.19 2.59 -5.52
N ASP C 357 23.51 3.31 -6.40
CA ASP C 357 23.18 2.76 -7.72
C ASP C 357 23.70 3.80 -8.72
N GLY C 358 24.64 3.43 -9.56
CA GLY C 358 25.16 4.43 -10.48
C GLY C 358 24.83 4.14 -11.91
N ASN C 359 23.78 3.37 -12.14
CA ASN C 359 23.35 3.07 -13.49
C ASN C 359 22.84 4.41 -14.00
N ASN C 360 22.30 4.43 -15.21
CA ASN C 360 21.70 5.62 -15.83
C ASN C 360 22.58 6.82 -16.05
N VAL C 361 23.84 6.61 -16.40
CA VAL C 361 24.73 7.73 -16.73
C VAL C 361 24.68 8.01 -18.27
N VAL C 362 25.01 9.23 -18.67
CA VAL C 362 24.96 9.52 -20.09
C VAL C 362 26.35 9.81 -20.72
N CYS C 363 26.67 9.12 -21.83
CA CYS C 363 27.94 9.27 -22.58
C CYS C 363 27.94 10.52 -23.42
N LEU C 364 28.97 11.34 -23.24
CA LEU C 364 29.16 12.58 -24.00
C LEU C 364 30.01 12.25 -25.22
N GLU C 365 30.63 11.07 -25.15
CA GLU C 365 31.54 10.53 -26.18
C GLU C 365 32.21 9.41 -25.39
N PRO C 366 32.96 8.51 -26.03
CA PRO C 366 33.64 7.41 -25.32
C PRO C 366 34.44 7.83 -24.08
N GLY C 367 34.38 7.00 -23.04
CA GLY C 367 35.09 7.28 -21.80
C GLY C 367 34.71 8.57 -21.07
N VAL C 368 33.70 9.26 -21.56
CA VAL C 368 33.23 10.50 -20.95
C VAL C 368 31.75 10.30 -20.57
N VAL C 369 31.48 10.31 -19.27
CA VAL C 369 30.12 10.11 -18.79
C VAL C 369 29.71 11.13 -17.70
N VAL C 370 28.48 11.65 -17.76
CA VAL C 370 28.05 12.55 -16.70
C VAL C 370 27.29 11.66 -15.73
N GLY C 371 27.67 11.72 -14.45
CA GLY C 371 27.04 10.89 -13.43
C GLY C 371 26.63 11.71 -12.23
N TYR C 372 26.11 11.06 -11.21
CA TYR C 372 25.69 11.82 -10.04
C TYR C 372 26.79 11.96 -9.03
N ASP C 373 26.71 13.02 -8.24
CA ASP C 373 27.71 13.26 -7.22
C ASP C 373 27.67 12.22 -6.13
N ARG C 374 26.46 11.81 -5.79
CA ARG C 374 26.24 10.90 -4.68
C ARG C 374 26.69 9.49 -4.84
N ASN C 375 26.92 9.08 -6.08
CA ASN C 375 27.37 7.69 -6.24
C ASN C 375 28.87 7.60 -6.22
N THR C 376 29.43 8.19 -5.16
CA THR C 376 30.87 8.22 -4.89
C THR C 376 31.59 6.88 -5.18
N TYR C 377 30.98 5.75 -4.82
CA TYR C 377 31.61 4.45 -5.03
C TYR C 377 31.66 4.16 -6.53
N THR C 378 30.49 3.91 -7.10
CA THR C 378 30.27 3.48 -8.43
C THR C 378 31.12 4.39 -9.28
N ASN C 379 31.21 5.66 -8.90
CA ASN C 379 32.00 6.59 -9.69
C ASN C 379 33.49 6.21 -9.80
N THR C 380 34.12 5.96 -8.66
CA THR C 380 35.52 5.60 -8.66
C THR C 380 35.69 4.25 -9.40
N LEU C 381 34.72 3.34 -9.26
CA LEU C 381 34.79 2.05 -9.97
C LEU C 381 34.79 2.23 -11.48
N LEU C 382 34.32 3.40 -11.93
CA LEU C 382 34.27 3.74 -13.32
C LEU C 382 35.52 4.54 -13.72
N ARG C 383 35.96 5.38 -12.81
CA ARG C 383 37.16 6.18 -13.06
C ARG C 383 38.32 5.23 -13.00
N LYS C 384 38.05 4.04 -12.45
CA LYS C 384 39.07 3.01 -12.35
C LYS C 384 39.10 2.31 -13.71
N ALA C 385 37.95 2.19 -14.35
CA ALA C 385 37.91 1.58 -15.68
C ALA C 385 38.21 2.60 -16.79
N GLY C 386 38.84 3.73 -16.44
CA GLY C 386 39.22 4.71 -17.41
C GLY C 386 38.06 5.54 -17.96
N VAL C 387 37.23 6.08 -17.07
CA VAL C 387 36.10 6.87 -17.50
C VAL C 387 36.13 8.17 -16.74
N GLU C 388 36.01 9.27 -17.48
CA GLU C 388 35.99 10.62 -16.92
C GLU C 388 34.54 10.80 -16.51
N VAL C 389 34.28 10.67 -15.21
CA VAL C 389 32.93 10.76 -14.70
C VAL C 389 32.63 12.19 -14.28
N ILE C 390 32.04 12.97 -15.19
CA ILE C 390 31.65 14.37 -14.92
C ILE C 390 30.39 14.37 -14.02
N THR C 391 30.51 14.80 -12.76
CA THR C 391 29.38 14.68 -11.82
C THR C 391 28.53 15.95 -11.64
N ILE C 392 27.23 15.74 -11.39
CA ILE C 392 26.30 16.86 -11.09
C ILE C 392 25.49 16.52 -9.83
N SER C 393 24.68 17.46 -9.41
CA SER C 393 23.83 17.27 -8.24
C SER C 393 22.56 16.40 -8.38
N ALA C 394 22.49 15.34 -7.57
CA ALA C 394 21.35 14.44 -7.52
C ALA C 394 20.38 14.89 -6.42
N SER C 395 20.79 15.83 -5.58
CA SER C 395 19.89 16.23 -4.51
C SER C 395 18.46 16.65 -4.87
N GLU C 396 18.17 17.01 -6.11
CA GLU C 396 16.79 17.39 -6.43
C GLU C 396 16.42 16.75 -7.74
N LEU C 397 17.31 16.88 -8.74
CA LEU C 397 17.07 16.28 -10.05
C LEU C 397 17.00 14.77 -9.94
N GLY C 398 17.57 14.23 -8.84
CA GLY C 398 17.62 12.78 -8.62
C GLY C 398 16.68 12.20 -7.59
N ARG C 399 16.00 13.09 -6.89
CA ARG C 399 15.05 12.66 -5.86
C ARG C 399 13.98 11.89 -6.59
N GLY C 400 13.79 12.28 -7.83
CA GLY C 400 12.80 11.64 -8.67
C GLY C 400 13.23 10.30 -9.24
N ARG C 401 14.05 9.52 -8.49
CA ARG C 401 14.60 8.18 -8.88
C ARG C 401 15.28 8.12 -10.25
N GLY C 402 15.40 9.26 -10.93
CA GLY C 402 15.97 9.33 -12.29
C GLY C 402 17.29 10.06 -12.37
N GLY C 403 18.01 9.82 -13.48
CA GLY C 403 19.31 10.47 -13.62
C GLY C 403 19.68 10.93 -15.01
N GLY C 404 20.97 10.88 -15.29
CA GLY C 404 21.56 11.32 -16.56
C GLY C 404 20.92 10.80 -17.85
N HIS C 405 21.08 9.51 -18.15
CA HIS C 405 20.46 8.92 -19.35
C HIS C 405 18.98 9.34 -19.46
N CYS C 406 18.28 9.34 -18.34
CA CYS C 406 16.87 9.73 -18.32
C CYS C 406 16.58 11.21 -18.67
N MET C 407 17.47 12.09 -18.26
CA MET C 407 17.23 13.50 -18.55
C MET C 407 17.69 13.85 -19.97
N THR C 408 18.16 12.86 -20.72
CA THR C 408 18.61 13.17 -22.06
C THR C 408 18.00 12.35 -23.22
N CYS C 409 17.73 13.02 -24.32
CA CYS C 409 17.17 12.35 -25.44
C CYS C 409 18.09 12.70 -26.59
N PRO C 410 18.98 11.78 -26.92
CA PRO C 410 19.92 12.01 -28.02
C PRO C 410 19.19 12.34 -29.33
N ILE C 411 19.84 13.13 -30.18
CA ILE C 411 19.26 13.51 -31.47
C ILE C 411 20.31 13.26 -32.57
N VAL C 412 21.57 13.55 -32.24
CA VAL C 412 22.71 13.33 -33.13
C VAL C 412 23.94 12.78 -32.36
N ARG C 413 24.20 11.50 -32.55
CA ARG C 413 25.33 10.87 -31.88
C ARG C 413 26.05 9.96 -32.84
N ASP C 414 27.25 10.39 -33.23
CA ASP C 414 28.13 9.66 -34.15
C ASP C 414 28.35 8.18 -33.74
N PRO C 415 28.57 7.30 -34.75
CA PRO C 415 28.80 5.85 -34.73
C PRO C 415 30.09 5.39 -34.06
N ILE C 416 30.18 4.07 -33.91
CA ILE C 416 31.35 3.43 -33.34
C ILE C 416 31.62 2.22 -34.23
N ASP C 417 32.64 1.43 -33.91
CA ASP C 417 33.02 0.31 -34.77
C ASP C 417 32.75 -1.09 -34.27
N THR D 6 24.45 26.31 35.91
CA THR D 6 23.00 26.02 36.10
C THR D 6 22.71 24.51 36.13
N LYS D 7 21.53 24.19 36.67
CA LYS D 7 21.04 22.81 36.81
C LYS D 7 20.32 22.33 35.53
N LEU D 8 20.47 21.06 35.21
CA LEU D 8 19.81 20.53 34.02
C LEU D 8 18.27 20.67 34.05
N GLY D 9 17.71 20.91 32.85
CA GLY D 9 16.27 21.07 32.74
C GLY D 9 15.91 22.07 31.65
N VAL D 10 14.79 21.81 30.99
CA VAL D 10 14.29 22.63 29.90
C VAL D 10 13.02 23.30 30.42
N HIS D 11 12.99 24.63 30.37
CA HIS D 11 11.86 25.38 30.92
C HIS D 11 10.96 26.11 29.98
N SER D 12 11.16 25.90 28.68
CA SER D 12 10.34 26.52 27.63
C SER D 12 10.73 25.91 26.28
N GLU D 13 10.15 26.40 25.20
CA GLU D 13 10.52 25.87 23.92
C GLU D 13 11.30 26.88 23.09
N ALA D 14 11.17 28.16 23.43
CA ALA D 14 11.77 29.26 22.67
C ALA D 14 12.76 30.12 23.42
N GLY D 15 13.23 29.63 24.57
CA GLY D 15 14.12 30.47 25.39
C GLY D 15 15.55 30.01 25.18
N LYS D 16 16.51 30.84 25.61
CA LYS D 16 17.96 30.59 25.50
C LYS D 16 18.38 29.14 25.70
N LEU D 17 18.83 28.53 24.60
CA LEU D 17 19.25 27.12 24.61
C LEU D 17 20.72 26.99 25.02
N ARG D 18 20.92 26.34 26.15
CA ARG D 18 22.28 26.18 26.65
C ARG D 18 23.01 24.88 26.35
N LYS D 19 22.30 23.77 26.40
CA LYS D 19 22.89 22.46 26.16
C LYS D 19 21.93 21.65 25.27
N VAL D 20 22.48 20.95 24.28
CA VAL D 20 21.68 20.16 23.37
C VAL D 20 22.42 18.94 22.95
N MET D 21 21.72 17.82 22.94
CA MET D 21 22.31 16.58 22.53
C MET D 21 21.81 16.30 21.12
N VAL D 22 22.72 15.84 20.26
CA VAL D 22 22.44 15.49 18.89
C VAL D 22 23.17 14.21 18.52
N CYS D 23 22.95 13.74 17.32
CA CYS D 23 23.58 12.52 16.86
C CYS D 23 23.65 12.64 15.37
N SER D 24 24.87 12.57 14.89
CA SER D 24 25.13 12.66 13.47
C SER D 24 24.74 11.36 12.82
N PRO D 25 24.59 11.41 11.50
CA PRO D 25 24.23 10.21 10.73
C PRO D 25 25.48 9.40 10.86
N GLY D 26 25.37 8.09 10.83
CA GLY D 26 26.54 7.24 10.97
C GLY D 26 26.52 5.89 10.27
N LEU D 27 27.12 4.88 10.91
CA LEU D 27 27.20 3.54 10.36
C LEU D 27 25.86 2.90 10.17
N ALA D 28 24.90 3.24 11.00
CA ALA D 28 23.58 2.68 10.82
C ALA D 28 23.07 3.10 9.44
N HIS D 29 23.31 4.35 9.06
CA HIS D 29 22.85 4.84 7.75
C HIS D 29 23.54 4.21 6.54
N GLN D 30 24.77 3.79 6.73
CA GLN D 30 25.43 3.17 5.63
C GLN D 30 24.89 1.75 5.41
N ARG D 31 24.08 1.23 6.31
CA ARG D 31 23.56 -0.09 6.08
C ARG D 31 22.23 -0.03 5.28
N LEU D 32 21.69 1.18 5.16
CA LEU D 32 20.42 1.34 4.45
C LEU D 32 20.48 0.98 3.01
N THR D 33 19.58 0.11 2.58
CA THR D 33 19.45 -0.25 1.16
C THR D 33 17.98 -0.02 0.87
N PRO D 34 17.61 0.09 -0.42
CA PRO D 34 16.22 0.33 -0.80
C PRO D 34 15.38 -0.90 -0.45
N SER D 35 16.08 -1.97 -0.15
CA SER D 35 15.40 -3.18 0.19
C SER D 35 15.02 -3.21 1.66
N ASN D 36 15.66 -2.38 2.49
CA ASN D 36 15.34 -2.52 3.91
C ASN D 36 15.08 -1.30 4.76
N CYS D 37 14.96 -0.13 4.16
CA CYS D 37 14.72 1.03 4.98
C CYS D 37 13.27 1.10 5.50
N ASP D 38 12.46 0.12 5.15
CA ASP D 38 11.09 0.14 5.65
C ASP D 38 11.09 -0.62 6.94
N GLU D 39 11.84 -1.72 6.99
CA GLU D 39 11.92 -2.49 8.21
C GLU D 39 12.76 -1.75 9.26
N LEU D 40 13.41 -0.68 8.84
CA LEU D 40 14.25 0.06 9.76
C LEU D 40 13.63 1.42 10.11
N LEU D 41 12.54 1.77 9.45
CA LEU D 41 11.86 3.03 9.67
C LEU D 41 12.62 4.19 9.09
N PHE D 42 13.03 4.04 7.84
CA PHE D 42 13.69 5.15 7.17
C PHE D 42 13.12 5.42 5.75
N ASP D 43 12.50 6.58 5.58
CA ASP D 43 11.91 6.91 4.28
C ASP D 43 12.72 6.38 3.09
N ASP D 44 13.96 6.86 2.98
CA ASP D 44 14.84 6.51 1.88
C ASP D 44 16.36 6.45 2.22
N VAL D 45 17.13 5.94 1.25
CA VAL D 45 18.57 5.80 1.36
C VAL D 45 19.21 7.15 1.13
N ILE D 46 20.07 7.57 2.06
CA ILE D 46 20.77 8.85 2.01
C ILE D 46 22.30 8.80 1.75
N TRP D 47 22.83 9.88 1.18
CA TRP D 47 24.26 9.94 0.93
C TRP D 47 24.94 10.18 2.28
N VAL D 48 25.34 9.10 2.94
CA VAL D 48 25.94 9.23 4.25
C VAL D 48 27.05 10.23 4.50
N ASN D 49 28.17 10.16 3.79
CA ASN D 49 29.21 11.14 4.09
C ASN D 49 28.75 12.62 3.86
N GLN D 50 27.79 12.82 2.95
CA GLN D 50 27.31 14.18 2.72
C GLN D 50 26.40 14.62 3.88
N ALA D 51 25.61 13.70 4.41
CA ALA D 51 24.74 14.04 5.52
C ALA D 51 25.60 14.33 6.72
N LYS D 52 26.77 13.68 6.78
CA LYS D 52 27.69 13.86 7.91
C LYS D 52 28.18 15.26 7.91
N ARG D 53 28.30 15.85 6.72
CA ARG D 53 28.77 17.20 6.62
C ARG D 53 27.63 18.20 6.91
N ASP D 54 26.40 17.83 6.65
CA ASP D 54 25.35 18.78 6.92
C ASP D 54 25.05 18.67 8.39
N HIS D 55 25.14 17.47 8.92
CA HIS D 55 24.86 17.34 10.33
C HIS D 55 25.88 18.20 11.03
N PHE D 56 27.15 18.04 10.61
CA PHE D 56 28.23 18.80 11.24
C PHE D 56 28.10 20.28 10.99
N ASP D 57 27.49 20.62 9.88
CA ASP D 57 27.38 22.01 9.58
C ASP D 57 26.47 22.61 10.59
N PHE D 58 25.43 21.85 10.84
CA PHE D 58 24.41 22.22 11.77
C PHE D 58 24.99 22.34 13.19
N VAL D 59 25.77 21.33 13.57
CA VAL D 59 26.38 21.33 14.88
C VAL D 59 27.20 22.62 15.02
N THR D 60 28.07 22.83 14.05
CA THR D 60 28.94 23.98 14.05
C THR D 60 28.15 25.26 14.27
N LYS D 61 27.04 25.42 13.57
CA LYS D 61 26.23 26.62 13.72
C LYS D 61 25.73 26.95 15.16
N MET D 62 25.44 25.91 15.97
CA MET D 62 24.98 26.18 17.35
C MET D 62 26.24 26.30 18.21
N ARG D 63 27.28 25.61 17.78
CA ARG D 63 28.50 25.64 18.53
C ARG D 63 29.11 27.03 18.51
N GLU D 64 29.05 27.70 17.36
CA GLU D 64 29.65 29.01 17.32
C GLU D 64 28.79 30.00 18.01
N ARG D 65 27.60 29.62 18.42
CA ARG D 65 26.77 30.57 19.13
C ARG D 65 26.84 30.32 20.63
N GLY D 66 27.75 29.41 20.99
CA GLY D 66 27.98 29.11 22.38
C GLY D 66 26.97 28.25 23.07
N ILE D 67 26.62 27.14 22.43
CA ILE D 67 25.71 26.16 23.00
C ILE D 67 26.50 24.87 23.12
N ASP D 68 26.61 24.36 24.33
CA ASP D 68 27.35 23.12 24.48
C ASP D 68 26.61 22.03 23.69
N VAL D 69 27.08 21.73 22.50
CA VAL D 69 26.41 20.70 21.67
C VAL D 69 26.96 19.33 21.94
N LEU D 70 26.19 18.46 22.59
CA LEU D 70 26.65 17.10 22.89
C LEU D 70 26.25 16.14 21.76
N GLU D 71 27.11 15.21 21.38
CA GLU D 71 26.83 14.29 20.29
C GLU D 71 26.76 12.91 20.87
N MET D 72 25.77 12.09 20.43
CA MET D 72 25.51 10.74 20.96
C MET D 72 26.65 9.74 20.80
N HIS D 73 27.09 9.47 19.57
CA HIS D 73 28.18 8.53 19.34
C HIS D 73 29.31 8.81 20.38
N ASN D 74 29.62 10.10 20.52
CA ASN D 74 30.61 10.53 21.44
C ASN D 74 30.26 10.26 22.91
N LEU D 75 29.14 10.81 23.37
CA LEU D 75 28.74 10.60 24.77
C LEU D 75 28.75 9.11 25.06
N LEU D 76 28.38 8.32 24.06
CA LEU D 76 28.32 6.88 24.21
C LEU D 76 29.72 6.28 24.35
N THR D 77 30.71 6.92 23.73
CA THR D 77 32.07 6.42 23.86
C THR D 77 32.63 6.73 25.24
N GLU D 78 32.60 8.00 25.64
CA GLU D 78 33.08 8.39 26.95
C GLU D 78 32.30 7.54 28.00
N THR D 79 31.06 7.17 27.68
CA THR D 79 30.24 6.39 28.61
C THR D 79 30.64 4.91 28.69
N ILE D 80 30.65 4.28 27.53
CA ILE D 80 31.00 2.90 27.28
C ILE D 80 32.37 2.61 27.97
N GLN D 81 33.12 3.67 28.23
CA GLN D 81 34.39 3.58 28.97
C GLN D 81 34.27 2.83 30.31
N ASN D 82 33.19 3.10 31.03
CA ASN D 82 32.92 2.50 32.32
C ASN D 82 32.47 1.07 32.16
N PRO D 83 33.28 0.12 32.60
CA PRO D 83 32.97 -1.31 32.50
C PRO D 83 31.56 -1.65 32.94
N GLU D 84 31.06 -0.91 33.94
CA GLU D 84 29.70 -1.10 34.44
C GLU D 84 28.73 -0.58 33.41
N ALA D 85 28.88 0.70 33.07
CA ALA D 85 28.09 1.29 32.01
C ALA D 85 27.93 0.26 30.87
N LEU D 86 29.05 -0.35 30.50
CA LEU D 86 29.09 -1.34 29.43
C LEU D 86 28.44 -2.67 29.80
N LYS D 87 28.62 -3.14 31.02
CA LYS D 87 27.98 -4.42 31.38
C LYS D 87 26.47 -4.20 31.21
N TRP D 88 25.93 -3.18 31.88
CA TRP D 88 24.51 -2.86 31.80
C TRP D 88 23.92 -2.90 30.36
N ILE D 89 24.65 -2.40 29.37
CA ILE D 89 24.22 -2.38 27.97
C ILE D 89 24.29 -3.70 27.23
N LEU D 90 25.41 -4.40 27.36
CA LEU D 90 25.57 -5.65 26.65
C LEU D 90 24.58 -6.66 27.23
N ASP D 91 24.43 -6.59 28.55
CA ASP D 91 23.58 -7.53 29.27
C ASP D 91 22.15 -7.49 28.75
N ARG D 92 21.76 -6.33 28.28
CA ARG D 92 20.43 -6.21 27.76
C ARG D 92 20.42 -6.34 26.24
N LYS D 93 21.45 -5.84 25.58
CA LYS D 93 21.50 -5.94 24.11
C LYS D 93 21.81 -7.38 23.63
N ILE D 94 22.69 -8.11 24.32
CA ILE D 94 22.98 -9.50 23.88
C ILE D 94 22.24 -10.56 24.68
N THR D 95 21.17 -11.09 24.14
CA THR D 95 20.47 -12.13 24.87
C THR D 95 20.04 -13.26 23.92
N ALA D 96 19.76 -14.44 24.49
CA ALA D 96 19.33 -15.58 23.67
C ALA D 96 18.05 -15.27 22.88
N ASP D 97 17.32 -14.24 23.31
CA ASP D 97 16.08 -13.84 22.64
C ASP D 97 16.41 -12.85 21.50
N SER D 98 17.26 -11.86 21.85
CA SER D 98 17.74 -10.81 20.95
C SER D 98 18.68 -11.34 19.84
N VAL D 99 19.66 -12.20 20.18
CA VAL D 99 20.57 -12.79 19.17
C VAL D 99 20.55 -14.34 19.15
N GLY D 100 19.90 -14.96 20.12
CA GLY D 100 19.82 -16.40 20.08
C GLY D 100 21.00 -17.22 20.60
N LEU D 101 20.64 -18.37 21.21
CA LEU D 101 21.56 -19.35 21.82
C LEU D 101 23.02 -19.39 21.40
N GLY D 102 23.25 -19.66 20.11
CA GLY D 102 24.58 -19.79 19.58
C GLY D 102 25.33 -18.59 19.03
N LEU D 103 25.09 -17.39 19.53
CA LEU D 103 25.82 -16.23 19.04
C LEU D 103 26.16 -15.31 20.21
N THR D 104 25.47 -15.49 21.32
CA THR D 104 25.71 -14.65 22.48
C THR D 104 27.18 -14.35 22.75
N SER D 105 27.96 -15.42 22.99
CA SER D 105 29.36 -15.24 23.34
C SER D 105 30.26 -14.65 22.25
N GLU D 106 30.20 -15.24 21.04
CA GLU D 106 31.03 -14.78 19.90
C GLU D 106 30.86 -13.29 19.78
N LEU D 107 29.61 -12.89 19.58
CA LEU D 107 29.26 -11.51 19.36
C LEU D 107 29.66 -10.60 20.49
N ARG D 108 29.41 -11.01 21.73
CA ARG D 108 29.77 -10.19 22.90
C ARG D 108 31.30 -10.11 23.11
N SER D 109 31.97 -11.26 23.02
CA SER D 109 33.43 -11.25 23.18
C SER D 109 34.03 -10.31 22.15
N TRP D 110 33.63 -10.49 20.89
CA TRP D 110 34.11 -9.64 19.80
C TRP D 110 33.90 -8.15 20.12
N LEU D 111 32.67 -7.76 20.38
CA LEU D 111 32.35 -6.38 20.72
C LEU D 111 33.32 -5.84 21.76
N GLU D 112 33.52 -6.61 22.84
CA GLU D 112 34.44 -6.13 23.89
C GLU D 112 35.94 -5.91 23.46
N SER D 113 36.42 -6.70 22.51
CA SER D 113 37.80 -6.51 22.07
C SER D 113 37.95 -5.30 21.16
N LEU D 114 37.00 -4.38 21.25
CA LEU D 114 37.01 -3.19 20.38
C LEU D 114 37.32 -1.86 21.02
N GLU D 115 37.95 -0.98 20.26
CA GLU D 115 38.27 0.35 20.75
C GLU D 115 36.98 1.10 21.02
N PRO D 116 36.77 1.53 22.27
CA PRO D 116 35.59 2.26 22.66
C PRO D 116 34.85 3.05 21.60
N ARG D 117 35.56 3.80 20.75
CA ARG D 117 34.81 4.58 19.74
C ARG D 117 34.36 3.79 18.55
N LYS D 118 34.89 2.58 18.38
CA LYS D 118 34.49 1.74 17.25
C LYS D 118 33.27 0.93 17.73
N LEU D 119 33.32 0.61 19.02
CA LEU D 119 32.26 -0.13 19.68
C LEU D 119 30.97 0.73 19.70
N ALA D 120 31.14 2.03 19.87
CA ALA D 120 30.05 2.99 19.90
C ALA D 120 29.46 2.91 18.49
N GLU D 121 30.35 2.92 17.51
CA GLU D 121 29.97 2.82 16.12
C GLU D 121 28.98 1.70 15.88
N TYR D 122 29.28 0.54 16.46
CA TYR D 122 28.43 -0.59 16.25
C TYR D 122 27.10 -0.60 17.06
N LEU D 123 27.14 -0.06 18.26
CA LEU D 123 25.98 -0.05 19.12
C LEU D 123 24.79 0.66 18.45
N ILE D 124 25.17 1.75 17.79
CA ILE D 124 24.20 2.57 17.11
C ILE D 124 24.02 2.17 15.66
N GLY D 125 25.09 1.68 15.05
CA GLY D 125 25.09 1.32 13.64
C GLY D 125 24.73 -0.12 13.31
N GLY D 126 24.70 -0.95 14.35
CA GLY D 126 24.36 -2.37 14.16
C GLY D 126 25.55 -3.19 13.76
N VAL D 127 25.41 -4.50 13.90
CA VAL D 127 26.48 -5.42 13.52
C VAL D 127 25.95 -6.54 12.68
N ALA D 128 26.59 -6.76 11.51
CA ALA D 128 26.24 -7.84 10.55
C ALA D 128 27.08 -9.03 10.86
N ALA D 129 26.79 -10.16 10.24
CA ALA D 129 27.56 -11.39 10.50
C ALA D 129 29.05 -11.30 10.04
N ASP D 130 29.24 -10.75 8.85
CA ASP D 130 30.55 -10.60 8.28
C ASP D 130 31.46 -9.94 9.30
N ASP D 131 30.98 -8.88 9.95
CA ASP D 131 31.79 -8.16 10.94
C ASP D 131 32.48 -9.04 12.00
N LEU D 132 31.92 -10.24 12.19
CA LEU D 132 32.47 -11.17 13.16
C LEU D 132 33.48 -12.10 12.50
N PRO D 133 34.46 -12.57 13.28
CA PRO D 133 35.51 -13.47 12.84
C PRO D 133 34.84 -14.73 12.31
N ALA D 134 35.57 -15.54 11.54
CA ALA D 134 34.97 -16.78 11.04
C ALA D 134 34.45 -17.62 12.22
N SER D 135 33.47 -18.48 11.94
CA SER D 135 32.89 -19.31 12.99
C SER D 135 31.78 -20.22 12.47
N GLU D 136 31.28 -21.13 13.31
CA GLU D 136 30.21 -22.01 12.90
C GLU D 136 29.00 -21.08 13.02
N GLY D 137 29.13 -20.16 13.97
CA GLY D 137 28.07 -19.21 14.22
C GLY D 137 27.65 -18.35 13.04
N ALA D 138 28.42 -17.32 12.78
CA ALA D 138 28.12 -16.40 11.68
C ALA D 138 27.90 -17.10 10.32
N ASN D 139 28.60 -18.20 10.10
CA ASN D 139 28.48 -18.90 8.83
C ASN D 139 27.16 -19.62 8.67
N ILE D 140 26.73 -20.36 9.67
CA ILE D 140 25.44 -21.05 9.54
C ILE D 140 24.38 -20.00 9.79
N LEU D 141 24.81 -18.76 9.56
CA LEU D 141 23.97 -17.58 9.71
C LEU D 141 24.09 -16.73 8.44
N LYS D 142 25.23 -16.79 7.77
CA LYS D 142 25.39 -16.06 6.52
C LYS D 142 24.63 -16.93 5.54
N MET D 143 24.49 -18.19 5.94
CA MET D 143 23.77 -19.20 5.18
C MET D 143 22.27 -18.88 5.11
N TYR D 144 21.69 -18.37 6.21
CA TYR D 144 20.26 -18.02 6.22
C TYR D 144 20.07 -16.88 5.24
N ARG D 145 20.97 -15.90 5.29
CA ARG D 145 20.93 -14.76 4.37
C ARG D 145 21.24 -15.30 2.95
N GLU D 146 21.97 -16.40 2.88
CA GLU D 146 22.30 -17.04 1.60
C GLU D 146 21.08 -17.33 0.76
N TYR D 147 20.46 -18.49 1.02
CA TYR D 147 19.24 -18.94 0.30
C TYR D 147 17.92 -18.26 0.81
N LEU D 148 17.67 -18.34 2.12
CA LEU D 148 16.45 -17.74 2.68
C LEU D 148 16.41 -16.22 2.52
N GLY D 149 17.55 -15.61 2.36
CA GLY D 149 17.61 -14.17 2.19
C GLY D 149 17.07 -13.37 3.36
N HIS D 150 17.58 -13.60 4.57
CA HIS D 150 17.15 -12.89 5.78
C HIS D 150 17.83 -11.53 6.04
N SER D 151 17.75 -11.05 7.29
CA SER D 151 18.37 -9.77 7.71
C SER D 151 19.67 -10.00 8.48
N SER D 152 20.73 -10.29 7.72
CA SER D 152 22.10 -10.54 8.21
C SER D 152 22.48 -9.94 9.61
N PHE D 153 21.75 -8.91 10.03
CA PHE D 153 22.02 -8.23 11.29
C PHE D 153 21.68 -9.02 12.54
N LEU D 154 22.71 -9.29 13.35
CA LEU D 154 22.55 -10.03 14.62
C LEU D 154 22.16 -8.90 15.53
N LEU D 155 22.56 -7.73 15.10
CA LEU D 155 22.19 -6.50 15.78
C LEU D 155 21.77 -5.60 14.64
N PRO D 156 20.63 -4.92 14.77
CA PRO D 156 20.26 -4.06 13.66
C PRO D 156 20.62 -2.58 13.87
N PRO D 157 20.95 -1.92 12.80
CA PRO D 157 21.29 -0.51 13.02
C PRO D 157 20.11 0.24 13.62
N LEU D 158 20.33 1.51 13.98
CA LEU D 158 19.30 2.35 14.61
C LEU D 158 19.48 3.74 14.04
N PRO D 159 19.17 3.89 12.73
CA PRO D 159 19.28 5.13 11.97
C PRO D 159 18.47 6.28 12.47
N ASN D 160 17.43 6.02 13.22
CA ASN D 160 16.63 7.14 13.75
C ASN D 160 17.29 7.82 14.97
N THR D 161 18.43 7.26 15.42
CA THR D 161 19.18 7.84 16.53
C THR D 161 19.48 9.29 16.17
N GLN D 162 19.53 9.56 14.88
CA GLN D 162 19.75 10.86 14.34
C GLN D 162 18.66 11.86 14.81
N PHE D 163 17.58 11.31 15.37
CA PHE D 163 16.47 12.15 15.89
C PHE D 163 16.39 11.94 17.38
N THR D 164 17.27 12.64 18.06
CA THR D 164 17.37 12.53 19.49
C THR D 164 16.13 12.99 20.23
N ARG D 165 15.36 13.88 19.63
CA ARG D 165 14.15 14.38 20.25
C ARG D 165 13.22 13.24 20.64
N ALA D 166 13.16 12.24 19.78
CA ALA D 166 12.29 11.08 19.95
C ALA D 166 12.34 10.25 21.22
N THR D 167 13.48 9.66 21.48
CA THR D 167 13.60 8.69 22.59
C THR D 167 13.63 9.18 24.04
N THR D 168 13.82 10.47 24.31
CA THR D 168 13.82 11.00 25.68
C THR D 168 13.53 12.52 25.69
N CYS D 169 12.95 13.01 26.77
CA CYS D 169 12.56 14.43 26.86
C CYS D 169 12.93 15.07 28.17
N TRP D 170 13.24 16.35 28.09
CA TRP D 170 13.58 17.09 29.30
C TRP D 170 12.44 18.05 29.52
N ILE D 171 11.62 17.71 30.49
CA ILE D 171 10.51 18.54 30.85
C ILE D 171 10.87 19.16 32.17
N TYR D 172 11.32 20.41 32.14
CA TYR D 172 11.70 21.12 33.37
C TYR D 172 12.76 20.23 34.03
N GLY D 173 12.98 20.42 35.34
CA GLY D 173 13.98 19.64 36.07
C GLY D 173 13.86 18.13 36.06
N GLY D 174 13.74 17.56 34.88
CA GLY D 174 13.57 16.12 34.80
C GLY D 174 13.53 15.61 33.35
N VAL D 175 13.52 14.30 33.20
CA VAL D 175 13.54 13.68 31.90
C VAL D 175 12.59 12.50 31.82
N THR D 176 12.26 12.12 30.60
CA THR D 176 11.41 10.95 30.40
C THR D 176 12.20 9.99 29.45
N LEU D 177 12.23 8.71 29.80
CA LEU D 177 12.87 7.69 29.00
C LEU D 177 11.73 7.05 28.21
N ASN D 178 11.35 7.71 27.11
CA ASN D 178 10.25 7.27 26.23
C ASN D 178 10.17 5.87 25.69
N PRO D 179 9.02 5.21 25.89
CA PRO D 179 8.61 3.88 25.50
C PRO D 179 8.18 4.05 24.05
N MET D 180 9.04 3.67 23.12
CA MET D 180 8.74 3.86 21.71
C MET D 180 7.65 3.00 21.15
N TYR D 181 6.90 3.57 20.22
CA TYR D 181 5.79 2.88 19.60
C TYR D 181 6.27 1.57 19.07
N TRP D 182 7.26 1.64 18.19
CA TRP D 182 7.84 0.46 17.62
C TRP D 182 8.88 -0.21 18.53
N PRO D 183 8.75 -1.53 18.73
CA PRO D 183 9.69 -2.26 19.57
C PRO D 183 11.13 -1.95 19.15
N ALA D 184 11.46 -2.25 17.90
CA ALA D 184 12.80 -2.02 17.37
C ALA D 184 13.44 -0.72 17.83
N ARG D 185 12.63 0.33 17.95
CA ARG D 185 13.08 1.63 18.38
C ARG D 185 13.34 1.78 19.89
N ARG D 186 13.02 0.71 20.65
CA ARG D 186 13.25 0.68 22.07
C ARG D 186 14.77 0.57 22.30
N GLN D 187 15.44 -0.23 21.47
CA GLN D 187 16.89 -0.38 21.59
C GLN D 187 17.65 0.95 21.64
N GLU D 188 17.06 1.98 21.05
CA GLU D 188 17.63 3.31 21.07
C GLU D 188 17.60 3.78 22.52
N THR D 189 16.39 3.94 23.04
CA THR D 189 16.15 4.40 24.41
C THR D 189 17.03 3.75 25.45
N LEU D 190 17.43 2.51 25.14
CA LEU D 190 18.31 1.73 25.99
C LEU D 190 19.67 2.44 25.99
N LEU D 191 20.18 2.84 24.82
CA LEU D 191 21.49 3.50 24.78
C LEU D 191 21.50 4.87 25.43
N THR D 192 20.55 5.71 25.05
CA THR D 192 20.52 7.03 25.64
C THR D 192 20.42 6.89 27.16
N THR D 193 19.87 5.77 27.64
CA THR D 193 19.67 5.54 29.08
C THR D 193 20.97 5.18 29.73
N ALA D 194 21.72 4.34 29.07
CA ALA D 194 23.02 4.04 29.61
C ALA D 194 23.71 5.41 29.82
N ILE D 195 23.65 6.26 28.81
CA ILE D 195 24.29 7.56 28.91
C ILE D 195 23.82 8.44 30.04
N TYR D 196 22.53 8.42 30.33
CA TYR D 196 22.04 9.25 31.42
C TYR D 196 22.39 8.60 32.77
N LYS D 197 22.43 7.29 32.80
CA LYS D 197 22.71 6.58 34.02
C LYS D 197 24.19 6.66 34.43
N PHE D 198 25.08 6.38 33.48
CA PHE D 198 26.52 6.37 33.73
C PHE D 198 27.42 7.59 33.35
N HIS D 199 27.30 8.10 32.13
CA HIS D 199 28.19 9.16 31.72
C HIS D 199 28.29 10.24 32.77
N PRO D 200 29.51 10.78 32.95
CA PRO D 200 29.84 11.82 33.90
C PRO D 200 28.87 13.01 33.92
N GLU D 201 28.77 13.70 32.80
CA GLU D 201 27.89 14.87 32.74
C GLU D 201 26.45 14.60 33.22
N PHE D 202 26.08 13.34 33.43
CA PHE D 202 24.71 13.00 33.91
C PHE D 202 24.60 12.39 35.32
N ALA D 203 25.12 11.16 35.47
CA ALA D 203 25.06 10.41 36.74
C ALA D 203 25.58 11.20 37.93
N ASN D 204 26.21 12.34 37.66
CA ASN D 204 26.42 13.31 38.78
C ASN D 204 25.75 14.66 38.58
N ALA D 205 24.46 14.61 38.28
CA ALA D 205 23.69 15.82 38.07
C ALA D 205 22.29 15.66 38.69
N GLU D 206 21.72 16.80 39.10
CA GLU D 206 20.38 16.76 39.68
C GLU D 206 19.23 16.95 38.69
N PHE D 207 18.45 15.89 38.53
CA PHE D 207 17.29 15.95 37.66
C PHE D 207 16.45 14.73 38.07
N GLU D 208 15.21 14.68 37.58
CA GLU D 208 14.37 13.55 37.90
C GLU D 208 14.11 12.72 36.68
N ILE D 209 13.74 11.49 36.93
CA ILE D 209 13.35 10.58 35.89
C ILE D 209 11.84 10.48 36.06
N TRP D 210 11.08 11.30 35.34
CA TRP D 210 9.61 11.32 35.53
C TRP D 210 8.89 10.03 35.14
N TYR D 211 9.23 9.49 33.97
CA TYR D 211 8.52 8.31 33.50
C TYR D 211 9.49 7.45 32.71
N GLY D 212 9.29 6.14 32.67
CA GLY D 212 10.13 5.37 31.81
C GLY D 212 11.06 4.42 32.48
N ASP D 213 11.45 3.34 31.79
CA ASP D 213 12.35 2.30 32.32
C ASP D 213 12.60 1.24 31.25
N PRO D 214 13.81 1.18 30.68
CA PRO D 214 14.13 0.20 29.63
C PRO D 214 13.96 -1.24 30.02
N ASP D 215 13.69 -1.49 31.29
CA ASP D 215 13.53 -2.86 31.76
C ASP D 215 12.10 -3.28 31.84
N LYS D 216 11.21 -2.31 32.01
CA LYS D 216 9.77 -2.59 32.13
C LYS D 216 9.14 -2.78 30.75
N ASP D 217 7.97 -3.45 30.72
CA ASP D 217 7.22 -3.71 29.49
C ASP D 217 6.48 -2.48 28.91
N HIS D 218 5.68 -1.79 29.72
CA HIS D 218 4.96 -0.59 29.25
C HIS D 218 3.71 -0.76 28.36
N GLY D 219 3.49 -1.97 27.87
CA GLY D 219 2.34 -2.27 27.02
C GLY D 219 1.87 -1.16 26.10
N SER D 220 0.56 -0.92 26.11
CA SER D 220 -0.07 0.10 25.25
C SER D 220 0.30 1.53 25.64
N SER D 221 1.33 1.65 26.46
CA SER D 221 1.72 2.95 26.89
C SER D 221 2.95 3.28 26.09
N THR D 222 2.84 4.30 25.23
CA THR D 222 3.95 4.69 24.37
C THR D 222 4.06 6.21 24.23
N LEU D 223 5.27 6.67 24.04
CA LEU D 223 5.50 8.07 23.85
C LEU D 223 6.65 8.39 22.87
N GLU D 224 6.58 9.56 22.24
CA GLU D 224 7.56 9.96 21.31
C GLU D 224 7.88 11.43 21.52
N GLY D 225 9.16 11.66 21.71
CA GLY D 225 9.68 12.96 21.98
C GLY D 225 9.11 14.10 21.20
N GLY D 226 8.75 13.81 19.95
CA GLY D 226 8.18 14.82 19.10
C GLY D 226 6.92 15.46 19.67
N ASP D 227 6.12 14.66 20.39
CA ASP D 227 4.87 15.18 20.94
C ASP D 227 4.95 16.07 22.14
N VAL D 228 6.01 15.93 22.95
CA VAL D 228 6.12 16.73 24.16
C VAL D 228 6.85 18.07 24.11
N MET D 229 6.25 19.09 24.73
CA MET D 229 6.83 20.45 24.76
C MET D 229 6.59 21.16 26.10
N PRO D 230 7.67 21.44 26.89
CA PRO D 230 7.48 22.12 28.18
C PRO D 230 7.60 23.58 27.83
N ILE D 231 6.50 24.17 27.42
CA ILE D 231 6.46 25.55 26.97
C ILE D 231 6.63 26.68 28.00
N GLY D 232 6.85 26.31 29.26
CA GLY D 232 7.06 27.27 30.33
C GLY D 232 5.76 27.52 31.08
N ASN D 233 5.75 28.52 31.97
CA ASN D 233 4.55 28.88 32.75
C ASN D 233 4.02 27.67 33.51
N GLY D 234 4.89 26.68 33.75
CA GLY D 234 4.47 25.50 34.49
C GLY D 234 3.52 24.61 33.73
N VAL D 235 3.55 24.76 32.41
CA VAL D 235 2.67 23.99 31.55
C VAL D 235 3.39 23.08 30.61
N VAL D 236 2.79 21.93 30.38
CA VAL D 236 3.35 20.99 29.44
C VAL D 236 2.36 20.54 28.35
N LEU D 237 2.70 20.86 27.10
CA LEU D 237 1.93 20.47 25.91
C LEU D 237 2.37 19.05 25.51
N ILE D 238 1.45 18.10 25.56
CA ILE D 238 1.74 16.72 25.20
C ILE D 238 0.65 16.23 24.27
N GLY D 239 0.94 16.32 22.98
CA GLY D 239 0.01 15.88 21.93
C GLY D 239 -0.25 14.38 21.97
N MET D 240 -1.53 14.00 21.93
CA MET D 240 -1.96 12.61 21.92
C MET D 240 -2.31 12.24 20.49
N GLY D 241 -1.74 11.14 20.00
CA GLY D 241 -2.03 10.72 18.64
C GLY D 241 -1.59 9.30 18.26
N GLU D 242 -1.08 9.23 17.04
CA GLU D 242 -0.62 7.99 16.46
C GLU D 242 0.54 7.29 17.20
N ARG D 243 1.37 8.04 17.94
CA ARG D 243 2.52 7.46 18.64
C ARG D 243 2.59 7.64 20.17
N SER D 244 2.01 8.70 20.70
CA SER D 244 2.01 8.89 22.13
C SER D 244 0.56 8.58 22.55
N SER D 245 0.37 7.63 23.47
CA SER D 245 -0.98 7.22 23.92
C SER D 245 -1.39 7.82 25.26
N ARG D 246 -2.70 7.78 25.54
CA ARG D 246 -3.22 8.34 26.79
C ARG D 246 -2.65 7.58 27.98
N GLN D 247 -2.60 6.26 27.91
CA GLN D 247 -2.01 5.50 29.01
C GLN D 247 -0.63 6.06 29.53
N ALA D 248 0.23 6.48 28.61
CA ALA D 248 1.53 7.01 28.96
C ALA D 248 1.42 8.45 29.41
N ILE D 249 0.58 9.22 28.75
CA ILE D 249 0.38 10.61 29.14
C ILE D 249 -0.20 10.76 30.55
N GLY D 250 -1.08 9.85 30.93
CA GLY D 250 -1.68 9.92 32.25
C GLY D 250 -0.66 9.77 33.37
N GLN D 251 0.14 8.72 33.22
CA GLN D 251 1.22 8.38 34.13
C GLN D 251 2.36 9.44 34.05
N VAL D 252 2.54 10.08 32.90
CA VAL D 252 3.54 11.15 32.82
C VAL D 252 3.04 12.34 33.63
N ALA D 253 1.91 12.92 33.25
CA ALA D 253 1.33 14.06 34.00
C ALA D 253 1.18 13.69 35.48
N GLN D 254 0.71 12.50 35.74
CA GLN D 254 0.57 12.08 37.11
C GLN D 254 1.85 12.33 37.89
N SER D 255 2.98 11.91 37.33
CA SER D 255 4.25 12.14 38.04
C SER D 255 4.60 13.63 37.99
N LEU D 256 4.38 14.25 36.84
CA LEU D 256 4.69 15.66 36.73
C LEU D 256 4.00 16.43 37.82
N PHE D 257 2.81 15.97 38.24
CA PHE D 257 2.03 16.67 39.27
C PHE D 257 2.48 16.34 40.69
N ALA D 258 2.66 15.05 40.93
CA ALA D 258 3.09 14.50 42.19
C ALA D 258 4.37 15.12 42.66
N LYS D 259 5.32 15.28 41.76
CA LYS D 259 6.60 15.88 42.11
C LYS D 259 6.58 17.41 42.04
N GLY D 260 5.49 17.97 41.52
CA GLY D 260 5.37 19.42 41.43
C GLY D 260 6.15 20.13 40.33
N ALA D 261 6.41 19.45 39.22
CA ALA D 261 7.18 20.04 38.15
C ALA D 261 6.24 20.68 37.11
N ALA D 262 4.97 20.25 37.17
CA ALA D 262 3.95 20.79 36.26
C ALA D 262 2.66 21.09 37.00
N GLU D 263 1.96 22.13 36.53
CA GLU D 263 0.67 22.56 37.07
C GLU D 263 -0.45 22.09 36.17
N ARG D 264 -0.27 22.19 34.86
CA ARG D 264 -1.28 21.72 33.88
C ARG D 264 -0.63 21.06 32.65
N VAL D 265 -1.33 20.09 32.09
CA VAL D 265 -0.85 19.40 30.89
C VAL D 265 -1.98 19.50 29.88
N ILE D 266 -1.67 20.04 28.72
CA ILE D 266 -2.64 20.24 27.67
C ILE D 266 -2.50 19.13 26.64
N VAL D 267 -3.31 18.09 26.78
CA VAL D 267 -3.22 17.01 25.72
C VAL D 267 -3.74 17.54 24.39
N ALA D 268 -2.89 17.54 23.36
CA ALA D 268 -3.38 18.01 22.08
C ALA D 268 -3.93 16.81 21.32
N GLY D 269 -5.22 16.58 21.49
CA GLY D 269 -5.91 15.51 20.81
C GLY D 269 -5.67 15.71 19.33
N LEU D 270 -4.92 14.79 18.74
CA LEU D 270 -4.58 14.90 17.32
C LEU D 270 -5.48 14.02 16.43
N PRO D 271 -6.10 14.64 15.41
CA PRO D 271 -7.01 13.97 14.49
C PRO D 271 -6.43 12.74 13.84
N LYS D 272 -7.22 11.66 13.82
CA LYS D 272 -6.77 10.41 13.23
C LYS D 272 -6.36 10.66 11.78
N SER D 273 -5.27 9.99 11.41
CA SER D 273 -4.68 10.03 10.07
C SER D 273 -3.63 8.92 10.15
N ARG D 274 -3.59 8.12 9.12
CA ARG D 274 -2.68 6.97 9.07
C ARG D 274 -1.19 7.22 9.24
N ALA D 275 -0.74 8.41 8.85
CA ALA D 275 0.69 8.75 8.91
C ALA D 275 1.23 9.48 10.16
N ALA D 276 2.10 8.80 10.90
CA ALA D 276 2.76 9.35 12.10
C ALA D 276 2.16 10.63 12.70
N MET D 277 2.59 11.78 12.20
CA MET D 277 2.11 13.11 12.65
C MET D 277 2.25 13.43 14.15
N HIS D 278 3.44 13.86 14.57
CA HIS D 278 3.67 14.22 15.97
C HIS D 278 3.47 15.71 16.03
N LEU D 279 2.98 16.21 17.15
CA LEU D 279 2.71 17.65 17.28
C LEU D 279 3.79 18.64 16.78
N ASP D 280 5.07 18.31 16.93
CA ASP D 280 6.07 19.28 16.52
C ASP D 280 6.25 19.29 15.02
N THR D 281 5.44 18.48 14.31
CA THR D 281 5.50 18.40 12.84
C THR D 281 4.33 19.13 12.17
N VAL D 282 3.51 19.75 13.01
CA VAL D 282 2.35 20.50 12.54
C VAL D 282 2.18 21.66 13.48
N PHE D 283 3.10 21.77 14.42
CA PHE D 283 3.04 22.86 15.38
C PHE D 283 4.41 23.18 15.90
N SER D 284 4.85 24.42 15.71
CA SER D 284 6.20 24.81 16.16
C SER D 284 6.27 26.18 16.76
N PHE D 285 7.00 26.30 17.86
CA PHE D 285 7.20 27.59 18.54
C PHE D 285 8.42 28.22 17.90
N CYS D 286 8.33 29.51 17.55
CA CYS D 286 9.43 30.25 16.92
C CYS D 286 9.75 31.48 17.76
N ASP D 287 8.87 31.74 18.71
CA ASP D 287 9.07 32.86 19.60
C ASP D 287 8.02 32.84 20.71
N ARG D 288 8.20 33.75 21.66
CA ARG D 288 7.32 33.74 22.80
C ARG D 288 5.86 33.90 22.48
N ASP D 289 5.57 34.37 21.27
CA ASP D 289 4.19 34.52 20.85
C ASP D 289 4.10 34.16 19.36
N LEU D 290 5.13 33.47 18.84
CA LEU D 290 5.16 33.07 17.43
C LEU D 290 5.17 31.58 17.36
N VAL D 291 4.44 31.07 16.37
CA VAL D 291 4.34 29.63 16.13
C VAL D 291 4.02 29.41 14.67
N THR D 292 4.53 28.31 14.14
CA THR D 292 4.25 27.91 12.78
C THR D 292 3.08 26.95 12.94
N VAL D 293 2.39 26.67 11.86
CA VAL D 293 1.23 25.79 11.99
C VAL D 293 0.82 25.26 10.65
N PHE D 294 0.30 24.03 10.65
CA PHE D 294 -0.24 23.39 9.47
C PHE D 294 -1.72 23.50 9.67
N PRO D 295 -2.32 24.54 9.15
CA PRO D 295 -3.77 24.76 9.28
C PRO D 295 -4.59 23.50 9.25
N GLU D 296 -4.61 22.82 8.11
CA GLU D 296 -5.39 21.60 7.98
C GLU D 296 -5.33 20.61 9.19
N VAL D 297 -4.29 20.71 10.02
CA VAL D 297 -4.32 19.87 11.26
C VAL D 297 -4.59 20.58 12.58
N VAL D 298 -3.76 21.56 12.91
CA VAL D 298 -3.91 22.27 14.17
C VAL D 298 -5.36 22.64 14.49
N LYS D 299 -6.15 22.89 13.44
CA LYS D 299 -7.56 23.26 13.64
C LYS D 299 -8.40 22.06 14.13
N GLU D 300 -7.92 20.87 13.81
CA GLU D 300 -8.64 19.68 14.22
C GLU D 300 -8.19 19.27 15.59
N ILE D 301 -7.33 20.03 16.23
CA ILE D 301 -6.89 19.54 17.54
C ILE D 301 -7.91 19.78 18.62
N VAL D 302 -8.14 18.74 19.40
CA VAL D 302 -9.09 18.81 20.48
C VAL D 302 -8.40 18.83 21.81
N PRO D 303 -8.07 20.03 22.29
CA PRO D 303 -7.39 20.24 23.57
C PRO D 303 -8.07 19.61 24.77
N PHE D 304 -7.26 19.25 25.77
CA PHE D 304 -7.74 18.74 27.05
C PHE D 304 -6.74 19.22 28.09
N SER D 305 -7.22 19.44 29.30
CA SER D 305 -6.36 19.96 30.33
C SER D 305 -6.33 19.21 31.64
N LEU D 306 -5.38 18.29 31.78
CA LEU D 306 -5.23 17.56 33.05
C LEU D 306 -4.57 18.55 34.02
N ARG D 307 -5.12 18.62 35.22
CA ARG D 307 -4.62 19.47 36.28
C ARG D 307 -4.67 18.56 37.49
N PRO D 308 -3.80 18.81 38.48
CA PRO D 308 -3.85 17.92 39.64
C PRO D 308 -5.06 18.16 40.51
N ASP D 309 -5.59 17.10 41.10
CA ASP D 309 -6.73 17.23 42.00
C ASP D 309 -6.48 16.35 43.22
N PRO D 310 -6.08 16.96 44.33
CA PRO D 310 -5.80 16.19 45.54
C PRO D 310 -6.91 15.22 45.98
N SER D 311 -8.17 15.59 45.77
CA SER D 311 -9.26 14.70 46.18
C SER D 311 -9.52 13.47 45.28
N SER D 312 -9.22 13.60 43.99
CA SER D 312 -9.43 12.49 43.05
C SER D 312 -8.66 11.25 43.52
N PRO D 313 -9.11 10.05 43.11
CA PRO D 313 -8.41 8.82 43.52
C PRO D 313 -6.99 8.85 42.96
N TYR D 314 -6.94 9.04 41.64
CA TYR D 314 -5.72 9.08 40.85
C TYR D 314 -4.91 10.39 40.84
N GLY D 315 -5.44 11.43 41.49
CA GLY D 315 -4.73 12.69 41.59
C GLY D 315 -4.86 13.72 40.48
N MET D 316 -6.00 13.78 39.81
CA MET D 316 -6.19 14.74 38.71
C MET D 316 -7.61 14.90 38.17
N ASN D 317 -7.79 15.81 37.23
CA ASN D 317 -9.07 15.98 36.59
C ASN D 317 -8.87 16.50 35.20
N ILE D 318 -9.72 16.05 34.30
CA ILE D 318 -9.62 16.37 32.91
C ILE D 318 -10.87 17.04 32.34
N ARG D 319 -10.66 18.20 31.75
CA ARG D 319 -11.75 18.94 31.13
C ARG D 319 -11.40 19.04 29.66
N ARG D 320 -12.41 19.30 28.84
CA ARG D 320 -12.25 19.45 27.41
C ARG D 320 -12.41 20.92 27.12
N GLU D 321 -11.32 21.54 26.68
CA GLU D 321 -11.32 22.96 26.36
C GLU D 321 -12.22 23.22 25.17
N GLU D 322 -12.84 24.39 25.19
CA GLU D 322 -13.73 24.80 24.12
C GLU D 322 -12.95 25.50 23.05
N LYS D 323 -12.41 26.70 23.36
CA LYS D 323 -11.63 27.51 22.39
C LYS D 323 -10.70 26.65 21.50
N THR D 324 -10.10 27.23 20.47
CA THR D 324 -9.22 26.39 19.64
C THR D 324 -7.99 25.92 20.43
N PHE D 325 -7.39 24.83 19.97
CA PHE D 325 -6.15 24.34 20.58
C PHE D 325 -5.19 25.51 20.69
N LEU D 326 -5.27 26.47 19.76
CA LEU D 326 -4.39 27.66 19.75
C LEU D 326 -4.69 28.74 20.78
N GLU D 327 -5.95 28.86 21.19
CA GLU D 327 -6.28 29.87 22.20
C GLU D 327 -6.09 29.28 23.59
N VAL D 328 -6.24 27.95 23.65
CA VAL D 328 -6.09 27.16 24.85
C VAL D 328 -4.63 27.08 25.19
N VAL D 329 -3.79 27.61 24.30
CA VAL D 329 -2.33 27.59 24.48
C VAL D 329 -1.85 28.97 24.83
N ALA D 330 -2.29 29.94 24.05
CA ALA D 330 -1.92 31.30 24.31
C ALA D 330 -2.44 31.66 25.69
N GLU D 331 -3.66 31.22 26.00
CA GLU D 331 -4.26 31.51 27.30
C GLU D 331 -3.49 30.76 28.36
N SER D 332 -2.92 29.61 27.98
CA SER D 332 -2.10 28.77 28.87
C SER D 332 -0.80 29.43 29.29
N LEU D 333 -0.32 30.39 28.50
CA LEU D 333 0.91 31.12 28.79
C LEU D 333 0.52 32.50 29.33
N GLY D 334 -0.75 32.68 29.68
CA GLY D 334 -1.22 33.96 30.16
C GLY D 334 -1.11 35.03 29.07
N LEU D 335 -1.04 34.58 27.82
CA LEU D 335 -0.91 35.45 26.64
C LEU D 335 -2.25 35.84 25.98
N LYS D 336 -2.26 36.99 25.32
CA LYS D 336 -3.49 37.45 24.66
C LYS D 336 -3.87 36.66 23.42
N LYS D 337 -2.88 36.17 22.66
CA LYS D 337 -3.16 35.38 21.45
C LYS D 337 -1.91 35.13 20.67
N LEU D 338 -1.68 33.87 20.32
CA LEU D 338 -0.52 33.48 19.54
C LEU D 338 -0.54 34.06 18.13
N ARG D 339 0.65 34.34 17.60
CA ARG D 339 0.83 34.81 16.22
C ARG D 339 1.30 33.56 15.48
N VAL D 340 0.51 33.15 14.49
CA VAL D 340 0.82 31.95 13.73
C VAL D 340 1.26 32.18 12.30
N VAL D 341 2.18 31.35 11.83
CA VAL D 341 2.61 31.43 10.46
C VAL D 341 2.22 30.08 9.88
N GLU D 342 1.30 30.11 8.92
CA GLU D 342 0.76 28.91 8.26
C GLU D 342 1.72 28.32 7.23
N THR D 343 1.94 27.00 7.29
CA THR D 343 2.86 26.33 6.37
C THR D 343 2.44 24.98 5.82
N GLY D 344 2.23 24.91 4.50
CA GLY D 344 1.82 23.66 3.86
C GLY D 344 0.50 23.79 3.09
N ARG D 352 4.15 31.96 -1.98
CA ARG D 352 3.43 30.85 -2.56
C ARG D 352 4.07 30.39 -3.88
N GLU D 353 5.40 30.52 -4.01
CA GLU D 353 6.13 30.11 -5.24
C GLU D 353 6.10 28.59 -5.54
N GLN D 354 6.04 27.78 -4.49
CA GLN D 354 5.94 26.34 -4.61
C GLN D 354 5.36 25.82 -3.29
N TRP D 355 5.60 24.55 -3.00
CA TRP D 355 5.07 23.97 -1.78
C TRP D 355 6.15 23.86 -0.79
N ASP D 356 5.94 24.60 0.29
CA ASP D 356 6.90 24.76 1.38
C ASP D 356 6.39 24.21 2.70
N ASP D 357 7.21 23.44 3.42
CA ASP D 357 6.78 22.96 4.74
C ASP D 357 7.73 23.42 5.86
N GLY D 358 7.43 24.57 6.44
CA GLY D 358 8.27 25.14 7.48
C GLY D 358 8.27 24.61 8.91
N ASN D 359 7.32 23.77 9.29
CA ASN D 359 7.33 23.30 10.68
C ASN D 359 8.62 22.61 11.04
N ASN D 360 8.79 22.38 12.34
CA ASN D 360 9.93 21.64 12.90
C ASN D 360 11.28 22.37 13.04
N VAL D 361 11.26 23.68 13.20
CA VAL D 361 12.50 24.39 13.38
C VAL D 361 12.76 24.44 14.87
N VAL D 362 13.99 24.72 15.24
CA VAL D 362 14.34 24.80 16.64
C VAL D 362 14.91 26.17 16.96
N CYS D 363 14.45 26.72 18.07
CA CYS D 363 14.97 28.00 18.51
C CYS D 363 16.26 27.75 19.22
N LEU D 364 17.13 28.75 19.20
CA LEU D 364 18.41 28.70 19.90
C LEU D 364 18.23 29.71 21.04
N GLU D 365 17.37 30.67 20.76
CA GLU D 365 17.01 31.72 21.66
C GLU D 365 15.82 32.43 21.05
N PRO D 366 15.01 33.08 21.88
CA PRO D 366 13.87 33.83 21.34
C PRO D 366 14.17 34.63 20.07
N GLY D 367 13.37 34.34 19.02
CA GLY D 367 13.50 35.04 17.73
C GLY D 367 14.65 34.58 16.84
N VAL D 368 15.20 33.43 17.17
CA VAL D 368 16.29 32.85 16.40
C VAL D 368 16.15 31.37 16.27
N VAL D 369 15.81 30.95 15.05
CA VAL D 369 15.63 29.55 14.73
C VAL D 369 16.61 29.03 13.70
N VAL D 370 16.66 27.71 13.61
CA VAL D 370 17.54 27.09 12.66
C VAL D 370 16.59 26.24 11.85
N GLY D 371 16.49 26.51 10.56
CA GLY D 371 15.60 25.71 9.71
C GLY D 371 16.23 25.22 8.41
N TYR D 372 15.42 24.79 7.45
CA TYR D 372 16.00 24.30 6.21
C TYR D 372 16.15 25.36 5.11
N ASP D 373 17.13 25.12 4.25
CA ASP D 373 17.43 26.01 3.12
C ASP D 373 16.26 26.05 2.14
N ARG D 374 15.75 24.86 1.82
CA ARG D 374 14.66 24.63 0.87
C ARG D 374 13.29 25.28 1.13
N ASN D 375 12.93 25.49 2.39
CA ASN D 375 11.64 26.08 2.76
C ASN D 375 11.73 27.58 2.75
N THR D 376 12.25 28.09 1.65
CA THR D 376 12.48 29.48 1.39
C THR D 376 11.33 30.40 1.68
N TYR D 377 10.12 29.88 1.41
CA TYR D 377 8.90 30.66 1.60
C TYR D 377 8.60 30.91 3.07
N THR D 378 8.35 29.83 3.80
CA THR D 378 8.08 29.91 5.25
C THR D 378 9.09 30.81 5.95
N ASN D 379 10.37 30.63 5.61
CA ASN D 379 11.46 31.39 6.22
C ASN D 379 11.23 32.84 5.94
N THR D 380 11.05 33.16 4.68
CA THR D 380 10.73 34.52 4.27
C THR D 380 9.65 35.08 5.23
N LEU D 381 8.58 34.33 5.47
CA LEU D 381 7.54 34.78 6.41
C LEU D 381 7.99 34.86 7.90
N LEU D 382 8.88 33.96 8.33
CA LEU D 382 9.33 34.03 9.68
C LEU D 382 10.15 35.28 9.83
N ARG D 383 10.96 35.55 8.81
CA ARG D 383 11.79 36.76 8.83
C ARG D 383 10.89 38.01 8.73
N LYS D 384 9.65 37.79 8.29
CA LYS D 384 8.67 38.87 8.15
C LYS D 384 8.09 39.06 9.54
N ALA D 385 8.28 38.07 10.41
CA ALA D 385 7.76 38.08 11.76
C ALA D 385 8.81 38.41 12.83
N GLY D 386 10.02 38.72 12.37
CA GLY D 386 11.07 39.10 13.30
C GLY D 386 11.96 37.99 13.71
N VAL D 387 11.95 36.92 12.95
CA VAL D 387 12.79 35.80 13.28
C VAL D 387 14.03 35.75 12.42
N GLU D 388 15.16 35.48 13.06
CA GLU D 388 16.39 35.33 12.33
C GLU D 388 16.34 33.85 11.95
N VAL D 389 16.58 33.55 10.66
CA VAL D 389 16.58 32.17 10.22
C VAL D 389 17.95 31.68 9.71
N ILE D 390 18.58 30.82 10.49
CA ILE D 390 19.85 30.22 10.12
C ILE D 390 19.41 28.92 9.45
N THR D 391 19.87 28.70 8.24
CA THR D 391 19.47 27.51 7.52
C THR D 391 20.63 26.53 7.29
N ILE D 392 20.25 25.25 7.23
CA ILE D 392 21.18 24.16 7.03
C ILE D 392 20.59 23.26 5.93
N SER D 393 21.46 22.56 5.20
CA SER D 393 21.05 21.70 4.11
C SER D 393 20.22 20.51 4.50
N ALA D 394 19.10 20.30 3.81
CA ALA D 394 18.19 19.16 4.09
C ALA D 394 18.18 18.08 3.00
N SER D 395 19.15 18.13 2.10
CA SER D 395 19.19 17.17 1.01
C SER D 395 19.29 15.71 1.48
N GLU D 396 19.97 15.47 2.58
CA GLU D 396 20.09 14.13 3.08
C GLU D 396 19.47 14.09 4.42
N LEU D 397 19.78 15.11 5.21
CA LEU D 397 19.29 15.25 6.57
C LEU D 397 17.80 15.47 6.68
N GLY D 398 17.19 15.84 5.54
CA GLY D 398 15.76 16.12 5.48
C GLY D 398 14.99 15.21 4.55
N ARG D 399 15.69 14.24 3.94
CA ARG D 399 15.02 13.30 3.04
C ARG D 399 14.03 12.59 3.94
N GLY D 400 14.26 12.76 5.24
CA GLY D 400 13.38 12.22 6.25
C GLY D 400 12.13 13.09 6.13
N ARG D 401 11.70 13.72 7.22
CA ARG D 401 10.49 14.54 7.18
C ARG D 401 10.67 15.65 8.18
N GLY D 402 11.13 15.26 9.37
CA GLY D 402 11.37 16.22 10.43
C GLY D 402 12.69 16.96 10.18
N GLY D 403 12.88 18.05 10.92
CA GLY D 403 14.08 18.89 10.79
C GLY D 403 14.68 19.34 12.12
N GLY D 404 15.10 20.61 12.19
CA GLY D 404 15.71 21.17 13.39
C GLY D 404 15.31 20.52 14.72
N HIS D 405 14.03 20.66 15.07
CA HIS D 405 13.41 20.12 16.32
C HIS D 405 13.56 18.61 16.46
N CYS D 406 13.25 17.89 15.40
CA CYS D 406 13.32 16.45 15.37
C CYS D 406 14.75 15.92 15.50
N MET D 407 15.74 16.79 15.35
CA MET D 407 17.14 16.38 15.45
C MET D 407 17.81 16.86 16.71
N THR D 408 17.01 17.42 17.61
CA THR D 408 17.57 17.88 18.87
C THR D 408 16.80 17.48 20.12
N CYS D 409 17.56 17.12 21.14
CA CYS D 409 17.06 16.79 22.44
C CYS D 409 17.68 17.81 23.47
N PRO D 410 17.02 18.99 23.64
CA PRO D 410 17.44 20.07 24.54
C PRO D 410 17.60 19.59 25.99
N ILE D 411 18.78 19.77 26.56
CA ILE D 411 19.01 19.34 27.95
C ILE D 411 18.90 20.47 28.95
N VAL D 412 19.30 21.67 28.55
CA VAL D 412 19.24 22.83 29.40
C VAL D 412 18.86 24.00 28.53
N ARG D 413 17.64 24.54 28.74
CA ARG D 413 17.14 25.66 27.91
C ARG D 413 16.48 26.52 28.99
N ASP D 414 16.59 27.84 28.86
CA ASP D 414 16.06 28.80 29.84
C ASP D 414 14.59 29.15 29.77
N PRO D 415 14.07 29.64 30.89
CA PRO D 415 12.66 30.05 31.02
C PRO D 415 12.49 31.37 30.28
N ILE D 416 11.26 31.69 29.91
CA ILE D 416 10.99 32.93 29.21
C ILE D 416 10.41 34.00 30.14
N ASP D 417 9.78 35.04 29.59
CA ASP D 417 9.27 36.16 30.40
C ASP D 417 10.53 36.89 30.87
N TYR D 418 11.60 36.63 30.09
CA TYR D 418 12.95 37.15 30.26
C TYR D 418 13.10 38.46 29.45
#